data_1UM0
#
_entry.id   1UM0
#
_cell.length_a   146.686
_cell.length_b   146.686
_cell.length_c   132.310
_cell.angle_alpha   90.00
_cell.angle_beta   90.00
_cell.angle_gamma   90.00
#
_symmetry.space_group_name_H-M   'I 4'
#
loop_
_entity.id
_entity.type
_entity.pdbx_description
1 polymer 'Chorismate synthase'
2 non-polymer 'FLAVIN MONONUCLEOTIDE'
3 water water
#
_entity_poly.entity_id   1
_entity_poly.type   'polypeptide(L)'
_entity_poly.pdbx_seq_one_letter_code
;MNTLGRFLRLTTFGESHGDVIGGVLDGMPSGIKIDYALLENEMKRRQGGRNVFITPRKEDDKVEITSGVFEDFSTGTPIG
FLIHNQRARSKDYDNIKNLFRPSHADFTYFHKYGIRDFRGGGRSSARESAIRVAAGAFAKMLLREIGIVCESGIIEIGGI
KAKNYDFNHALKSEIFALDEEQEEAQKTAIQNAIKNHDSIGGVALIRARSIKTNQKLPIGLGQGLYAKLDAKIAEAMMGL
NGVKAVEIGKGVESSLLKGSEYNDLMDQKGFLSNRSGGVLGGMSNGEEIIVRVHFKPTPSIFQPQRTIDINGNECECLLK
GRHDPCIAIRGSVVCESLLALVLADMVLLNLTSKIEYLKTIYNEN
;
_entity_poly.pdbx_strand_id   A,B,C,D
#
# COMPACT_ATOMS: atom_id res chain seq x y z
N MET A 1 3.25 11.28 -2.67
CA MET A 1 3.71 9.96 -2.14
C MET A 1 5.22 10.05 -1.98
N ASN A 2 5.69 10.01 -0.73
CA ASN A 2 7.12 10.12 -0.47
C ASN A 2 7.84 8.81 -0.21
N THR A 3 7.24 7.70 -0.65
CA THR A 3 7.87 6.39 -0.45
C THR A 3 7.98 5.60 -1.76
N LEU A 4 9.17 5.07 -2.02
CA LEU A 4 9.45 4.27 -3.20
C LEU A 4 9.65 2.81 -2.78
N GLY A 5 8.95 1.87 -3.42
CA GLY A 5 9.13 0.47 -3.10
C GLY A 5 7.97 -0.19 -2.36
N ARG A 6 7.91 -1.52 -2.43
CA ARG A 6 6.85 -2.29 -1.78
C ARG A 6 7.32 -2.90 -0.46
N PHE A 7 8.47 -3.56 -0.45
CA PHE A 7 8.98 -4.10 0.81
C PHE A 7 10.26 -3.36 1.20
N LEU A 8 11.16 -3.20 0.24
CA LEU A 8 12.38 -2.42 0.48
C LEU A 8 11.85 -1.03 0.20
N ARG A 9 11.41 -0.35 1.24
CA ARG A 9 10.80 0.96 1.10
C ARG A 9 11.64 2.17 1.48
N LEU A 10 11.90 3.03 0.50
CA LEU A 10 12.67 4.25 0.73
C LEU A 10 11.72 5.43 0.90
N THR A 11 11.80 6.10 2.05
CA THR A 11 10.93 7.26 2.30
C THR A 11 11.81 8.49 2.50
N THR A 12 11.48 9.57 1.81
CA THR A 12 12.28 10.79 1.89
C THR A 12 11.61 11.94 2.61
N PHE A 13 12.43 12.87 3.09
CA PHE A 13 11.92 14.04 3.80
C PHE A 13 11.28 14.99 2.81
N GLY A 14 11.39 14.66 1.53
CA GLY A 14 10.80 15.48 0.48
C GLY A 14 11.58 16.74 0.18
N GLU A 15 11.01 17.58 -0.68
CA GLU A 15 11.65 18.83 -1.05
C GLU A 15 11.83 19.79 0.12
N SER A 16 12.96 20.48 0.11
CA SER A 16 13.28 21.43 1.16
C SER A 16 14.48 22.27 0.71
N HIS A 17 14.72 23.37 1.41
CA HIS A 17 15.84 24.24 1.09
C HIS A 17 16.68 24.53 2.33
N GLY A 18 16.75 23.53 3.21
CA GLY A 18 17.52 23.65 4.42
C GLY A 18 18.89 23.02 4.22
N ASP A 19 19.72 23.05 5.25
CA ASP A 19 21.05 22.48 5.16
C ASP A 19 21.07 20.97 5.42
N VAL A 20 19.91 20.39 5.72
CA VAL A 20 19.84 18.95 5.98
C VAL A 20 18.69 18.25 5.27
N ILE A 21 19.00 17.15 4.62
CA ILE A 21 18.01 16.34 3.92
C ILE A 21 18.09 14.93 4.51
N GLY A 22 16.95 14.28 4.65
CA GLY A 22 16.97 12.94 5.21
C GLY A 22 16.12 11.93 4.48
N GLY A 23 16.33 10.66 4.83
CA GLY A 23 15.59 9.57 4.24
C GLY A 23 15.76 8.36 5.11
N VAL A 24 14.92 7.35 4.89
CA VAL A 24 15.00 6.12 5.64
C VAL A 24 14.69 4.94 4.72
N LEU A 25 15.55 3.93 4.79
CA LEU A 25 15.39 2.74 3.97
C LEU A 25 15.00 1.61 4.89
N ASP A 26 13.79 1.09 4.70
CA ASP A 26 13.32 -0.02 5.53
C ASP A 26 13.15 -1.27 4.68
N GLY A 27 13.27 -2.43 5.32
CA GLY A 27 13.11 -3.68 4.59
C GLY A 27 14.43 -4.38 4.29
N MET A 28 15.53 -3.77 4.71
CA MET A 28 16.84 -4.39 4.50
C MET A 28 16.94 -5.60 5.42
N PRO A 29 17.36 -6.75 4.90
CA PRO A 29 17.49 -7.95 5.74
C PRO A 29 18.63 -7.69 6.73
N SER A 30 18.61 -8.37 7.88
CA SER A 30 19.69 -8.19 8.86
C SER A 30 20.89 -9.01 8.40
N GLY A 31 22.06 -8.67 8.92
CA GLY A 31 23.26 -9.42 8.56
C GLY A 31 24.04 -8.96 7.35
N ILE A 32 23.65 -7.84 6.74
CA ILE A 32 24.38 -7.34 5.57
C ILE A 32 25.47 -6.38 6.07
N LYS A 33 26.73 -6.65 5.71
CA LYS A 33 27.81 -5.78 6.14
C LYS A 33 27.69 -4.43 5.44
N ILE A 34 27.83 -3.35 6.18
CA ILE A 34 27.71 -2.04 5.58
C ILE A 34 29.03 -1.62 4.96
N ASP A 35 29.03 -1.51 3.63
CA ASP A 35 30.21 -1.13 2.88
C ASP A 35 30.28 0.41 2.83
N TYR A 36 30.98 0.99 3.79
CA TYR A 36 31.10 2.45 3.86
C TYR A 36 31.86 3.03 2.68
N ALA A 37 32.85 2.29 2.19
CA ALA A 37 33.63 2.74 1.05
C ALA A 37 32.73 2.85 -0.19
N LEU A 38 31.85 1.87 -0.37
CA LEU A 38 30.94 1.89 -1.50
C LEU A 38 30.03 3.11 -1.41
N LEU A 39 29.45 3.32 -0.24
CA LEU A 39 28.55 4.43 0.01
C LEU A 39 29.24 5.75 -0.34
N GLU A 40 30.43 5.95 0.20
CA GLU A 40 31.18 7.16 -0.06
C GLU A 40 31.49 7.33 -1.55
N ASN A 41 31.83 6.25 -2.23
CA ASN A 41 32.14 6.34 -3.64
C ASN A 41 30.90 6.70 -4.46
N GLU A 42 29.76 6.14 -4.08
CA GLU A 42 28.51 6.43 -4.77
C GLU A 42 28.20 7.93 -4.66
N MET A 43 28.33 8.49 -3.46
CA MET A 43 28.06 9.91 -3.25
C MET A 43 29.01 10.76 -4.09
N LYS A 44 30.23 10.27 -4.29
CA LYS A 44 31.23 10.98 -5.07
C LYS A 44 30.84 10.96 -6.55
N ARG A 45 30.44 9.78 -7.05
CA ARG A 45 30.04 9.64 -8.44
C ARG A 45 28.85 10.53 -8.79
N ARG A 46 27.91 10.64 -7.87
CA ARG A 46 26.71 11.45 -8.07
C ARG A 46 27.01 12.88 -8.49
N GLN A 47 28.15 13.39 -8.07
CA GLN A 47 28.54 14.75 -8.39
C GLN A 47 29.05 14.91 -9.82
N GLY A 48 28.77 13.90 -10.65
CA GLY A 48 29.19 13.95 -12.04
C GLY A 48 30.70 13.87 -12.21
N GLY A 49 31.40 13.62 -11.11
CA GLY A 49 32.85 13.52 -11.11
C GLY A 49 33.51 13.71 -12.46
N ARG A 50 34.02 14.92 -12.71
CA ARG A 50 34.67 15.22 -13.97
C ARG A 50 36.20 15.23 -13.86
N ASN A 51 36.83 16.22 -14.49
CA ASN A 51 38.29 16.32 -14.49
C ASN A 51 38.82 16.95 -13.20
N VAL A 52 39.76 16.25 -12.57
CA VAL A 52 40.39 16.71 -11.34
C VAL A 52 39.42 16.96 -10.18
N PHE A 53 39.72 16.35 -9.04
CA PHE A 53 38.91 16.48 -7.84
C PHE A 53 39.77 16.30 -6.59
N ILE A 54 39.16 16.54 -5.42
CA ILE A 54 39.88 16.40 -4.16
C ILE A 54 39.13 15.48 -3.20
N THR A 55 39.78 15.10 -2.11
CA THR A 55 39.19 14.22 -1.10
C THR A 55 37.75 14.60 -0.76
N PRO A 56 36.78 13.73 -1.12
CA PRO A 56 35.35 13.93 -0.87
C PRO A 56 34.98 14.32 0.57
N ARG A 57 35.95 14.20 1.48
CA ARG A 57 35.72 14.54 2.89
C ARG A 57 35.10 15.91 3.08
N LYS A 58 35.94 16.90 3.40
CA LYS A 58 35.51 18.27 3.64
C LYS A 58 34.92 18.93 2.40
N GLU A 59 34.95 18.23 1.27
CA GLU A 59 34.43 18.77 0.03
C GLU A 59 32.92 18.96 0.00
N ASP A 60 32.18 17.85 0.00
CA ASP A 60 30.73 17.94 -0.05
C ASP A 60 29.97 17.02 0.90
N ASP A 61 28.68 16.86 0.62
CA ASP A 61 27.77 16.05 1.41
C ASP A 61 28.35 14.76 1.97
N LYS A 62 28.02 14.48 3.23
CA LYS A 62 28.46 13.30 3.93
C LYS A 62 27.21 12.61 4.47
N VAL A 63 27.15 11.29 4.33
CA VAL A 63 25.99 10.53 4.79
C VAL A 63 26.10 10.08 6.24
N GLU A 64 25.13 10.51 7.05
CA GLU A 64 25.10 10.17 8.48
C GLU A 64 24.01 9.13 8.75
N ILE A 65 24.43 7.91 9.05
CA ILE A 65 23.47 6.85 9.37
C ILE A 65 23.03 6.96 10.83
N THR A 66 21.75 7.20 11.05
CA THR A 66 21.25 7.37 12.42
C THR A 66 20.64 6.12 13.03
N SER A 67 20.34 5.12 12.21
CA SER A 67 19.73 3.90 12.72
C SER A 67 19.79 2.72 11.76
N GLY A 68 19.43 1.54 12.25
CA GLY A 68 19.42 0.34 11.43
C GLY A 68 20.75 -0.37 11.24
N VAL A 69 21.79 0.13 11.88
CA VAL A 69 23.11 -0.48 11.75
C VAL A 69 23.79 -0.64 13.11
N PHE A 70 24.37 -1.81 13.34
CA PHE A 70 25.07 -2.09 14.58
C PHE A 70 26.34 -2.87 14.28
N GLU A 71 27.48 -2.32 14.70
CA GLU A 71 28.76 -2.96 14.48
C GLU A 71 29.01 -3.27 13.00
N ASP A 72 28.72 -2.29 12.17
CA ASP A 72 28.90 -2.38 10.72
C ASP A 72 28.03 -3.40 10.00
N PHE A 73 26.88 -3.74 10.60
CA PHE A 73 25.95 -4.71 9.99
C PHE A 73 24.51 -4.22 10.12
N SER A 74 23.70 -4.46 9.10
CA SER A 74 22.29 -4.05 9.15
C SER A 74 21.62 -4.87 10.25
N THR A 75 20.72 -4.23 10.99
CA THR A 75 20.00 -4.87 12.10
C THR A 75 18.67 -5.48 11.69
N GLY A 76 18.18 -5.11 10.51
CA GLY A 76 16.89 -5.60 10.05
C GLY A 76 15.82 -4.55 10.31
N THR A 77 16.17 -3.47 11.01
CA THR A 77 15.21 -2.40 11.29
C THR A 77 15.47 -1.25 10.30
N PRO A 78 14.63 -0.19 10.30
CA PRO A 78 14.83 0.93 9.37
C PRO A 78 16.20 1.60 9.45
N ILE A 79 16.79 1.89 8.29
CA ILE A 79 18.08 2.56 8.21
C ILE A 79 17.83 4.02 7.86
N GLY A 80 17.86 4.86 8.88
CA GLY A 80 17.63 6.28 8.68
C GLY A 80 18.97 6.97 8.49
N PHE A 81 19.00 7.97 7.61
CA PHE A 81 20.23 8.69 7.37
C PHE A 81 19.96 10.15 7.03
N LEU A 82 20.93 11.00 7.34
CA LEU A 82 20.83 12.41 7.07
C LEU A 82 22.00 12.84 6.19
N ILE A 83 21.77 13.83 5.34
CA ILE A 83 22.81 14.32 4.45
C ILE A 83 22.92 15.84 4.61
N HIS A 84 24.14 16.32 4.81
CA HIS A 84 24.38 17.75 4.97
C HIS A 84 25.02 18.33 3.71
N ASN A 85 24.44 19.39 3.17
CA ASN A 85 24.95 20.01 1.95
C ASN A 85 25.75 21.28 2.17
N GLN A 86 25.46 22.29 1.36
CA GLN A 86 26.15 23.59 1.41
C GLN A 86 26.25 24.16 2.83
N ARG A 87 27.19 25.11 3.01
CA ARG A 87 27.38 25.71 4.33
C ARG A 87 28.21 26.99 4.23
N ALA A 88 29.35 26.93 3.56
CA ALA A 88 30.25 28.08 3.44
C ALA A 88 29.86 29.05 2.31
N ARG A 89 29.17 30.12 2.66
CA ARG A 89 28.76 31.18 1.73
C ARG A 89 28.08 30.57 0.50
N SER A 90 27.90 31.46 -0.52
CA SER A 90 27.25 31.09 -1.78
C SER A 90 27.67 32.04 -2.89
N LYS A 91 26.76 32.31 -3.83
CA LYS A 91 27.06 33.21 -4.95
C LYS A 91 25.79 33.93 -5.41
N ASP A 92 25.22 33.45 -6.52
CA ASP A 92 24.02 34.08 -7.08
C ASP A 92 23.18 33.04 -7.84
N TYR A 93 23.11 33.20 -9.15
CA TYR A 93 22.35 32.29 -10.02
C TYR A 93 20.86 32.34 -9.67
N ASP A 94 20.17 33.35 -10.20
CA ASP A 94 18.73 33.52 -9.95
C ASP A 94 18.17 34.63 -10.84
N ASN A 95 17.04 35.18 -10.43
CA ASN A 95 16.38 36.26 -11.17
C ASN A 95 15.16 36.77 -10.39
N ILE A 96 14.02 36.74 -11.05
CA ILE A 96 12.76 37.17 -10.41
C ILE A 96 12.04 35.97 -9.81
N LYS A 97 12.12 35.85 -8.49
CA LYS A 97 11.50 34.73 -7.78
C LYS A 97 9.97 34.79 -7.77
N ASN A 98 9.39 35.45 -8.76
CA ASN A 98 7.94 35.57 -8.85
C ASN A 98 7.41 35.04 -10.20
N LEU A 99 8.28 34.41 -10.97
CA LEU A 99 7.88 33.89 -12.28
C LEU A 99 8.08 32.37 -12.39
N PHE A 100 7.42 31.78 -13.38
CA PHE A 100 7.52 30.35 -13.62
C PHE A 100 8.62 30.09 -14.64
N ARG A 101 9.68 29.42 -14.22
CA ARG A 101 10.78 29.14 -15.14
C ARG A 101 10.35 28.04 -16.12
N PRO A 102 10.50 28.32 -17.43
CA PRO A 102 10.11 27.33 -18.45
C PRO A 102 10.78 25.97 -18.21
N SER A 103 9.99 24.91 -18.40
CA SER A 103 10.46 23.55 -18.23
C SER A 103 10.82 23.17 -16.80
N HIS A 104 10.40 24.00 -15.84
CA HIS A 104 10.62 23.72 -14.43
C HIS A 104 9.29 23.40 -13.76
N ALA A 105 9.35 22.80 -12.57
CA ALA A 105 8.15 22.43 -11.83
C ALA A 105 7.42 23.60 -11.17
N ASP A 106 7.98 24.81 -11.28
CA ASP A 106 7.37 25.99 -10.67
C ASP A 106 5.85 26.11 -10.86
N PHE A 107 5.43 26.09 -12.12
CA PHE A 107 4.01 26.22 -12.46
C PHE A 107 3.10 25.19 -11.80
N THR A 108 3.47 23.92 -11.91
CA THR A 108 2.64 22.87 -11.36
C THR A 108 2.59 22.84 -9.83
N TYR A 109 3.69 23.14 -9.17
CA TYR A 109 3.66 23.15 -7.70
C TYR A 109 2.75 24.28 -7.24
N PHE A 110 2.86 25.43 -7.92
CA PHE A 110 2.06 26.59 -7.60
C PHE A 110 0.58 26.27 -7.67
N HIS A 111 0.17 25.62 -8.75
CA HIS A 111 -1.24 25.27 -8.90
C HIS A 111 -1.73 24.13 -8.02
N LYS A 112 -0.88 23.14 -7.78
CA LYS A 112 -1.31 22.01 -6.94
C LYS A 112 -1.46 22.38 -5.47
N TYR A 113 -0.47 23.08 -4.94
CA TYR A 113 -0.48 23.44 -3.52
C TYR A 113 -0.67 24.93 -3.21
N GLY A 114 -0.44 25.79 -4.20
CA GLY A 114 -0.64 27.21 -3.99
C GLY A 114 0.52 27.96 -3.36
N ILE A 115 0.95 27.52 -2.18
CA ILE A 115 2.05 28.16 -1.47
C ILE A 115 3.23 28.42 -2.41
N ARG A 116 3.55 29.70 -2.62
CA ARG A 116 4.65 30.08 -3.49
C ARG A 116 5.89 29.23 -3.20
N ASP A 117 6.72 29.71 -2.28
CA ASP A 117 7.93 29.00 -1.86
C ASP A 117 8.80 28.47 -3.00
N PHE A 118 9.63 29.33 -3.57
CA PHE A 118 10.54 28.93 -4.65
C PHE A 118 11.77 29.80 -4.75
N ARG A 119 12.90 29.25 -4.30
CA ARG A 119 14.18 29.96 -4.33
C ARG A 119 15.13 29.27 -5.29
N GLY A 120 16.42 29.29 -4.95
CA GLY A 120 17.42 28.66 -5.78
C GLY A 120 17.99 27.42 -5.13
N GLY A 121 19.31 27.39 -4.99
CA GLY A 121 19.97 26.25 -4.36
C GLY A 121 19.59 24.90 -4.96
N GLY A 122 19.76 24.78 -6.27
CA GLY A 122 19.42 23.54 -6.93
C GLY A 122 17.96 23.16 -6.78
N ARG A 123 17.13 24.13 -6.37
CA ARG A 123 15.69 23.93 -6.18
C ARG A 123 15.32 22.58 -5.59
N SER A 124 15.31 21.55 -6.42
CA SER A 124 14.98 20.21 -5.99
C SER A 124 16.09 19.24 -6.43
N SER A 125 15.71 18.26 -7.25
CA SER A 125 16.63 17.26 -7.78
C SER A 125 17.85 16.98 -6.92
N ALA A 126 18.88 17.80 -7.10
CA ALA A 126 20.15 17.67 -6.38
C ALA A 126 19.98 17.00 -5.02
N ARG A 127 19.08 17.54 -4.20
CA ARG A 127 18.85 16.96 -2.88
C ARG A 127 18.29 15.54 -2.96
N GLU A 128 17.14 15.39 -3.60
CA GLU A 128 16.52 14.07 -3.73
C GLU A 128 17.43 13.01 -4.35
N SER A 129 18.21 13.41 -5.34
CA SER A 129 19.11 12.48 -6.00
C SER A 129 20.10 11.93 -4.98
N ALA A 130 20.52 12.79 -4.06
CA ALA A 130 21.46 12.38 -3.01
C ALA A 130 20.85 11.27 -2.17
N ILE A 131 19.57 11.43 -1.83
CA ILE A 131 18.87 10.45 -1.02
C ILE A 131 18.75 9.13 -1.78
N ARG A 132 18.47 9.23 -3.08
CA ARG A 132 18.33 8.04 -3.91
C ARG A 132 19.65 7.30 -4.08
N VAL A 133 20.74 8.03 -4.30
CA VAL A 133 22.04 7.39 -4.47
C VAL A 133 22.50 6.73 -3.17
N ALA A 134 22.30 7.41 -2.04
CA ALA A 134 22.69 6.85 -0.74
C ALA A 134 21.93 5.56 -0.50
N ALA A 135 20.62 5.62 -0.69
CA ALA A 135 19.75 4.45 -0.50
C ALA A 135 20.18 3.34 -1.47
N GLY A 136 20.45 3.72 -2.71
CA GLY A 136 20.87 2.76 -3.72
C GLY A 136 22.12 1.99 -3.31
N ALA A 137 23.00 2.64 -2.55
CA ALA A 137 24.23 1.98 -2.12
C ALA A 137 23.88 0.78 -1.23
N PHE A 138 22.89 0.97 -0.36
CA PHE A 138 22.46 -0.13 0.52
C PHE A 138 21.82 -1.24 -0.32
N ALA A 139 21.05 -0.86 -1.33
CA ALA A 139 20.41 -1.85 -2.20
C ALA A 139 21.51 -2.65 -2.92
N LYS A 140 22.55 -1.94 -3.36
CA LYS A 140 23.67 -2.58 -4.04
C LYS A 140 24.39 -3.58 -3.14
N MET A 141 24.41 -3.29 -1.84
CA MET A 141 25.05 -4.18 -0.87
C MET A 141 24.24 -5.47 -0.79
N LEU A 142 22.92 -5.33 -0.78
CA LEU A 142 22.02 -6.48 -0.73
C LEU A 142 22.19 -7.31 -2.01
N LEU A 143 22.14 -6.64 -3.16
CA LEU A 143 22.27 -7.34 -4.44
C LEU A 143 23.59 -8.11 -4.57
N ARG A 144 24.67 -7.52 -4.04
CA ARG A 144 25.98 -8.16 -4.12
C ARG A 144 25.98 -9.49 -3.38
N GLU A 145 25.22 -9.57 -2.30
CA GLU A 145 25.15 -10.79 -1.52
C GLU A 145 24.63 -11.95 -2.35
N ILE A 146 23.81 -11.67 -3.36
CA ILE A 146 23.36 -12.76 -4.21
C ILE A 146 23.94 -12.66 -5.62
N GLY A 147 25.10 -12.03 -5.71
CA GLY A 147 25.83 -11.92 -6.97
C GLY A 147 25.39 -11.01 -8.09
N ILE A 148 24.60 -9.99 -7.78
CA ILE A 148 24.10 -9.07 -8.80
C ILE A 148 24.76 -7.71 -8.72
N VAL A 149 25.07 -7.13 -9.88
CA VAL A 149 25.66 -5.80 -9.94
C VAL A 149 24.93 -4.95 -10.97
N CYS A 150 24.81 -3.66 -10.68
CA CYS A 150 24.17 -2.69 -11.57
C CYS A 150 25.24 -1.71 -12.02
N GLU A 151 25.18 -1.31 -13.28
CA GLU A 151 26.15 -0.35 -13.81
C GLU A 151 25.47 0.53 -14.83
N SER A 152 26.10 1.65 -15.17
CA SER A 152 25.51 2.57 -16.13
C SER A 152 26.54 3.41 -16.85
N GLY A 153 26.05 4.19 -17.82
CA GLY A 153 26.93 5.04 -18.59
C GLY A 153 26.11 5.87 -19.55
N ILE A 154 26.77 6.81 -20.21
CA ILE A 154 26.13 7.69 -21.17
C ILE A 154 26.36 7.15 -22.57
N ILE A 155 25.28 6.93 -23.32
CA ILE A 155 25.42 6.42 -24.68
C ILE A 155 25.16 7.48 -25.73
N GLU A 156 24.51 8.57 -25.33
CA GLU A 156 24.23 9.66 -26.27
C GLU A 156 24.22 11.04 -25.63
N ILE A 157 24.71 12.01 -26.39
CA ILE A 157 24.71 13.40 -25.97
C ILE A 157 24.44 14.21 -27.23
N GLY A 158 23.34 14.95 -27.23
CA GLY A 158 22.98 15.75 -28.39
C GLY A 158 22.84 14.96 -29.68
N GLY A 159 22.41 13.71 -29.56
CA GLY A 159 22.24 12.90 -30.75
C GLY A 159 23.51 12.22 -31.24
N ILE A 160 24.62 12.45 -30.55
CA ILE A 160 25.90 11.82 -30.91
C ILE A 160 25.91 10.54 -30.09
N LYS A 161 25.79 9.40 -30.77
CA LYS A 161 25.68 8.10 -30.11
C LYS A 161 26.87 7.14 -30.08
N ALA A 162 26.92 6.36 -29.00
CA ALA A 162 27.95 5.37 -28.80
C ALA A 162 27.65 4.16 -29.70
N LYS A 163 28.70 3.49 -30.15
CA LYS A 163 28.56 2.31 -30.99
C LYS A 163 28.94 1.08 -30.17
N ASN A 164 29.91 1.24 -29.29
CA ASN A 164 30.37 0.17 -28.42
C ASN A 164 30.21 0.62 -26.97
N TYR A 165 30.08 -0.32 -26.04
CA TYR A 165 29.89 0.03 -24.63
C TYR A 165 30.96 -0.50 -23.69
N ASP A 166 31.72 0.40 -23.07
CA ASP A 166 32.77 0.04 -22.13
C ASP A 166 32.45 0.72 -20.79
N PHE A 167 31.84 -0.03 -19.87
CA PHE A 167 31.46 0.54 -18.58
C PHE A 167 32.64 0.94 -17.70
N ASN A 168 33.76 0.23 -17.82
CA ASN A 168 34.94 0.58 -17.04
C ASN A 168 35.44 1.94 -17.49
N HIS A 169 35.43 2.16 -18.80
CA HIS A 169 35.87 3.43 -19.35
C HIS A 169 34.92 4.54 -18.91
N ALA A 170 33.63 4.24 -18.84
CA ALA A 170 32.66 5.26 -18.43
C ALA A 170 32.95 5.80 -17.03
N LEU A 171 33.32 4.92 -16.11
CA LEU A 171 33.62 5.34 -14.73
C LEU A 171 34.70 6.41 -14.63
N LYS A 172 35.72 6.33 -15.49
CA LYS A 172 36.80 7.31 -15.42
C LYS A 172 36.60 8.49 -16.37
N SER A 173 35.50 8.48 -17.14
CA SER A 173 35.21 9.56 -18.07
C SER A 173 34.53 10.77 -17.43
N GLU A 174 34.93 11.95 -17.87
CA GLU A 174 34.38 13.20 -17.38
C GLU A 174 32.88 13.30 -17.66
N ILE A 175 32.40 12.55 -18.64
CA ILE A 175 30.99 12.55 -18.99
C ILE A 175 30.40 11.14 -18.97
N PHE A 176 31.08 10.23 -18.26
CA PHE A 176 30.65 8.84 -18.15
C PHE A 176 30.40 8.21 -19.52
N ALA A 177 31.16 8.61 -20.52
CA ALA A 177 30.98 8.11 -21.88
C ALA A 177 31.30 6.61 -22.00
N LEU A 178 30.38 5.86 -22.57
CA LEU A 178 30.58 4.43 -22.75
C LEU A 178 31.42 4.06 -23.98
N ASP A 179 31.49 4.97 -24.95
CA ASP A 179 32.26 4.71 -26.19
C ASP A 179 33.36 5.77 -26.33
N GLU A 180 34.61 5.37 -26.09
CA GLU A 180 35.69 6.34 -26.18
C GLU A 180 35.87 6.92 -27.58
N GLU A 181 35.34 6.24 -28.59
CA GLU A 181 35.45 6.72 -29.97
C GLU A 181 34.50 7.88 -30.28
N GLN A 182 33.43 8.01 -29.49
CA GLN A 182 32.47 9.09 -29.69
C GLN A 182 32.57 10.13 -28.58
N GLU A 183 33.35 9.81 -27.55
CA GLU A 183 33.52 10.68 -26.40
C GLU A 183 33.92 12.12 -26.69
N GLU A 184 34.90 12.32 -27.57
CA GLU A 184 35.33 13.68 -27.89
C GLU A 184 34.21 14.49 -28.54
N ALA A 185 33.47 13.86 -29.46
CA ALA A 185 32.37 14.54 -30.13
C ALA A 185 31.30 14.86 -29.08
N GLN A 186 31.06 13.90 -28.18
CA GLN A 186 30.06 14.12 -27.15
C GLN A 186 30.51 15.27 -26.24
N LYS A 187 31.78 15.27 -25.85
CA LYS A 187 32.31 16.34 -25.02
C LYS A 187 32.24 17.70 -25.72
N THR A 188 32.42 17.71 -27.04
CA THR A 188 32.35 18.96 -27.78
C THR A 188 30.93 19.55 -27.75
N ALA A 189 29.93 18.69 -27.89
CA ALA A 189 28.53 19.13 -27.85
C ALA A 189 28.28 19.83 -26.51
N ILE A 190 28.86 19.26 -25.46
CA ILE A 190 28.71 19.83 -24.13
C ILE A 190 29.40 21.19 -24.06
N GLN A 191 30.60 21.28 -24.61
CA GLN A 191 31.35 22.55 -24.61
C GLN A 191 30.59 23.63 -25.38
N ASN A 192 29.97 23.26 -26.49
CA ASN A 192 29.23 24.22 -27.30
C ASN A 192 28.03 24.73 -26.52
N ALA A 193 27.41 23.85 -25.74
CA ALA A 193 26.26 24.22 -24.93
C ALA A 193 26.70 25.28 -23.92
N ILE A 194 27.79 25.00 -23.22
CA ILE A 194 28.29 25.95 -22.23
C ILE A 194 28.61 27.28 -22.91
N LYS A 195 29.32 27.21 -24.03
CA LYS A 195 29.71 28.40 -24.78
C LYS A 195 28.49 29.24 -25.17
N ASN A 196 27.42 28.58 -25.62
CA ASN A 196 26.22 29.28 -26.03
C ASN A 196 25.17 29.49 -24.95
N HIS A 197 25.56 29.27 -23.69
CA HIS A 197 24.63 29.44 -22.58
C HIS A 197 23.37 28.63 -22.86
N ASP A 198 23.56 27.38 -23.28
CA ASP A 198 22.43 26.51 -23.58
C ASP A 198 22.65 25.16 -22.92
N SER A 199 21.76 24.22 -23.20
CA SER A 199 21.84 22.88 -22.63
C SER A 199 21.54 21.86 -23.73
N ILE A 200 21.78 20.59 -23.43
CA ILE A 200 21.55 19.56 -24.41
C ILE A 200 21.03 18.27 -23.77
N GLY A 201 20.19 17.55 -24.50
CA GLY A 201 19.66 16.30 -23.99
C GLY A 201 20.68 15.17 -24.04
N GLY A 202 20.33 14.02 -23.49
CA GLY A 202 21.23 12.89 -23.49
C GLY A 202 20.53 11.59 -23.15
N VAL A 203 21.22 10.48 -23.36
CA VAL A 203 20.64 9.18 -23.08
C VAL A 203 21.59 8.32 -22.25
N ALA A 204 21.06 7.75 -21.17
CA ALA A 204 21.83 6.88 -20.28
C ALA A 204 21.45 5.42 -20.52
N LEU A 205 22.44 4.53 -20.39
CA LEU A 205 22.25 3.10 -20.53
C LEU A 205 22.49 2.51 -19.14
N ILE A 206 21.54 1.74 -18.65
CA ILE A 206 21.68 1.12 -17.33
C ILE A 206 21.56 -0.39 -17.52
N ARG A 207 22.42 -1.14 -16.84
CA ARG A 207 22.40 -2.58 -16.96
C ARG A 207 22.57 -3.28 -15.62
N ALA A 208 21.92 -4.44 -15.48
CA ALA A 208 22.07 -5.25 -14.28
C ALA A 208 22.55 -6.60 -14.80
N ARG A 209 23.53 -7.18 -14.12
CA ARG A 209 24.08 -8.46 -14.55
C ARG A 209 24.66 -9.21 -13.36
N SER A 210 25.03 -10.46 -13.59
CA SER A 210 25.62 -11.28 -12.55
C SER A 210 27.10 -10.93 -12.45
N ILE A 211 27.63 -10.94 -11.24
CA ILE A 211 29.03 -10.62 -11.02
C ILE A 211 29.90 -11.77 -11.54
N LYS A 212 29.43 -13.00 -11.34
CA LYS A 212 30.16 -14.16 -11.82
C LYS A 212 29.91 -14.26 -13.32
N THR A 213 31.00 -14.22 -14.08
CA THR A 213 30.95 -14.25 -15.54
C THR A 213 29.90 -15.15 -16.18
N ASN A 214 29.08 -14.54 -17.03
CA ASN A 214 28.05 -15.23 -17.79
C ASN A 214 26.98 -16.00 -17.02
N GLN A 215 27.06 -16.02 -15.70
CA GLN A 215 26.03 -16.73 -14.94
C GLN A 215 24.74 -15.93 -15.03
N LYS A 216 23.61 -16.63 -15.09
CA LYS A 216 22.32 -15.96 -15.23
C LYS A 216 21.85 -15.24 -13.97
N LEU A 217 21.03 -14.21 -14.18
CA LEU A 217 20.46 -13.47 -13.06
C LEU A 217 19.31 -14.35 -12.60
N PRO A 218 18.79 -14.11 -11.39
CA PRO A 218 17.68 -14.95 -10.94
C PRO A 218 16.55 -14.80 -11.96
N ILE A 219 15.84 -15.90 -12.25
CA ILE A 219 14.74 -15.86 -13.20
C ILE A 219 13.42 -15.76 -12.44
N GLY A 220 12.56 -14.82 -12.84
CA GLY A 220 11.29 -14.67 -12.16
C GLY A 220 11.10 -13.43 -11.32
N LEU A 221 12.10 -12.54 -11.32
CA LEU A 221 11.98 -11.31 -10.54
C LEU A 221 10.93 -10.43 -11.22
N GLY A 222 9.95 -9.98 -10.44
CA GLY A 222 8.85 -9.20 -10.96
C GLY A 222 7.62 -9.78 -10.27
N GLN A 223 6.61 -8.97 -9.97
CA GLN A 223 5.46 -9.49 -9.24
C GLN A 223 4.08 -9.35 -9.84
N GLY A 224 3.41 -10.48 -10.03
CA GLY A 224 2.05 -10.49 -10.56
C GLY A 224 1.90 -9.63 -11.79
N LEU A 225 0.67 -9.26 -12.10
CA LEU A 225 0.41 -8.45 -13.28
C LEU A 225 0.64 -6.95 -13.11
N TYR A 226 0.47 -6.45 -11.90
CA TYR A 226 0.62 -5.02 -11.68
C TYR A 226 1.86 -4.50 -10.97
N ALA A 227 2.86 -5.35 -10.81
CA ALA A 227 4.13 -4.94 -10.21
C ALA A 227 5.22 -5.69 -10.98
N LYS A 228 5.07 -5.68 -12.31
CA LYS A 228 6.03 -6.34 -13.19
C LYS A 228 7.35 -5.61 -13.06
N LEU A 229 8.45 -6.32 -13.33
CA LEU A 229 9.78 -5.72 -13.23
C LEU A 229 9.98 -4.56 -14.22
N ASP A 230 9.60 -4.73 -15.47
CA ASP A 230 9.78 -3.63 -16.41
C ASP A 230 8.87 -2.45 -16.04
N ALA A 231 7.70 -2.74 -15.49
CA ALA A 231 6.78 -1.68 -15.09
C ALA A 231 7.38 -0.82 -13.97
N LYS A 232 7.94 -1.47 -12.95
CA LYS A 232 8.54 -0.75 -11.82
C LYS A 232 9.82 -0.03 -12.22
N ILE A 233 10.55 -0.58 -13.17
CA ILE A 233 11.75 0.08 -13.65
C ILE A 233 11.30 1.36 -14.37
N ALA A 234 10.26 1.24 -15.19
CA ALA A 234 9.74 2.40 -15.92
C ALA A 234 9.22 3.47 -14.95
N GLU A 235 8.55 3.04 -13.90
CA GLU A 235 7.99 3.97 -12.93
C GLU A 235 9.10 4.76 -12.26
N ALA A 236 10.15 4.05 -11.84
CA ALA A 236 11.28 4.66 -11.15
C ALA A 236 12.02 5.64 -12.06
N MET A 237 12.35 5.20 -13.27
CA MET A 237 13.07 6.04 -14.22
C MET A 237 12.27 7.25 -14.72
N MET A 238 11.04 7.03 -15.16
CA MET A 238 10.25 8.15 -15.66
C MET A 238 10.02 9.16 -14.55
N GLY A 239 10.02 8.69 -13.31
CA GLY A 239 9.80 9.58 -12.18
C GLY A 239 10.97 10.53 -11.94
N LEU A 240 12.13 10.22 -12.53
CA LEU A 240 13.31 11.06 -12.37
C LEU A 240 13.12 12.36 -13.12
N ASN A 241 13.42 13.49 -12.48
CA ASN A 241 13.30 14.79 -13.12
C ASN A 241 14.07 14.81 -14.44
N GLY A 242 13.43 15.30 -15.50
CA GLY A 242 14.09 15.39 -16.78
C GLY A 242 13.92 14.20 -17.71
N VAL A 243 13.36 13.10 -17.22
CA VAL A 243 13.17 11.92 -18.05
C VAL A 243 11.87 12.01 -18.84
N LYS A 244 11.97 11.78 -20.15
CA LYS A 244 10.80 11.84 -21.04
C LYS A 244 10.51 10.51 -21.73
N ALA A 245 11.42 9.55 -21.60
CA ALA A 245 11.23 8.25 -22.23
C ALA A 245 12.08 7.16 -21.59
N VAL A 246 11.56 5.94 -21.58
CA VAL A 246 12.27 4.79 -21.03
C VAL A 246 12.08 3.60 -21.97
N GLU A 247 13.16 2.86 -22.21
CA GLU A 247 13.11 1.70 -23.08
C GLU A 247 13.70 0.49 -22.37
N ILE A 248 13.15 -0.69 -22.66
CA ILE A 248 13.68 -1.92 -22.09
C ILE A 248 14.17 -2.73 -23.28
N GLY A 249 15.42 -3.17 -23.25
CA GLY A 249 15.96 -3.96 -24.35
C GLY A 249 15.92 -3.24 -25.68
N LYS A 250 15.43 -3.91 -26.72
CA LYS A 250 15.35 -3.34 -28.07
C LYS A 250 14.54 -2.03 -28.07
N GLY A 251 13.68 -1.87 -27.06
CA GLY A 251 12.90 -0.64 -26.92
C GLY A 251 12.11 -0.12 -28.12
N VAL A 252 12.28 1.15 -28.44
CA VAL A 252 11.55 1.76 -29.55
C VAL A 252 11.84 1.07 -30.88
N GLU A 253 13.03 0.50 -31.03
CA GLU A 253 13.34 -0.20 -32.27
C GLU A 253 12.52 -1.49 -32.40
N SER A 254 11.95 -1.97 -31.29
CA SER A 254 11.15 -3.19 -31.29
C SER A 254 9.96 -3.09 -32.25
N SER A 255 9.34 -1.92 -32.29
CA SER A 255 8.17 -1.70 -33.14
C SER A 255 8.48 -1.72 -34.64
N LEU A 256 9.76 -1.75 -34.99
CA LEU A 256 10.19 -1.77 -36.38
C LEU A 256 10.55 -3.16 -36.88
N LEU A 257 10.49 -4.14 -35.98
CA LEU A 257 10.84 -5.50 -36.34
C LEU A 257 9.66 -6.42 -36.56
N LYS A 258 9.93 -7.51 -37.28
CA LYS A 258 8.91 -8.52 -37.55
C LYS A 258 9.10 -9.56 -36.45
N GLY A 259 8.09 -10.38 -36.21
CA GLY A 259 8.20 -11.38 -35.17
C GLY A 259 9.41 -12.27 -35.31
N SER A 260 9.71 -12.68 -36.54
CA SER A 260 10.84 -13.55 -36.82
C SER A 260 12.17 -12.90 -36.48
N GLU A 261 12.21 -11.57 -36.52
CA GLU A 261 13.42 -10.81 -36.23
C GLU A 261 13.60 -10.48 -34.76
N TYR A 262 12.49 -10.27 -34.06
CA TYR A 262 12.54 -9.92 -32.65
C TYR A 262 12.64 -11.08 -31.68
N ASN A 263 11.77 -12.07 -31.84
CA ASN A 263 11.74 -13.22 -30.94
C ASN A 263 13.11 -13.76 -30.57
N ASP A 264 13.36 -13.86 -29.26
CA ASP A 264 14.62 -14.38 -28.77
C ASP A 264 14.48 -15.89 -28.68
N LEU A 265 15.27 -16.61 -29.47
CA LEU A 265 15.21 -18.07 -29.43
C LEU A 265 15.96 -18.58 -28.20
N MET A 266 15.76 -19.86 -27.89
CA MET A 266 16.40 -20.48 -26.72
C MET A 266 17.07 -21.80 -27.00
N ASP A 267 18.10 -22.08 -26.20
CA ASP A 267 18.78 -23.37 -26.27
C ASP A 267 18.88 -23.77 -24.79
N GLN A 268 19.49 -24.90 -24.50
CA GLN A 268 19.57 -25.36 -23.11
C GLN A 268 20.18 -24.38 -22.10
N LYS A 269 21.23 -23.66 -22.48
CA LYS A 269 21.86 -22.72 -21.57
C LYS A 269 21.07 -21.43 -21.33
N GLY A 270 20.23 -21.06 -22.29
CA GLY A 270 19.46 -19.84 -22.14
C GLY A 270 19.07 -19.25 -23.48
N PHE A 271 18.83 -17.95 -23.50
CA PHE A 271 18.42 -17.27 -24.72
C PHE A 271 19.59 -17.00 -25.66
N LEU A 272 19.31 -17.06 -26.96
CA LEU A 272 20.34 -16.85 -27.98
C LEU A 272 20.56 -15.38 -28.33
N SER A 273 19.62 -14.52 -27.92
CA SER A 273 19.71 -13.09 -28.16
C SER A 273 18.93 -12.41 -27.02
N ASN A 274 19.05 -11.09 -26.89
CA ASN A 274 18.36 -10.40 -25.79
C ASN A 274 17.60 -9.14 -26.20
N ARG A 275 16.76 -9.24 -27.22
CA ARG A 275 15.95 -8.10 -27.64
C ARG A 275 14.98 -7.76 -26.50
N SER A 276 14.65 -8.77 -25.70
CA SER A 276 13.74 -8.57 -24.56
C SER A 276 14.34 -7.67 -23.48
N GLY A 277 15.66 -7.52 -23.49
CA GLY A 277 16.31 -6.69 -22.49
C GLY A 277 16.29 -7.27 -21.07
N GLY A 278 16.19 -8.59 -20.98
CA GLY A 278 16.20 -9.24 -19.68
C GLY A 278 14.87 -9.37 -18.96
N VAL A 279 13.80 -8.84 -19.53
CA VAL A 279 12.49 -8.92 -18.91
C VAL A 279 11.52 -9.54 -19.93
N LEU A 280 10.88 -10.63 -19.53
CA LEU A 280 9.96 -11.35 -20.40
C LEU A 280 8.68 -11.66 -19.63
N GLY A 281 7.55 -11.17 -20.12
CA GLY A 281 6.29 -11.39 -19.43
C GLY A 281 6.24 -10.58 -18.14
N GLY A 282 7.11 -9.57 -18.06
CA GLY A 282 7.16 -8.73 -16.87
C GLY A 282 8.06 -9.29 -15.79
N MET A 283 8.83 -10.33 -16.12
CA MET A 283 9.72 -10.96 -15.15
C MET A 283 11.13 -11.14 -15.72
N SER A 284 12.14 -11.12 -14.87
CA SER A 284 13.51 -11.29 -15.34
C SER A 284 13.64 -12.68 -15.97
N ASN A 285 14.30 -12.77 -17.12
CA ASN A 285 14.46 -14.06 -17.79
C ASN A 285 15.86 -14.63 -17.63
N GLY A 286 16.69 -13.97 -16.83
CA GLY A 286 18.04 -14.46 -16.59
C GLY A 286 19.14 -13.76 -17.36
N GLU A 287 18.78 -13.13 -18.48
CA GLU A 287 19.74 -12.41 -19.30
C GLU A 287 19.98 -11.04 -18.68
N GLU A 288 20.92 -10.27 -19.23
CA GLU A 288 21.19 -8.96 -18.66
C GLU A 288 19.97 -8.05 -18.81
N ILE A 289 19.68 -7.27 -17.77
CA ILE A 289 18.56 -6.33 -17.82
C ILE A 289 19.12 -5.06 -18.46
N ILE A 290 18.50 -4.65 -19.56
CA ILE A 290 18.94 -3.48 -20.33
C ILE A 290 17.93 -2.35 -20.34
N VAL A 291 18.34 -1.19 -19.82
CA VAL A 291 17.44 -0.03 -19.75
C VAL A 291 18.03 1.22 -20.38
N ARG A 292 17.23 1.94 -21.17
CA ARG A 292 17.68 3.20 -21.77
C ARG A 292 16.78 4.31 -21.23
N VAL A 293 17.40 5.39 -20.73
CA VAL A 293 16.65 6.50 -20.15
C VAL A 293 16.97 7.80 -20.91
N HIS A 294 15.93 8.42 -21.47
CA HIS A 294 16.13 9.65 -22.25
C HIS A 294 15.82 10.91 -21.44
N PHE A 295 16.81 11.78 -21.36
CA PHE A 295 16.70 13.03 -20.64
C PHE A 295 16.53 14.21 -21.56
N LYS A 296 15.61 15.10 -21.19
CA LYS A 296 15.43 16.31 -21.98
C LYS A 296 16.63 17.17 -21.60
N PRO A 297 16.90 18.23 -22.38
CA PRO A 297 18.04 19.09 -22.03
C PRO A 297 17.77 19.82 -20.72
N THR A 298 18.82 20.18 -20.00
CA THR A 298 18.67 20.91 -18.75
C THR A 298 17.74 22.12 -18.90
N PRO A 299 16.75 22.24 -18.01
CA PRO A 299 15.79 23.35 -18.02
C PRO A 299 16.42 24.74 -17.89
N SER A 300 17.26 24.93 -16.88
CA SER A 300 17.89 26.25 -16.68
C SER A 300 19.00 26.58 -17.66
N ILE A 301 18.81 27.67 -18.39
CA ILE A 301 19.81 28.14 -19.34
C ILE A 301 19.88 29.65 -19.20
N PHE A 302 21.10 30.19 -19.34
CA PHE A 302 21.35 31.63 -19.21
C PHE A 302 20.96 32.33 -20.51
N GLN A 303 19.66 32.37 -20.77
CA GLN A 303 19.11 33.00 -21.97
C GLN A 303 17.72 33.57 -21.67
N PRO A 304 17.35 34.69 -22.31
CA PRO A 304 16.03 35.26 -22.06
C PRO A 304 14.95 34.31 -22.56
N GLN A 305 13.94 34.07 -21.72
CA GLN A 305 12.84 33.19 -22.10
C GLN A 305 11.52 33.84 -21.72
N ARG A 306 10.57 33.84 -22.65
CA ARG A 306 9.27 34.44 -22.39
C ARG A 306 8.45 33.52 -21.51
N THR A 307 7.88 34.08 -20.45
CA THR A 307 7.05 33.33 -19.53
C THR A 307 6.10 34.30 -18.82
N ILE A 308 5.49 33.86 -17.73
CA ILE A 308 4.59 34.74 -17.00
C ILE A 308 4.88 34.64 -15.51
N ASP A 309 4.42 35.62 -14.75
CA ASP A 309 4.63 35.62 -13.31
C ASP A 309 3.37 35.09 -12.61
N ILE A 310 3.43 34.97 -11.28
CA ILE A 310 2.30 34.44 -10.53
C ILE A 310 1.01 35.26 -10.68
N ASN A 311 1.11 36.46 -11.23
CA ASN A 311 -0.06 37.30 -11.44
C ASN A 311 -0.63 37.12 -12.83
N GLY A 312 0.06 36.34 -13.65
CA GLY A 312 -0.40 36.09 -15.01
C GLY A 312 0.14 37.03 -16.07
N ASN A 313 1.02 37.94 -15.68
CA ASN A 313 1.59 38.90 -16.62
C ASN A 313 2.87 38.40 -17.29
N GLU A 314 3.02 38.71 -18.57
CA GLU A 314 4.20 38.31 -19.32
C GLU A 314 5.45 38.99 -18.79
N CYS A 315 6.55 38.25 -18.76
CA CYS A 315 7.81 38.78 -18.29
C CYS A 315 8.95 37.94 -18.84
N GLU A 316 10.18 38.42 -18.66
CA GLU A 316 11.35 37.72 -19.16
C GLU A 316 12.05 36.91 -18.08
N CYS A 317 12.32 35.65 -18.37
CA CYS A 317 13.02 34.78 -17.43
C CYS A 317 14.47 34.72 -17.92
N LEU A 318 15.39 35.20 -17.09
CA LEU A 318 16.80 35.20 -17.44
C LEU A 318 17.58 34.66 -16.25
N LEU A 319 17.89 33.37 -16.31
CA LEU A 319 18.61 32.72 -15.24
C LEU A 319 20.12 32.91 -15.36
N LYS A 320 20.65 33.91 -14.66
CA LYS A 320 22.07 34.22 -14.70
C LYS A 320 22.91 33.12 -14.04
N GLY A 321 24.19 33.09 -14.39
CA GLY A 321 25.08 32.09 -13.81
C GLY A 321 25.23 30.84 -14.63
N ARG A 322 26.14 29.97 -14.20
CA ARG A 322 26.39 28.70 -14.89
C ARG A 322 25.33 27.68 -14.47
N HIS A 323 25.03 26.75 -15.37
CA HIS A 323 24.04 25.72 -15.12
C HIS A 323 24.57 24.40 -15.66
N ASP A 324 24.00 23.29 -15.20
CA ASP A 324 24.41 21.98 -15.68
C ASP A 324 24.02 21.92 -17.15
N PRO A 325 25.01 21.85 -18.06
CA PRO A 325 24.68 21.80 -19.48
C PRO A 325 24.00 20.52 -19.97
N CYS A 326 24.09 19.45 -19.19
CA CYS A 326 23.48 18.17 -19.60
C CYS A 326 23.16 17.28 -18.40
N ILE A 327 21.94 17.39 -17.89
CA ILE A 327 21.52 16.62 -16.72
C ILE A 327 21.57 15.11 -16.87
N ALA A 328 21.61 14.62 -18.10
CA ALA A 328 21.67 13.18 -18.34
C ALA A 328 22.92 12.57 -17.70
N ILE A 329 24.01 13.34 -17.64
CA ILE A 329 25.25 12.83 -17.07
C ILE A 329 25.10 12.43 -15.61
N ARG A 330 24.69 13.37 -14.76
CA ARG A 330 24.50 13.04 -13.34
C ARG A 330 23.31 12.10 -13.23
N GLY A 331 22.30 12.29 -14.10
CA GLY A 331 21.14 11.43 -14.05
C GLY A 331 21.45 9.95 -14.22
N SER A 332 22.42 9.62 -15.06
CA SER A 332 22.78 8.22 -15.30
C SER A 332 23.08 7.50 -13.99
N VAL A 333 23.80 8.17 -13.09
CA VAL A 333 24.14 7.58 -11.81
C VAL A 333 22.91 7.33 -10.96
N VAL A 334 21.98 8.28 -10.98
CA VAL A 334 20.76 8.14 -10.21
C VAL A 334 19.95 6.98 -10.75
N CYS A 335 19.92 6.85 -12.08
CA CYS A 335 19.19 5.75 -12.72
C CYS A 335 19.77 4.41 -12.28
N GLU A 336 21.10 4.36 -12.16
CA GLU A 336 21.78 3.15 -11.72
C GLU A 336 21.32 2.80 -10.31
N SER A 337 21.22 3.82 -9.45
CA SER A 337 20.79 3.62 -8.06
C SER A 337 19.34 3.15 -8.02
N LEU A 338 18.50 3.76 -8.85
CA LEU A 338 17.09 3.38 -8.90
C LEU A 338 16.90 1.94 -9.35
N LEU A 339 17.69 1.51 -10.34
CA LEU A 339 17.58 0.12 -10.81
C LEU A 339 17.96 -0.82 -9.66
N ALA A 340 18.96 -0.45 -8.87
CA ALA A 340 19.40 -1.27 -7.75
C ALA A 340 18.29 -1.40 -6.73
N LEU A 341 17.60 -0.30 -6.47
CA LEU A 341 16.50 -0.29 -5.50
C LEU A 341 15.31 -1.13 -5.95
N VAL A 342 14.95 -1.02 -7.22
CA VAL A 342 13.82 -1.78 -7.75
C VAL A 342 14.13 -3.27 -7.74
N LEU A 343 15.32 -3.63 -8.22
CA LEU A 343 15.73 -5.02 -8.26
C LEU A 343 15.81 -5.64 -6.87
N ALA A 344 16.37 -4.90 -5.92
CA ALA A 344 16.47 -5.41 -4.56
C ALA A 344 15.08 -5.63 -3.97
N ASP A 345 14.15 -4.73 -4.27
CA ASP A 345 12.78 -4.88 -3.78
C ASP A 345 12.23 -6.18 -4.39
N MET A 346 12.45 -6.37 -5.68
CA MET A 346 11.97 -7.57 -6.36
C MET A 346 12.60 -8.86 -5.82
N VAL A 347 13.87 -8.79 -5.44
CA VAL A 347 14.56 -9.96 -4.90
C VAL A 347 13.88 -10.42 -3.60
N LEU A 348 13.41 -9.45 -2.82
CA LEU A 348 12.74 -9.73 -1.55
C LEU A 348 11.31 -10.25 -1.76
N LEU A 349 10.57 -9.61 -2.67
CA LEU A 349 9.20 -10.00 -2.95
C LEU A 349 9.10 -11.43 -3.52
N ASN A 350 10.08 -11.80 -4.32
CA ASN A 350 10.12 -13.13 -4.95
C ASN A 350 10.25 -14.28 -3.95
N LEU A 351 10.71 -13.98 -2.73
CA LEU A 351 10.88 -15.02 -1.71
C LEU A 351 9.60 -15.79 -1.36
N THR A 352 8.43 -15.22 -1.69
CA THR A 352 7.16 -15.88 -1.37
C THR A 352 6.54 -16.71 -2.51
N SER A 353 7.24 -16.79 -3.63
CA SER A 353 6.73 -17.49 -4.82
C SER A 353 6.43 -18.99 -4.78
N LYS A 354 7.33 -19.76 -4.18
CA LYS A 354 7.19 -21.21 -4.11
C LYS A 354 7.09 -21.70 -2.67
N ILE A 355 6.21 -22.68 -2.43
CA ILE A 355 6.04 -23.20 -1.07
C ILE A 355 7.33 -23.78 -0.52
N GLU A 356 8.20 -24.26 -1.41
CA GLU A 356 9.46 -24.84 -0.97
C GLU A 356 10.38 -23.80 -0.33
N TYR A 357 10.17 -22.52 -0.64
CA TYR A 357 11.00 -21.47 -0.05
C TYR A 357 10.63 -21.37 1.43
N LEU A 358 9.33 -21.41 1.71
CA LEU A 358 8.84 -21.34 3.08
C LEU A 358 9.30 -22.54 3.89
N LYS A 359 9.13 -23.73 3.32
CA LYS A 359 9.52 -24.96 4.00
C LYS A 359 11.00 -24.97 4.35
N THR A 360 11.83 -24.54 3.42
CA THR A 360 13.26 -24.51 3.63
C THR A 360 13.62 -23.61 4.81
N ILE A 361 13.01 -22.44 4.87
CA ILE A 361 13.29 -21.48 5.93
C ILE A 361 12.65 -21.79 7.29
N TYR A 362 11.44 -22.31 7.30
CA TYR A 362 10.74 -22.62 8.55
C TYR A 362 10.92 -24.04 9.09
N ASN A 363 10.76 -25.03 8.23
CA ASN A 363 10.87 -26.42 8.67
C ASN A 363 12.30 -26.97 8.68
N GLU A 364 13.27 -26.15 8.31
CA GLU A 364 14.65 -26.64 8.30
C GLU A 364 15.70 -25.65 8.78
N ASN A 365 15.41 -24.36 8.68
CA ASN A 365 16.36 -23.34 9.11
C ASN A 365 15.75 -22.34 10.08
N MET B 1 -11.60 0.61 1.28
CA MET B 1 -10.48 -0.36 1.11
C MET B 1 -11.05 -1.77 1.15
N ASN B 2 -11.04 -2.44 0.00
CA ASN B 2 -11.59 -3.80 -0.07
C ASN B 2 -10.54 -4.90 -0.07
N THR B 3 -9.34 -4.59 0.43
CA THR B 3 -8.25 -5.56 0.49
C THR B 3 -7.68 -5.72 1.89
N LEU B 4 -7.46 -6.98 2.27
CA LEU B 4 -6.91 -7.31 3.59
C LEU B 4 -5.54 -7.98 3.40
N GLY B 5 -4.52 -7.52 4.11
CA GLY B 5 -3.21 -8.13 4.00
C GLY B 5 -2.18 -7.35 3.21
N ARG B 6 -0.92 -7.75 3.35
CA ARG B 6 0.21 -7.10 2.68
C ARG B 6 0.81 -7.97 1.58
N PHE B 7 1.24 -9.18 1.92
CA PHE B 7 1.80 -10.10 0.93
C PHE B 7 0.64 -11.01 0.52
N LEU B 8 0.02 -11.68 1.49
CA LEU B 8 -1.14 -12.53 1.19
C LEU B 8 -2.28 -11.53 1.22
N ARG B 9 -2.77 -11.13 0.05
CA ARG B 9 -3.83 -10.13 -0.03
C ARG B 9 -5.20 -10.62 -0.48
N LEU B 10 -6.18 -10.48 0.41
CA LEU B 10 -7.55 -10.89 0.11
C LEU B 10 -8.36 -9.66 -0.29
N THR B 11 -8.94 -9.70 -1.49
CA THR B 11 -9.75 -8.58 -1.97
C THR B 11 -11.16 -9.06 -2.27
N THR B 12 -12.16 -8.31 -1.81
CA THR B 12 -13.54 -8.70 -2.01
C THR B 12 -14.37 -7.82 -2.95
N PHE B 13 -15.39 -8.43 -3.54
CA PHE B 13 -16.30 -7.76 -4.45
C PHE B 13 -17.14 -6.75 -3.68
N GLY B 14 -17.10 -6.85 -2.35
CA GLY B 14 -17.85 -5.93 -1.51
C GLY B 14 -19.30 -6.29 -1.31
N GLU B 15 -19.98 -5.49 -0.50
CA GLU B 15 -21.39 -5.71 -0.22
C GLU B 15 -22.22 -5.67 -1.51
N SER B 16 -23.20 -6.56 -1.60
CA SER B 16 -24.07 -6.61 -2.76
C SER B 16 -25.36 -7.34 -2.43
N HIS B 17 -26.33 -7.28 -3.35
CA HIS B 17 -27.62 -7.93 -3.15
C HIS B 17 -27.92 -8.90 -4.30
N GLY B 18 -26.88 -9.23 -5.07
CA GLY B 18 -27.04 -10.14 -6.18
C GLY B 18 -27.02 -11.60 -5.75
N ASP B 19 -27.02 -12.51 -6.72
CA ASP B 19 -27.01 -13.93 -6.42
C ASP B 19 -25.59 -14.49 -6.32
N VAL B 20 -24.61 -13.65 -6.64
CA VAL B 20 -23.22 -14.09 -6.61
C VAL B 20 -22.28 -13.11 -5.91
N ILE B 21 -21.43 -13.66 -5.04
CA ILE B 21 -20.45 -12.85 -4.33
C ILE B 21 -19.08 -13.42 -4.68
N GLY B 22 -18.05 -12.59 -4.69
CA GLY B 22 -16.74 -13.08 -5.02
C GLY B 22 -15.59 -12.48 -4.27
N GLY B 23 -14.43 -13.08 -4.46
CA GLY B 23 -13.23 -12.59 -3.81
C GLY B 23 -12.05 -13.22 -4.50
N VAL B 24 -10.87 -12.71 -4.20
CA VAL B 24 -9.65 -13.23 -4.78
C VAL B 24 -8.53 -13.17 -3.77
N LEU B 25 -7.79 -14.26 -3.65
CA LEU B 25 -6.66 -14.33 -2.72
C LEU B 25 -5.38 -14.31 -3.55
N ASP B 26 -4.61 -13.25 -3.35
CA ASP B 26 -3.36 -13.02 -4.06
C ASP B 26 -2.18 -13.26 -3.11
N GLY B 27 -1.10 -13.85 -3.60
CA GLY B 27 0.06 -14.06 -2.74
C GLY B 27 0.31 -15.47 -2.21
N MET B 28 -0.50 -16.43 -2.62
CA MET B 28 -0.32 -17.80 -2.17
C MET B 28 0.91 -18.41 -2.86
N PRO B 29 1.82 -19.00 -2.09
CA PRO B 29 2.99 -19.60 -2.74
C PRO B 29 2.47 -20.73 -3.63
N SER B 30 3.20 -21.07 -4.68
CA SER B 30 2.77 -22.16 -5.56
C SER B 30 3.14 -23.51 -4.92
N GLY B 31 2.50 -24.57 -5.38
CA GLY B 31 2.82 -25.88 -4.85
C GLY B 31 2.07 -26.33 -3.62
N ILE B 32 1.04 -25.59 -3.23
CA ILE B 32 0.25 -25.95 -2.07
C ILE B 32 -0.95 -26.77 -2.53
N LYS B 33 -1.06 -28.00 -2.03
CA LYS B 33 -2.17 -28.87 -2.39
C LYS B 33 -3.47 -28.25 -1.89
N ILE B 34 -4.44 -28.10 -2.79
CA ILE B 34 -5.71 -27.53 -2.40
C ILE B 34 -6.57 -28.57 -1.68
N ASP B 35 -6.84 -28.32 -0.41
CA ASP B 35 -7.63 -29.22 0.42
C ASP B 35 -9.11 -28.90 0.27
N TYR B 36 -9.74 -29.49 -0.75
CA TYR B 36 -11.16 -29.26 -1.01
C TYR B 36 -12.05 -29.71 0.15
N ALA B 37 -11.62 -30.72 0.87
CA ALA B 37 -12.39 -31.20 2.02
C ALA B 37 -12.47 -30.09 3.06
N LEU B 38 -11.32 -29.46 3.33
CA LEU B 38 -11.24 -28.38 4.30
C LEU B 38 -12.09 -27.18 3.90
N LEU B 39 -11.98 -26.76 2.64
CA LEU B 39 -12.74 -25.63 2.13
C LEU B 39 -14.24 -25.86 2.35
N GLU B 40 -14.72 -27.05 1.97
CA GLU B 40 -16.11 -27.39 2.12
C GLU B 40 -16.55 -27.37 3.58
N ASN B 41 -15.75 -27.98 4.45
CA ASN B 41 -16.08 -28.04 5.86
C ASN B 41 -16.10 -26.65 6.50
N GLU B 42 -15.18 -25.78 6.10
CA GLU B 42 -15.13 -24.43 6.63
C GLU B 42 -16.44 -23.71 6.29
N MET B 43 -16.88 -23.87 5.06
CA MET B 43 -18.11 -23.24 4.61
C MET B 43 -19.31 -23.78 5.39
N LYS B 44 -19.23 -25.05 5.79
CA LYS B 44 -20.30 -25.67 6.55
C LYS B 44 -20.36 -25.06 7.95
N ARG B 45 -19.20 -25.00 8.61
CA ARG B 45 -19.11 -24.43 9.95
C ARG B 45 -19.61 -23.00 10.00
N ARG B 46 -19.32 -22.24 8.94
CA ARG B 46 -19.72 -20.85 8.87
C ARG B 46 -21.23 -20.70 9.06
N GLN B 47 -21.96 -21.74 8.70
CA GLN B 47 -23.42 -21.73 8.81
C GLN B 47 -23.92 -22.28 10.15
N GLY B 48 -23.21 -21.96 11.23
CA GLY B 48 -23.60 -22.43 12.54
C GLY B 48 -23.40 -23.91 12.75
N GLY B 49 -23.77 -24.71 11.75
CA GLY B 49 -23.62 -26.15 11.85
C GLY B 49 -24.22 -26.74 13.12
N ARG B 50 -25.54 -26.80 13.17
CA ARG B 50 -26.23 -27.35 14.34
C ARG B 50 -26.37 -28.86 14.26
N ASN B 51 -27.48 -29.39 14.76
CA ASN B 51 -27.73 -30.83 14.75
C ASN B 51 -28.16 -31.34 13.38
N VAL B 52 -29.43 -31.15 13.04
CA VAL B 52 -29.97 -31.61 11.76
C VAL B 52 -29.61 -30.69 10.60
N PHE B 53 -29.30 -31.30 9.44
CA PHE B 53 -28.95 -30.54 8.25
C PHE B 53 -29.11 -31.40 6.99
N ILE B 54 -29.27 -30.75 5.84
CA ILE B 54 -29.43 -31.45 4.57
C ILE B 54 -28.23 -31.20 3.67
N THR B 55 -28.03 -32.07 2.69
CA THR B 55 -26.91 -31.96 1.75
C THR B 55 -26.76 -30.53 1.22
N PRO B 56 -25.67 -29.85 1.62
CA PRO B 56 -25.37 -28.48 1.21
C PRO B 56 -25.41 -28.25 -0.30
N ARG B 57 -25.51 -29.34 -1.06
CA ARG B 57 -25.57 -29.25 -2.53
C ARG B 57 -26.77 -28.42 -2.96
N LYS B 58 -27.97 -28.98 -2.77
CA LYS B 58 -29.20 -28.29 -3.14
C LYS B 58 -29.63 -27.34 -2.01
N GLU B 59 -28.82 -27.29 -0.96
CA GLU B 59 -29.12 -26.43 0.18
C GLU B 59 -28.56 -25.02 0.06
N ASP B 60 -27.26 -24.85 0.33
CA ASP B 60 -26.65 -23.54 0.25
C ASP B 60 -25.33 -23.42 -0.52
N ASP B 61 -24.71 -22.26 -0.37
CA ASP B 61 -23.46 -21.87 -1.01
C ASP B 61 -22.48 -22.97 -1.41
N LYS B 62 -21.78 -22.72 -2.52
CA LYS B 62 -20.78 -23.62 -3.08
C LYS B 62 -19.63 -22.73 -3.54
N VAL B 63 -18.39 -23.11 -3.24
CA VAL B 63 -17.24 -22.30 -3.65
C VAL B 63 -16.66 -22.74 -5.00
N GLU B 64 -16.69 -21.84 -5.98
CA GLU B 64 -16.16 -22.14 -7.29
C GLU B 64 -14.83 -21.41 -7.52
N ILE B 65 -13.74 -22.17 -7.53
CA ILE B 65 -12.43 -21.58 -7.79
C ILE B 65 -12.28 -21.29 -9.28
N THR B 66 -12.11 -20.03 -9.63
CA THR B 66 -12.01 -19.62 -11.02
C THR B 66 -10.58 -19.52 -11.54
N SER B 67 -9.62 -19.42 -10.63
CA SER B 67 -8.22 -19.28 -11.04
C SER B 67 -7.27 -19.58 -9.90
N GLY B 68 -5.98 -19.60 -10.22
CA GLY B 68 -4.94 -19.84 -9.22
C GLY B 68 -4.67 -21.29 -8.87
N VAL B 69 -5.40 -22.21 -9.50
CA VAL B 69 -5.20 -23.62 -9.21
C VAL B 69 -5.08 -24.47 -10.47
N PHE B 70 -4.13 -25.39 -10.44
CA PHE B 70 -3.89 -26.29 -11.55
C PHE B 70 -3.64 -27.70 -11.01
N GLU B 71 -4.47 -28.64 -11.44
CA GLU B 71 -4.37 -30.02 -11.01
C GLU B 71 -4.28 -30.12 -9.49
N ASP B 72 -5.19 -29.41 -8.82
CA ASP B 72 -5.29 -29.41 -7.36
C ASP B 72 -4.12 -28.81 -6.58
N PHE B 73 -3.33 -27.96 -7.22
CA PHE B 73 -2.19 -27.30 -6.56
C PHE B 73 -2.20 -25.80 -6.88
N SER B 74 -1.82 -24.98 -5.90
CA SER B 74 -1.78 -23.54 -6.14
C SER B 74 -0.70 -23.29 -7.20
N THR B 75 -0.97 -22.35 -8.10
CA THR B 75 -0.03 -22.03 -9.17
C THR B 75 0.86 -20.85 -8.82
N GLY B 76 0.48 -20.11 -7.79
CA GLY B 76 1.26 -18.95 -7.39
C GLY B 76 0.61 -17.66 -7.87
N THR B 77 -0.37 -17.76 -8.76
CA THR B 77 -1.06 -16.59 -9.28
C THR B 77 -2.35 -16.38 -8.48
N PRO B 78 -3.07 -15.26 -8.69
CA PRO B 78 -4.30 -15.02 -7.93
C PRO B 78 -5.34 -16.14 -7.95
N ILE B 79 -5.85 -16.48 -6.77
CA ILE B 79 -6.87 -17.51 -6.64
C ILE B 79 -8.23 -16.81 -6.53
N GLY B 80 -8.95 -16.74 -7.64
CA GLY B 80 -10.25 -16.12 -7.61
C GLY B 80 -11.30 -17.15 -7.28
N PHE B 81 -12.36 -16.73 -6.62
CA PHE B 81 -13.43 -17.66 -6.28
C PHE B 81 -14.77 -16.95 -6.16
N LEU B 82 -15.82 -17.67 -6.55
CA LEU B 82 -17.17 -17.15 -6.52
C LEU B 82 -18.03 -18.02 -5.63
N ILE B 83 -19.07 -17.43 -5.05
CA ILE B 83 -19.99 -18.16 -4.20
C ILE B 83 -21.40 -17.79 -4.63
N HIS B 84 -22.12 -18.77 -5.15
CA HIS B 84 -23.49 -18.57 -5.61
C HIS B 84 -24.48 -18.92 -4.51
N ASN B 85 -25.59 -18.17 -4.44
CA ASN B 85 -26.60 -18.40 -3.42
C ASN B 85 -27.97 -17.83 -3.80
N GLN B 86 -28.85 -17.76 -2.80
CA GLN B 86 -30.21 -17.24 -2.96
C GLN B 86 -31.14 -18.18 -3.73
N ARG B 87 -32.28 -18.47 -3.11
CA ARG B 87 -33.28 -19.36 -3.71
C ARG B 87 -34.64 -19.17 -3.04
N ALA B 88 -35.70 -19.24 -3.85
CA ALA B 88 -37.07 -19.08 -3.36
C ALA B 88 -37.31 -17.67 -2.84
N ARG B 89 -38.40 -17.07 -3.31
CA ARG B 89 -38.76 -15.70 -2.89
C ARG B 89 -39.10 -15.67 -1.41
N SER B 90 -38.77 -14.56 -0.77
CA SER B 90 -39.01 -14.40 0.68
C SER B 90 -40.31 -13.63 0.91
N LYS B 91 -40.42 -13.05 2.10
CA LYS B 91 -41.62 -12.28 2.47
C LYS B 91 -41.28 -10.78 2.50
N ASP B 92 -40.87 -10.29 3.66
CA ASP B 92 -40.54 -8.87 3.81
C ASP B 92 -39.52 -8.69 4.94
N TYR B 93 -39.86 -9.16 6.12
CA TYR B 93 -38.99 -9.07 7.30
C TYR B 93 -38.73 -7.60 7.65
N ASP B 94 -39.41 -6.71 6.97
CA ASP B 94 -39.26 -5.27 7.20
C ASP B 94 -40.25 -4.49 6.32
N ASN B 95 -41.01 -3.62 6.94
CA ASN B 95 -42.00 -2.80 6.21
C ASN B 95 -41.29 -1.82 5.28
N ILE B 96 -41.61 -0.55 5.43
CA ILE B 96 -40.99 0.49 4.59
C ILE B 96 -39.48 0.55 4.88
N LYS B 97 -38.71 -0.14 4.05
CA LYS B 97 -37.26 -0.17 4.22
C LYS B 97 -36.62 1.14 3.78
N ASN B 98 -37.00 2.23 4.44
CA ASN B 98 -36.47 3.56 4.14
C ASN B 98 -36.06 4.25 5.42
N LEU B 99 -35.87 3.47 6.48
CA LEU B 99 -35.47 3.99 7.77
C LEU B 99 -34.15 3.37 8.24
N PHE B 100 -33.52 3.99 9.22
CA PHE B 100 -32.26 3.50 9.75
C PHE B 100 -32.51 2.54 10.91
N ARG B 101 -32.20 1.27 10.71
CA ARG B 101 -32.38 0.27 11.76
C ARG B 101 -31.32 0.41 12.84
N PRO B 102 -31.74 0.50 14.11
CA PRO B 102 -30.81 0.65 15.23
C PRO B 102 -29.67 -0.36 15.20
N SER B 103 -28.46 0.11 15.51
CA SER B 103 -27.26 -0.72 15.53
C SER B 103 -26.85 -1.25 14.16
N HIS B 104 -27.50 -0.74 13.12
CA HIS B 104 -27.16 -1.15 11.76
C HIS B 104 -26.38 -0.03 11.10
N ALA B 105 -25.67 -0.35 10.03
CA ALA B 105 -24.86 0.62 9.32
C ALA B 105 -25.66 1.46 8.33
N ASP B 106 -26.97 1.25 8.27
CA ASP B 106 -27.81 2.01 7.34
C ASP B 106 -27.55 3.51 7.44
N PHE B 107 -27.49 4.01 8.67
CA PHE B 107 -27.27 5.42 8.93
C PHE B 107 -25.95 5.95 8.37
N THR B 108 -24.85 5.26 8.67
CA THR B 108 -23.55 5.70 8.20
C THR B 108 -23.38 5.58 6.69
N TYR B 109 -23.87 4.49 6.11
CA TYR B 109 -23.76 4.31 4.66
C TYR B 109 -24.51 5.42 3.94
N PHE B 110 -25.71 5.72 4.42
CA PHE B 110 -26.52 6.77 3.82
C PHE B 110 -25.78 8.11 3.81
N HIS B 111 -25.17 8.47 4.93
CA HIS B 111 -24.46 9.72 5.02
C HIS B 111 -23.12 9.75 4.28
N LYS B 112 -22.37 8.65 4.33
CA LYS B 112 -21.08 8.63 3.66
C LYS B 112 -21.25 8.68 2.14
N TYR B 113 -22.18 7.89 1.62
CA TYR B 113 -22.40 7.82 0.18
C TYR B 113 -23.67 8.48 -0.35
N GLY B 114 -24.62 8.75 0.54
CA GLY B 114 -25.86 9.41 0.12
C GLY B 114 -26.86 8.64 -0.72
N ILE B 115 -26.49 7.47 -1.22
CA ILE B 115 -27.41 6.70 -2.04
C ILE B 115 -28.27 5.75 -1.22
N ARG B 116 -29.58 5.86 -1.41
CA ARG B 116 -30.55 5.05 -0.70
C ARG B 116 -30.59 3.62 -1.25
N ASP B 117 -29.56 2.84 -0.96
CA ASP B 117 -29.50 1.46 -1.42
C ASP B 117 -30.22 0.59 -0.40
N PHE B 118 -29.46 -0.25 0.30
CA PHE B 118 -29.99 -1.15 1.32
C PHE B 118 -31.13 -2.04 0.84
N ARG B 119 -31.05 -3.33 1.18
CA ARG B 119 -32.08 -4.30 0.82
C ARG B 119 -31.95 -5.49 1.75
N GLY B 120 -32.79 -6.50 1.56
CA GLY B 120 -32.74 -7.67 2.41
C GLY B 120 -31.48 -8.49 2.18
N GLY B 121 -31.55 -9.78 2.50
CA GLY B 121 -30.40 -10.66 2.31
C GLY B 121 -29.40 -10.64 3.45
N GLY B 122 -29.88 -10.41 4.67
CA GLY B 122 -28.99 -10.38 5.81
C GLY B 122 -28.13 -9.13 5.84
N ARG B 123 -28.47 -8.17 4.98
CA ARG B 123 -27.78 -6.89 4.85
C ARG B 123 -26.25 -6.96 4.71
N SER B 124 -25.57 -5.98 5.29
CA SER B 124 -24.12 -5.85 5.26
C SER B 124 -23.31 -7.15 5.37
N SER B 125 -23.14 -7.64 6.60
CA SER B 125 -22.37 -8.86 6.85
C SER B 125 -22.94 -10.09 6.16
N ALA B 126 -22.72 -11.26 6.78
CA ALA B 126 -23.20 -12.53 6.24
C ALA B 126 -22.45 -12.88 4.97
N ARG B 127 -22.69 -12.10 3.91
CA ARG B 127 -22.03 -12.33 2.63
C ARG B 127 -20.52 -12.31 2.78
N GLU B 128 -20.00 -11.22 3.33
CA GLU B 128 -18.56 -11.07 3.52
C GLU B 128 -17.94 -12.22 4.28
N SER B 129 -18.63 -12.71 5.31
CA SER B 129 -18.12 -13.82 6.11
C SER B 129 -17.80 -15.02 5.24
N ALA B 130 -18.67 -15.25 4.25
CA ALA B 130 -18.46 -16.36 3.33
C ALA B 130 -17.10 -16.20 2.64
N ILE B 131 -16.82 -14.99 2.15
CA ILE B 131 -15.57 -14.71 1.46
C ILE B 131 -14.39 -14.88 2.40
N ARG B 132 -14.52 -14.34 3.60
CA ARG B 132 -13.46 -14.43 4.60
C ARG B 132 -13.16 -15.87 5.00
N VAL B 133 -14.19 -16.68 5.18
CA VAL B 133 -14.01 -18.07 5.56
C VAL B 133 -13.39 -18.88 4.43
N ALA B 134 -13.84 -18.63 3.20
CA ALA B 134 -13.30 -19.33 2.05
C ALA B 134 -11.82 -19.02 1.94
N ALA B 135 -11.48 -17.74 2.07
CA ALA B 135 -10.10 -17.28 1.98
C ALA B 135 -9.30 -17.88 3.14
N GLY B 136 -9.89 -17.88 4.32
CA GLY B 136 -9.22 -18.43 5.48
C GLY B 136 -8.79 -19.87 5.30
N ALA B 137 -9.57 -20.65 4.54
CA ALA B 137 -9.23 -22.05 4.32
C ALA B 137 -7.93 -22.16 3.55
N PHE B 138 -7.71 -21.29 2.57
CA PHE B 138 -6.48 -21.33 1.82
C PHE B 138 -5.32 -20.94 2.73
N ALA B 139 -5.54 -19.95 3.59
CA ALA B 139 -4.50 -19.51 4.50
C ALA B 139 -4.14 -20.68 5.42
N LYS B 140 -5.14 -21.44 5.85
CA LYS B 140 -4.91 -22.59 6.71
C LYS B 140 -4.06 -23.62 5.99
N MET B 141 -4.33 -23.83 4.71
CA MET B 141 -3.56 -24.76 3.90
C MET B 141 -2.08 -24.36 3.93
N LEU B 142 -1.83 -23.06 3.78
CA LEU B 142 -0.46 -22.56 3.81
C LEU B 142 0.19 -22.80 5.17
N LEU B 143 -0.51 -22.45 6.25
CA LEU B 143 0.01 -22.61 7.60
C LEU B 143 0.34 -24.05 8.00
N ARG B 144 -0.45 -24.99 7.50
CA ARG B 144 -0.24 -26.39 7.80
C ARG B 144 1.10 -26.86 7.24
N GLU B 145 1.48 -26.28 6.10
CA GLU B 145 2.75 -26.63 5.46
C GLU B 145 3.93 -26.43 6.39
N ILE B 146 3.75 -25.58 7.40
CA ILE B 146 4.82 -25.33 8.36
C ILE B 146 4.40 -25.64 9.80
N GLY B 147 3.41 -26.53 9.92
CA GLY B 147 2.94 -26.96 11.24
C GLY B 147 2.15 -26.03 12.12
N ILE B 148 1.45 -25.06 11.52
CA ILE B 148 0.65 -24.13 12.31
C ILE B 148 -0.84 -24.35 12.11
N VAL B 149 -1.59 -24.27 13.19
CA VAL B 149 -3.04 -24.46 13.13
C VAL B 149 -3.76 -23.37 13.92
N CYS B 150 -4.97 -23.04 13.46
CA CYS B 150 -5.80 -22.04 14.13
C CYS B 150 -7.10 -22.72 14.51
N GLU B 151 -7.61 -22.36 15.69
CA GLU B 151 -8.85 -22.93 16.20
C GLU B 151 -9.59 -21.88 17.00
N SER B 152 -10.87 -22.13 17.26
CA SER B 152 -11.66 -21.20 18.05
C SER B 152 -12.85 -21.90 18.70
N GLY B 153 -13.61 -21.12 19.46
CA GLY B 153 -14.76 -21.64 20.15
C GLY B 153 -15.41 -20.51 20.92
N ILE B 154 -16.57 -20.79 21.49
CA ILE B 154 -17.30 -19.82 22.28
C ILE B 154 -17.01 -20.03 23.77
N ILE B 155 -16.55 -18.98 24.44
CA ILE B 155 -16.25 -19.10 25.87
C ILE B 155 -17.30 -18.39 26.70
N GLU B 156 -18.19 -17.67 26.03
CA GLU B 156 -19.23 -16.95 26.75
C GLU B 156 -20.42 -16.56 25.88
N ILE B 157 -21.61 -16.72 26.43
CA ILE B 157 -22.85 -16.36 25.76
C ILE B 157 -23.77 -15.74 26.80
N GLY B 158 -24.19 -14.51 26.55
CA GLY B 158 -25.07 -13.85 27.50
C GLY B 158 -24.49 -13.79 28.90
N GLY B 159 -23.17 -13.71 29.01
CA GLY B 159 -22.55 -13.64 30.33
C GLY B 159 -22.20 -14.97 30.98
N ILE B 160 -22.71 -16.05 30.40
CA ILE B 160 -22.42 -17.37 30.94
C ILE B 160 -21.05 -17.78 30.41
N LYS B 161 -20.06 -17.81 31.30
CA LYS B 161 -18.68 -18.12 30.94
C LYS B 161 -18.22 -19.56 31.08
N ALA B 162 -17.33 -19.96 30.20
CA ALA B 162 -16.77 -21.30 30.22
C ALA B 162 -15.68 -21.31 31.29
N LYS B 163 -15.46 -22.46 31.91
CA LYS B 163 -14.44 -22.60 32.94
C LYS B 163 -13.29 -23.42 32.39
N ASN B 164 -13.63 -24.44 31.61
CA ASN B 164 -12.65 -25.31 30.98
C ASN B 164 -12.81 -25.17 29.47
N TYR B 165 -11.82 -25.63 28.71
CA TYR B 165 -11.89 -25.50 27.26
C TYR B 165 -11.58 -26.79 26.50
N ASP B 166 -12.50 -27.17 25.61
CA ASP B 166 -12.34 -28.36 24.79
C ASP B 166 -12.69 -27.98 23.35
N PHE B 167 -11.67 -27.65 22.56
CA PHE B 167 -11.89 -27.25 21.18
C PHE B 167 -12.52 -28.35 20.33
N ASN B 168 -12.29 -29.61 20.69
CA ASN B 168 -12.88 -30.72 19.94
C ASN B 168 -14.38 -30.73 20.21
N HIS B 169 -14.74 -30.43 21.45
CA HIS B 169 -16.15 -30.41 21.83
C HIS B 169 -16.88 -29.27 21.15
N ALA B 170 -16.19 -28.14 20.99
CA ALA B 170 -16.79 -26.99 20.34
C ALA B 170 -17.14 -27.33 18.90
N LEU B 171 -16.26 -28.09 18.25
CA LEU B 171 -16.46 -28.50 16.85
C LEU B 171 -17.82 -29.13 16.57
N LYS B 172 -18.23 -30.09 17.39
CA LYS B 172 -19.51 -30.75 17.16
C LYS B 172 -20.64 -30.14 17.99
N SER B 173 -20.40 -28.97 18.58
CA SER B 173 -21.41 -28.30 19.38
C SER B 173 -22.28 -27.38 18.53
N GLU B 174 -23.58 -27.39 18.82
CA GLU B 174 -24.53 -26.56 18.09
C GLU B 174 -24.21 -25.08 18.24
N ILE B 175 -23.49 -24.74 19.30
CA ILE B 175 -23.11 -23.35 19.54
C ILE B 175 -21.61 -23.19 19.74
N PHE B 176 -20.85 -24.17 19.26
CA PHE B 176 -19.39 -24.14 19.36
C PHE B 176 -18.90 -23.91 20.78
N ALA B 177 -19.68 -24.34 21.76
CA ALA B 177 -19.32 -24.18 23.17
C ALA B 177 -18.04 -24.92 23.52
N LEU B 178 -17.16 -24.25 24.25
CA LEU B 178 -15.89 -24.85 24.67
C LEU B 178 -16.00 -25.59 26.00
N ASP B 179 -17.05 -25.32 26.76
CA ASP B 179 -17.27 -25.96 28.05
C ASP B 179 -18.60 -26.70 28.04
N GLU B 180 -18.55 -28.02 27.87
CA GLU B 180 -19.76 -28.84 27.83
C GLU B 180 -20.59 -28.72 29.10
N GLU B 181 -19.96 -28.32 30.20
CA GLU B 181 -20.66 -28.19 31.47
C GLU B 181 -21.43 -26.88 31.60
N GLN B 182 -21.20 -25.96 30.65
CA GLN B 182 -21.88 -24.67 30.66
C GLN B 182 -22.73 -24.54 29.40
N GLU B 183 -22.56 -25.48 28.48
CA GLU B 183 -23.27 -25.47 27.22
C GLU B 183 -24.80 -25.35 27.34
N GLU B 184 -25.40 -26.21 28.15
CA GLU B 184 -26.86 -26.16 28.32
C GLU B 184 -27.35 -24.81 28.82
N ALA B 185 -26.65 -24.22 29.77
CA ALA B 185 -27.04 -22.92 30.29
C ALA B 185 -26.95 -21.89 29.18
N GLN B 186 -25.90 -21.98 28.39
CA GLN B 186 -25.69 -21.05 27.28
C GLN B 186 -26.79 -21.22 26.23
N LYS B 187 -27.15 -22.47 25.95
CA LYS B 187 -28.20 -22.75 24.97
C LYS B 187 -29.54 -22.20 25.45
N THR B 188 -29.79 -22.31 26.76
CA THR B 188 -31.03 -21.82 27.34
C THR B 188 -31.12 -20.30 27.20
N ALA B 189 -29.98 -19.62 27.33
CA ALA B 189 -29.93 -18.18 27.21
C ALA B 189 -30.32 -17.79 25.78
N ILE B 190 -29.91 -18.60 24.83
CA ILE B 190 -30.22 -18.37 23.42
C ILE B 190 -31.71 -18.58 23.18
N GLN B 191 -32.25 -19.67 23.71
CA GLN B 191 -33.66 -19.97 23.55
C GLN B 191 -34.55 -18.87 24.12
N ASN B 192 -34.11 -18.28 25.23
CA ASN B 192 -34.85 -17.21 25.86
C ASN B 192 -34.84 -15.98 24.96
N ALA B 193 -33.71 -15.75 24.30
CA ALA B 193 -33.57 -14.62 23.39
C ALA B 193 -34.59 -14.76 22.26
N ILE B 194 -34.59 -15.93 21.62
CA ILE B 194 -35.51 -16.20 20.53
C ILE B 194 -36.96 -16.03 21.00
N LYS B 195 -37.21 -16.52 22.21
CA LYS B 195 -38.53 -16.45 22.82
C LYS B 195 -39.01 -15.01 23.00
N ASN B 196 -38.14 -14.17 23.52
CA ASN B 196 -38.47 -12.76 23.75
C ASN B 196 -38.16 -11.90 22.54
N HIS B 197 -37.87 -12.54 21.41
CA HIS B 197 -37.55 -11.80 20.18
C HIS B 197 -36.43 -10.80 20.47
N ASP B 198 -35.37 -11.27 21.11
CA ASP B 198 -34.23 -10.41 21.44
C ASP B 198 -32.94 -11.11 21.03
N SER B 199 -31.81 -10.53 21.41
CA SER B 199 -30.51 -11.11 21.08
C SER B 199 -29.55 -10.89 22.24
N ILE B 200 -28.49 -11.70 22.28
CA ILE B 200 -27.50 -11.60 23.35
C ILE B 200 -26.09 -11.54 22.79
N GLY B 201 -25.17 -10.99 23.56
CA GLY B 201 -23.80 -10.88 23.12
C GLY B 201 -23.02 -12.15 23.46
N GLY B 202 -21.78 -12.21 23.01
CA GLY B 202 -20.97 -13.37 23.28
C GLY B 202 -19.50 -13.05 23.13
N VAL B 203 -18.65 -14.00 23.53
CA VAL B 203 -17.21 -13.82 23.45
C VAL B 203 -16.60 -15.05 22.80
N ALA B 204 -15.85 -14.84 21.73
CA ALA B 204 -15.19 -15.94 21.06
C ALA B 204 -13.73 -15.97 21.48
N LEU B 205 -13.17 -17.17 21.52
CA LEU B 205 -11.77 -17.36 21.89
C LEU B 205 -11.09 -17.97 20.66
N ILE B 206 -10.03 -17.34 20.19
CA ILE B 206 -9.32 -17.85 19.02
C ILE B 206 -7.89 -18.15 19.43
N ARG B 207 -7.38 -19.29 18.96
CA ARG B 207 -6.03 -19.69 19.29
C ARG B 207 -5.26 -20.22 18.08
N ALA B 208 -3.95 -19.99 18.09
CA ALA B 208 -3.05 -20.47 17.05
C ALA B 208 -1.99 -21.22 17.82
N ARG B 209 -1.60 -22.39 17.31
CA ARG B 209 -0.60 -23.20 17.97
C ARG B 209 0.10 -24.09 16.97
N SER B 210 1.23 -24.67 17.39
CA SER B 210 1.98 -25.56 16.53
C SER B 210 1.35 -26.94 16.62
N ILE B 211 1.22 -27.62 15.48
CA ILE B 211 0.61 -28.95 15.45
C ILE B 211 1.35 -29.92 16.37
N LYS B 212 2.67 -29.88 16.33
CA LYS B 212 3.47 -30.76 17.18
C LYS B 212 3.30 -30.38 18.65
N THR B 213 3.01 -31.38 19.48
CA THR B 213 2.82 -31.16 20.92
C THR B 213 3.99 -30.43 21.57
N ASN B 214 3.66 -29.42 22.36
CA ASN B 214 4.67 -28.62 23.04
C ASN B 214 5.74 -28.08 22.11
N GLN B 215 5.36 -27.92 20.84
CA GLN B 215 6.27 -27.38 19.83
C GLN B 215 5.87 -25.92 19.71
N LYS B 216 6.85 -25.02 19.68
CA LYS B 216 6.57 -23.60 19.61
C LYS B 216 6.30 -23.06 18.21
N LEU B 217 5.49 -22.01 18.15
CA LEU B 217 5.18 -21.36 16.88
C LEU B 217 6.43 -20.58 16.50
N PRO B 218 6.55 -20.18 15.23
CA PRO B 218 7.74 -19.41 14.84
C PRO B 218 7.89 -18.18 15.74
N ILE B 219 9.11 -17.85 16.09
CA ILE B 219 9.36 -16.68 16.93
C ILE B 219 9.79 -15.49 16.07
N GLY B 220 9.10 -14.38 16.23
CA GLY B 220 9.46 -13.20 15.45
C GLY B 220 8.45 -12.78 14.40
N LEU B 221 7.28 -13.40 14.38
CA LEU B 221 6.26 -13.01 13.43
C LEU B 221 5.75 -11.65 13.89
N GLY B 222 5.67 -10.71 12.94
CA GLY B 222 5.25 -9.35 13.24
C GLY B 222 6.22 -8.49 12.44
N GLN B 223 5.77 -7.36 11.90
CA GLN B 223 6.64 -6.51 11.09
C GLN B 223 6.82 -5.05 11.52
N GLY B 224 8.01 -4.75 12.03
CA GLY B 224 8.32 -3.39 12.45
C GLY B 224 7.35 -2.81 13.46
N LEU B 225 7.38 -1.49 13.59
CA LEU B 225 6.55 -0.76 14.54
C LEU B 225 5.08 -0.61 14.15
N TYR B 226 4.79 -0.46 12.87
CA TYR B 226 3.41 -0.26 12.45
C TYR B 226 2.67 -1.43 11.80
N ALA B 227 3.24 -2.62 11.91
CA ALA B 227 2.61 -3.83 11.39
C ALA B 227 2.90 -4.95 12.40
N LYS B 228 2.79 -4.62 13.68
CA LYS B 228 3.02 -5.61 14.74
C LYS B 228 1.95 -6.69 14.64
N LEU B 229 2.29 -7.89 15.11
CA LEU B 229 1.37 -9.02 15.07
C LEU B 229 0.09 -8.78 15.85
N ASP B 230 0.19 -8.26 17.07
CA ASP B 230 -1.01 -8.02 17.85
C ASP B 230 -1.83 -6.88 17.25
N ALA B 231 -1.14 -5.90 16.68
CA ALA B 231 -1.82 -4.76 16.06
C ALA B 231 -2.67 -5.22 14.87
N LYS B 232 -2.09 -6.08 14.03
CA LYS B 232 -2.81 -6.59 12.86
C LYS B 232 -3.94 -7.55 13.24
N ILE B 233 -3.76 -8.31 14.31
CA ILE B 233 -4.80 -9.22 14.76
C ILE B 233 -5.97 -8.34 15.22
N ALA B 234 -5.67 -7.31 16.00
CA ALA B 234 -6.70 -6.40 16.51
C ALA B 234 -7.43 -5.73 15.36
N GLU B 235 -6.69 -5.35 14.33
CA GLU B 235 -7.27 -4.69 13.17
C GLU B 235 -8.30 -5.58 12.48
N ALA B 236 -7.92 -6.83 12.20
CA ALA B 236 -8.81 -7.76 11.52
C ALA B 236 -10.05 -8.05 12.36
N MET B 237 -9.84 -8.37 13.62
CA MET B 237 -10.96 -8.69 14.52
C MET B 237 -11.92 -7.54 14.74
N MET B 238 -11.39 -6.38 15.10
CA MET B 238 -12.24 -5.22 15.35
C MET B 238 -12.99 -4.84 14.09
N GLY B 239 -12.45 -5.21 12.94
CA GLY B 239 -13.09 -4.90 11.67
C GLY B 239 -14.29 -5.77 11.40
N LEU B 240 -14.50 -6.81 12.23
CA LEU B 240 -15.64 -7.69 12.05
C LEU B 240 -16.89 -7.03 12.60
N ASN B 241 -17.96 -7.05 11.81
CA ASN B 241 -19.20 -6.43 12.24
C ASN B 241 -19.69 -7.06 13.54
N GLY B 242 -19.99 -6.21 14.53
CA GLY B 242 -20.46 -6.69 15.82
C GLY B 242 -19.38 -6.70 16.89
N VAL B 243 -18.12 -6.65 16.48
CA VAL B 243 -17.02 -6.67 17.45
C VAL B 243 -16.81 -5.30 18.09
N LYS B 244 -16.79 -5.24 19.42
CA LYS B 244 -16.59 -3.98 20.12
C LYS B 244 -15.33 -3.96 20.99
N ALA B 245 -14.66 -5.10 21.10
CA ALA B 245 -13.45 -5.21 21.90
C ALA B 245 -12.62 -6.42 21.47
N VAL B 246 -11.31 -6.29 21.61
CA VAL B 246 -10.38 -7.36 21.27
C VAL B 246 -9.33 -7.40 22.36
N GLU B 247 -9.04 -8.60 22.87
CA GLU B 247 -8.03 -8.79 23.91
C GLU B 247 -6.98 -9.78 23.43
N ILE B 248 -5.74 -9.58 23.85
CA ILE B 248 -4.65 -10.49 23.52
C ILE B 248 -4.16 -11.05 24.86
N GLY B 249 -4.15 -12.37 25.00
CA GLY B 249 -3.69 -12.98 26.23
C GLY B 249 -4.50 -12.52 27.45
N LYS B 250 -3.79 -12.13 28.51
CA LYS B 250 -4.41 -11.67 29.75
C LYS B 250 -5.43 -10.54 29.48
N GLY B 251 -5.25 -9.86 28.36
CA GLY B 251 -6.17 -8.79 27.97
C GLY B 251 -6.56 -7.76 28.99
N VAL B 252 -7.86 -7.57 29.18
CA VAL B 252 -8.34 -6.56 30.12
C VAL B 252 -7.99 -6.85 31.58
N GLU B 253 -7.58 -8.07 31.88
CA GLU B 253 -7.18 -8.40 33.25
C GLU B 253 -5.76 -7.91 33.51
N SER B 254 -5.03 -7.62 32.45
CA SER B 254 -3.65 -7.13 32.56
C SER B 254 -3.58 -5.80 33.31
N SER B 255 -4.54 -4.93 33.05
CA SER B 255 -4.59 -3.61 33.68
C SER B 255 -4.87 -3.68 35.18
N LEU B 256 -5.24 -4.86 35.66
CA LEU B 256 -5.56 -5.07 37.07
C LEU B 256 -4.43 -5.75 37.84
N LEU B 257 -3.34 -6.06 37.15
CA LEU B 257 -2.21 -6.74 37.78
C LEU B 257 -1.02 -5.84 38.08
N LYS B 258 -0.12 -6.34 38.92
CA LYS B 258 1.09 -5.61 39.27
C LYS B 258 2.23 -6.29 38.53
N GLY B 259 3.32 -5.55 38.29
CA GLY B 259 4.45 -6.13 37.58
C GLY B 259 4.89 -7.43 38.22
N SER B 260 5.00 -7.43 39.54
CA SER B 260 5.43 -8.62 40.27
C SER B 260 4.47 -9.79 40.03
N GLU B 261 3.20 -9.48 39.83
CA GLU B 261 2.20 -10.51 39.55
C GLU B 261 2.31 -10.94 38.10
N TYR B 262 2.24 -9.96 37.20
CA TYR B 262 2.33 -10.18 35.77
C TYR B 262 3.73 -10.64 35.36
N ASN B 263 4.46 -9.78 34.68
CA ASN B 263 5.82 -10.05 34.21
C ASN B 263 6.17 -11.52 33.97
N ASP B 264 6.32 -11.88 32.70
CA ASP B 264 6.64 -13.25 32.32
C ASP B 264 8.15 -13.47 32.36
N LEU B 265 8.56 -14.73 32.27
CA LEU B 265 9.97 -15.09 32.31
C LEU B 265 10.26 -16.16 31.24
N MET B 266 11.53 -16.45 31.01
CA MET B 266 11.92 -17.44 30.01
C MET B 266 12.91 -18.48 30.52
N ASP B 267 13.59 -19.15 29.59
CA ASP B 267 14.56 -20.17 29.92
C ASP B 267 15.48 -20.45 28.73
N GLN B 268 14.96 -21.19 27.75
CA GLN B 268 15.73 -21.53 26.55
C GLN B 268 14.85 -21.71 25.31
N LYS B 269 13.54 -21.81 25.53
CA LYS B 269 12.60 -21.99 24.43
C LYS B 269 11.51 -20.93 24.44
N GLY B 270 10.29 -21.33 24.79
CA GLY B 270 9.18 -20.40 24.84
C GLY B 270 8.63 -20.23 26.23
N PHE B 271 8.19 -19.02 26.56
CA PHE B 271 7.64 -18.69 27.88
C PHE B 271 6.72 -19.76 28.46
N LEU B 272 6.43 -19.64 29.75
CA LEU B 272 5.56 -20.59 30.44
C LEU B 272 4.15 -20.00 30.49
N SER B 273 3.91 -19.13 31.47
CA SER B 273 2.61 -18.50 31.61
C SER B 273 2.33 -17.71 30.35
N ASN B 274 1.19 -17.97 29.73
CA ASN B 274 0.84 -17.29 28.49
C ASN B 274 -0.04 -16.06 28.69
N ARG B 275 0.43 -15.13 29.51
CA ARG B 275 -0.32 -13.91 29.75
C ARG B 275 -0.11 -12.96 28.57
N SER B 276 1.02 -13.13 27.89
CA SER B 276 1.33 -12.31 26.72
C SER B 276 0.38 -12.70 25.59
N GLY B 277 -0.16 -13.91 25.68
CA GLY B 277 -1.06 -14.38 24.65
C GLY B 277 -0.30 -14.67 23.36
N GLY B 278 0.97 -15.04 23.50
CA GLY B 278 1.79 -15.37 22.35
C GLY B 278 2.44 -14.20 21.61
N VAL B 279 2.21 -12.98 22.08
CA VAL B 279 2.77 -11.81 21.42
C VAL B 279 3.50 -10.90 22.41
N LEU B 280 4.79 -10.73 22.19
CA LEU B 280 5.62 -9.91 23.05
C LEU B 280 6.38 -8.88 22.23
N GLY B 281 6.25 -7.61 22.60
CA GLY B 281 6.94 -6.56 21.88
C GLY B 281 6.45 -6.46 20.46
N GLY B 282 5.20 -6.84 20.23
CA GLY B 282 4.63 -6.78 18.89
C GLY B 282 4.94 -7.99 18.03
N MET B 283 5.76 -8.90 18.54
CA MET B 283 6.13 -10.09 17.78
C MET B 283 5.78 -11.39 18.50
N SER B 284 5.61 -12.45 17.72
CA SER B 284 5.28 -13.75 18.30
C SER B 284 6.46 -14.20 19.16
N ASN B 285 6.17 -14.71 20.35
CA ASN B 285 7.25 -15.17 21.23
C ASN B 285 7.38 -16.68 21.25
N GLY B 286 6.53 -17.35 20.46
CA GLY B 286 6.59 -18.80 20.39
C GLY B 286 5.46 -19.48 21.13
N GLU B 287 4.85 -18.79 22.08
CA GLU B 287 3.75 -19.37 22.83
C GLU B 287 2.47 -19.33 22.01
N GLU B 288 1.45 -20.05 22.45
CA GLU B 288 0.18 -20.06 21.74
C GLU B 288 -0.36 -18.64 21.65
N ILE B 289 -0.96 -18.32 20.52
CA ILE B 289 -1.55 -17.01 20.33
C ILE B 289 -2.99 -17.11 20.80
N ILE B 290 -3.32 -16.31 21.82
CA ILE B 290 -4.66 -16.33 22.41
C ILE B 290 -5.38 -15.01 22.21
N VAL B 291 -6.54 -15.08 21.57
CA VAL B 291 -7.32 -13.89 21.27
C VAL B 291 -8.77 -14.01 21.73
N ARG B 292 -9.26 -12.95 22.38
CA ARG B 292 -10.65 -12.89 22.83
C ARG B 292 -11.33 -11.77 22.07
N VAL B 293 -12.47 -12.09 21.47
CA VAL B 293 -13.24 -11.13 20.68
C VAL B 293 -14.63 -10.98 21.28
N HIS B 294 -15.02 -9.75 21.60
CA HIS B 294 -16.33 -9.47 22.18
C HIS B 294 -17.36 -8.97 21.18
N PHE B 295 -18.48 -9.69 21.07
CA PHE B 295 -19.55 -9.28 20.15
C PHE B 295 -20.73 -8.67 20.88
N LYS B 296 -21.26 -7.59 20.32
CA LYS B 296 -22.43 -6.94 20.89
C LYS B 296 -23.60 -7.85 20.46
N PRO B 297 -24.78 -7.71 21.09
CA PRO B 297 -25.90 -8.55 20.68
C PRO B 297 -26.34 -8.22 19.28
N THR B 298 -26.91 -9.19 18.58
CA THR B 298 -27.39 -9.01 17.21
C THR B 298 -28.29 -7.77 17.11
N PRO B 299 -28.00 -6.88 16.12
CA PRO B 299 -28.78 -5.66 15.90
C PRO B 299 -30.27 -5.85 15.60
N SER B 300 -30.58 -6.77 14.69
CA SER B 300 -31.98 -6.99 14.32
C SER B 300 -32.75 -7.86 15.31
N ILE B 301 -33.82 -7.29 15.84
CA ILE B 301 -34.69 -7.98 16.79
C ILE B 301 -36.14 -7.68 16.44
N PHE B 302 -37.02 -8.66 16.65
CA PHE B 302 -38.44 -8.50 16.35
C PHE B 302 -39.12 -7.70 17.46
N GLN B 303 -38.78 -6.42 17.55
CA GLN B 303 -39.35 -5.54 18.56
C GLN B 303 -39.45 -4.12 18.01
N PRO B 304 -40.45 -3.35 18.50
CA PRO B 304 -40.63 -1.98 18.03
C PRO B 304 -39.54 -1.04 18.57
N GLN B 305 -38.71 -0.52 17.67
CA GLN B 305 -37.63 0.37 18.06
C GLN B 305 -37.84 1.75 17.48
N ARG B 306 -37.61 2.78 18.29
CA ARG B 306 -37.76 4.17 17.83
C ARG B 306 -36.55 4.56 17.00
N THR B 307 -36.80 5.24 15.88
CA THR B 307 -35.72 5.70 15.01
C THR B 307 -36.28 6.66 13.98
N ILE B 308 -35.45 7.06 13.03
CA ILE B 308 -35.87 8.00 11.99
C ILE B 308 -35.73 7.38 10.61
N ASP B 309 -36.27 8.06 9.60
CA ASP B 309 -36.19 7.59 8.22
C ASP B 309 -35.24 8.47 7.42
N ILE B 310 -35.13 8.18 6.13
CA ILE B 310 -34.25 8.92 5.24
C ILE B 310 -34.55 10.42 5.22
N ASN B 311 -35.80 10.77 5.54
CA ASN B 311 -36.21 12.17 5.55
C ASN B 311 -35.96 12.83 6.91
N GLY B 312 -35.83 12.03 7.95
CA GLY B 312 -35.59 12.56 9.28
C GLY B 312 -36.78 12.49 10.21
N ASN B 313 -37.93 12.11 9.66
CA ASN B 313 -39.15 11.99 10.45
C ASN B 313 -39.10 10.79 11.39
N GLU B 314 -39.56 10.98 12.62
CA GLU B 314 -39.57 9.89 13.59
C GLU B 314 -40.53 8.80 13.15
N CYS B 315 -40.10 7.55 13.26
CA CYS B 315 -40.92 6.42 12.88
C CYS B 315 -40.57 5.17 13.69
N GLU B 316 -41.36 4.12 13.54
CA GLU B 316 -41.14 2.88 14.27
C GLU B 316 -40.50 1.79 13.43
N CYS B 317 -39.47 1.16 13.98
CA CYS B 317 -38.78 0.09 13.29
C CYS B 317 -39.21 -1.24 13.90
N LEU B 318 -39.94 -2.02 13.12
CA LEU B 318 -40.43 -3.32 13.58
C LEU B 318 -39.99 -4.39 12.58
N LEU B 319 -38.88 -5.04 12.87
CA LEU B 319 -38.33 -6.07 11.98
C LEU B 319 -38.94 -7.44 12.25
N LYS B 320 -39.93 -7.82 11.43
CA LYS B 320 -40.59 -9.11 11.58
C LYS B 320 -39.68 -10.26 11.17
N GLY B 321 -40.11 -11.48 11.48
CA GLY B 321 -39.33 -12.65 11.12
C GLY B 321 -38.34 -13.13 12.16
N ARG B 322 -37.62 -14.19 11.82
CA ARG B 322 -36.61 -14.76 12.70
C ARG B 322 -35.27 -14.08 12.46
N HIS B 323 -34.47 -13.94 13.51
CA HIS B 323 -33.17 -13.31 13.39
C HIS B 323 -32.13 -14.08 14.21
N ASP B 324 -30.86 -13.86 13.90
CA ASP B 324 -29.78 -14.53 14.60
C ASP B 324 -29.77 -14.01 16.03
N PRO B 325 -30.02 -14.88 17.02
CA PRO B 325 -30.03 -14.45 18.42
C PRO B 325 -28.65 -14.15 19.03
N CYS B 326 -27.59 -14.62 18.37
CA CYS B 326 -26.24 -14.41 18.87
C CYS B 326 -25.19 -14.55 17.76
N ILE B 327 -24.81 -13.42 17.15
CA ILE B 327 -23.83 -13.43 16.07
C ILE B 327 -22.44 -13.88 16.46
N ALA B 328 -22.12 -13.88 17.75
CA ALA B 328 -20.81 -14.31 18.22
C ALA B 328 -20.52 -15.74 17.77
N ILE B 329 -21.56 -16.57 17.74
CA ILE B 329 -21.40 -17.96 17.34
C ILE B 329 -20.81 -18.07 15.93
N ARG B 330 -21.49 -17.54 14.93
CA ARG B 330 -20.96 -17.58 13.57
C ARG B 330 -19.71 -16.71 13.48
N GLY B 331 -19.67 -15.64 14.29
CA GLY B 331 -18.52 -14.75 14.28
C GLY B 331 -17.24 -15.42 14.72
N SER B 332 -17.34 -16.40 15.62
CA SER B 332 -16.16 -17.10 16.10
C SER B 332 -15.42 -17.79 14.96
N VAL B 333 -16.17 -18.38 14.03
CA VAL B 333 -15.59 -19.06 12.89
C VAL B 333 -14.89 -18.06 11.97
N VAL B 334 -15.49 -16.89 11.78
CA VAL B 334 -14.91 -15.87 10.92
C VAL B 334 -13.62 -15.35 11.54
N CYS B 335 -13.62 -15.16 12.86
CA CYS B 335 -12.43 -14.69 13.56
C CYS B 335 -11.29 -15.69 13.41
N GLU B 336 -11.65 -16.96 13.37
CA GLU B 336 -10.67 -18.02 13.22
C GLU B 336 -10.02 -17.89 11.84
N SER B 337 -10.86 -17.64 10.84
CA SER B 337 -10.37 -17.48 9.47
C SER B 337 -9.46 -16.25 9.35
N LEU B 338 -9.85 -15.16 9.99
CA LEU B 338 -9.07 -13.94 9.94
C LEU B 338 -7.70 -14.11 10.61
N LEU B 339 -7.66 -14.85 11.71
CA LEU B 339 -6.38 -15.08 12.37
C LEU B 339 -5.47 -15.87 11.43
N ALA B 340 -6.06 -16.82 10.69
CA ALA B 340 -5.30 -17.63 9.75
C ALA B 340 -4.72 -16.75 8.65
N LEU B 341 -5.54 -15.83 8.14
CA LEU B 341 -5.11 -14.91 7.08
C LEU B 341 -4.00 -13.99 7.55
N VAL B 342 -4.15 -13.42 8.75
CA VAL B 342 -3.14 -12.52 9.31
C VAL B 342 -1.83 -13.26 9.56
N LEU B 343 -1.92 -14.41 10.21
CA LEU B 343 -0.75 -15.22 10.52
C LEU B 343 -0.02 -15.66 9.25
N ALA B 344 -0.76 -16.09 8.24
CA ALA B 344 -0.14 -16.54 7.00
C ALA B 344 0.60 -15.38 6.33
N ASP B 345 0.01 -14.18 6.40
CA ASP B 345 0.60 -12.98 5.82
C ASP B 345 1.93 -12.71 6.53
N MET B 346 1.92 -12.81 7.86
CA MET B 346 3.11 -12.57 8.66
C MET B 346 4.21 -13.60 8.40
N VAL B 347 3.80 -14.85 8.16
CA VAL B 347 4.76 -15.91 7.88
C VAL B 347 5.51 -15.58 6.59
N LEU B 348 4.78 -15.05 5.61
CA LEU B 348 5.37 -14.69 4.32
C LEU B 348 6.25 -13.45 4.44
N LEU B 349 5.77 -12.42 5.14
CA LEU B 349 6.55 -11.20 5.32
C LEU B 349 7.86 -11.50 6.06
N ASN B 350 7.82 -12.43 7.00
CA ASN B 350 9.01 -12.79 7.78
C ASN B 350 10.15 -13.42 6.97
N LEU B 351 9.83 -13.96 5.78
CA LEU B 351 10.85 -14.57 4.92
C LEU B 351 11.99 -13.61 4.51
N THR B 352 11.75 -12.31 4.63
CA THR B 352 12.72 -11.29 4.24
C THR B 352 13.66 -10.83 5.37
N SER B 353 13.43 -11.33 6.57
CA SER B 353 14.20 -10.89 7.75
C SER B 353 15.71 -11.01 7.82
N LYS B 354 16.25 -12.19 7.50
CA LYS B 354 17.69 -12.41 7.57
C LYS B 354 18.30 -12.61 6.19
N ILE B 355 19.48 -12.04 5.97
CA ILE B 355 20.15 -12.18 4.69
C ILE B 355 20.41 -13.66 4.39
N GLU B 356 20.56 -14.47 5.44
CA GLU B 356 20.82 -15.90 5.24
C GLU B 356 19.64 -16.53 4.51
N TYR B 357 18.45 -15.99 4.73
CA TYR B 357 17.25 -16.51 4.06
C TYR B 357 17.39 -16.31 2.55
N LEU B 358 17.80 -15.11 2.15
CA LEU B 358 17.97 -14.79 0.74
C LEU B 358 19.06 -15.66 0.12
N LYS B 359 20.18 -15.79 0.82
CA LYS B 359 21.29 -16.59 0.32
C LYS B 359 20.88 -18.04 0.12
N THR B 360 20.18 -18.61 1.10
CA THR B 360 19.72 -19.99 1.01
C THR B 360 18.79 -20.21 -0.18
N ILE B 361 17.96 -19.22 -0.48
CA ILE B 361 17.03 -19.34 -1.58
C ILE B 361 17.66 -19.08 -2.95
N TYR B 362 18.46 -18.01 -3.04
CA TYR B 362 19.09 -17.64 -4.30
C TYR B 362 20.45 -18.29 -4.63
N ASN B 363 21.35 -18.30 -3.67
CA ASN B 363 22.69 -18.87 -3.89
C ASN B 363 22.75 -20.38 -3.80
N GLU B 364 21.72 -20.99 -3.23
CA GLU B 364 21.67 -22.44 -3.11
C GLU B 364 20.48 -23.02 -3.88
N ASN B 365 20.36 -22.60 -5.14
CA ASN B 365 19.28 -23.05 -6.00
C ASN B 365 19.42 -22.44 -7.40
N MET C 1 7.29 -2.73 8.93
CA MET C 1 6.51 -1.58 8.35
C MET C 1 6.73 -0.36 9.23
N ASN C 2 7.43 0.64 8.70
CA ASN C 2 7.72 1.85 9.46
C ASN C 2 6.84 3.04 9.08
N THR C 3 5.71 2.76 8.46
CA THR C 3 4.77 3.82 8.07
C THR C 3 3.37 3.55 8.64
N LEU C 4 2.75 4.59 9.19
CA LEU C 4 1.41 4.50 9.73
C LEU C 4 0.52 5.37 8.84
N GLY C 5 -0.63 4.85 8.40
CA GLY C 5 -1.52 5.67 7.59
C GLY C 5 -1.53 5.39 6.10
N ARG C 6 -2.62 5.82 5.45
CA ARG C 6 -2.82 5.62 4.02
C ARG C 6 -2.60 6.90 3.18
N PHE C 7 -3.31 7.98 3.55
CA PHE C 7 -3.20 9.27 2.88
C PHE C 7 -2.28 10.18 3.71
N LEU C 8 -2.54 10.25 5.02
CA LEU C 8 -1.68 11.02 5.90
C LEU C 8 -0.76 9.92 6.44
N ARG C 9 0.45 9.85 5.90
CA ARG C 9 1.40 8.79 6.25
C ARG C 9 2.59 9.22 7.11
N LEU C 10 2.68 8.65 8.31
CA LEU C 10 3.79 8.92 9.22
C LEU C 10 4.83 7.81 9.09
N THR C 11 6.07 8.19 8.75
CA THR C 11 7.13 7.20 8.62
C THR C 11 8.24 7.51 9.63
N THR C 12 8.69 6.49 10.34
CA THR C 12 9.72 6.69 11.35
C THR C 12 11.08 6.13 10.99
N PHE C 13 12.12 6.70 11.59
CA PHE C 13 13.50 6.25 11.38
C PHE C 13 13.72 4.96 12.16
N GLY C 14 12.73 4.60 12.97
CA GLY C 14 12.81 3.37 13.74
C GLY C 14 13.73 3.45 14.94
N GLU C 15 13.85 2.33 15.65
CA GLU C 15 14.68 2.24 16.83
C GLU C 15 16.10 2.75 16.59
N SER C 16 16.56 3.61 17.49
CA SER C 16 17.89 4.19 17.39
C SER C 16 18.40 4.61 18.77
N HIS C 17 19.65 4.27 19.06
CA HIS C 17 20.26 4.63 20.35
C HIS C 17 21.17 5.84 20.23
N GLY C 18 21.01 6.61 19.17
CA GLY C 18 21.83 7.80 18.97
C GLY C 18 21.20 9.01 19.63
N ASP C 19 21.70 10.20 19.31
CA ASP C 19 21.18 11.43 19.90
C ASP C 19 20.04 12.04 19.09
N VAL C 20 19.76 11.47 17.92
CA VAL C 20 18.70 12.01 17.08
C VAL C 20 17.75 10.95 16.51
N ILE C 21 16.46 11.26 16.57
CA ILE C 21 15.42 10.38 16.04
C ILE C 21 14.64 11.21 15.04
N GLY C 22 14.32 10.63 13.89
CA GLY C 22 13.59 11.37 12.88
C GLY C 22 12.32 10.72 12.40
N GLY C 23 11.47 11.54 11.79
CA GLY C 23 10.22 11.05 11.27
C GLY C 23 9.78 12.01 10.19
N VAL C 24 8.82 11.60 9.38
CA VAL C 24 8.32 12.47 8.33
C VAL C 24 6.83 12.23 8.17
N LEU C 25 6.08 13.31 8.11
CA LEU C 25 4.63 13.23 7.95
C LEU C 25 4.28 13.68 6.55
N ASP C 26 3.81 12.73 5.75
CA ASP C 26 3.44 12.96 4.35
C ASP C 26 1.91 13.03 4.23
N GLY C 27 1.41 13.92 3.38
CA GLY C 27 -0.03 14.01 3.17
C GLY C 27 -0.78 15.18 3.79
N MET C 28 -0.08 16.08 4.46
CA MET C 28 -0.72 17.24 5.07
C MET C 28 -1.15 18.22 3.96
N PRO C 29 -2.43 18.62 3.96
CA PRO C 29 -2.87 19.57 2.93
C PRO C 29 -2.06 20.86 3.14
N SER C 30 -1.90 21.64 2.07
CA SER C 30 -1.15 22.89 2.19
C SER C 30 -2.05 23.96 2.80
N GLY C 31 -1.45 25.01 3.36
CA GLY C 31 -2.22 26.09 3.92
C GLY C 31 -2.61 25.96 5.39
N ILE C 32 -2.12 24.93 6.06
CA ILE C 32 -2.45 24.74 7.47
C ILE C 32 -1.42 25.49 8.30
N LYS C 33 -1.89 26.39 9.18
CA LYS C 33 -0.97 27.15 10.01
C LYS C 33 -0.34 26.20 11.03
N ILE C 34 0.99 26.26 11.14
CA ILE C 34 1.70 25.40 12.08
C ILE C 34 1.64 25.99 13.48
N ASP C 35 0.95 25.30 14.38
CA ASP C 35 0.80 25.75 15.76
C ASP C 35 1.98 25.26 16.59
N TYR C 36 3.07 26.04 16.57
CA TYR C 36 4.26 25.69 17.32
C TYR C 36 3.98 25.51 18.81
N ALA C 37 3.10 26.34 19.36
CA ALA C 37 2.76 26.25 20.77
C ALA C 37 2.10 24.91 21.09
N LEU C 38 1.21 24.47 20.20
CA LEU C 38 0.53 23.19 20.38
C LEU C 38 1.56 22.06 20.36
N LEU C 39 2.43 22.08 19.35
CA LEU C 39 3.46 21.06 19.22
C LEU C 39 4.31 21.03 20.47
N GLU C 40 4.74 22.20 20.92
CA GLU C 40 5.57 22.28 22.12
C GLU C 40 4.81 21.73 23.34
N ASN C 41 3.54 22.11 23.49
CA ASN C 41 2.78 21.63 24.63
C ASN C 41 2.60 20.12 24.58
N GLU C 42 2.33 19.59 23.39
CA GLU C 42 2.14 18.16 23.23
C GLU C 42 3.40 17.41 23.69
N MET C 43 4.56 17.89 23.28
CA MET C 43 5.81 17.25 23.69
C MET C 43 5.97 17.32 25.20
N LYS C 44 5.49 18.41 25.79
CA LYS C 44 5.57 18.58 27.24
C LYS C 44 4.70 17.53 27.94
N ARG C 45 3.45 17.40 27.48
CA ARG C 45 2.53 16.44 28.06
C ARG C 45 3.05 15.01 27.95
N ARG C 46 3.81 14.75 26.89
CA ARG C 46 4.39 13.44 26.66
C ARG C 46 5.23 12.98 27.85
N GLN C 47 6.02 13.90 28.38
CA GLN C 47 6.88 13.59 29.53
C GLN C 47 6.06 13.36 30.78
N GLY C 48 5.11 14.26 31.04
CA GLY C 48 4.27 14.16 32.21
C GLY C 48 3.86 12.73 32.52
N GLY C 49 4.42 12.18 33.60
CA GLY C 49 4.10 10.82 33.99
C GLY C 49 5.27 10.14 34.68
N ARG C 50 6.33 10.88 34.95
CA ARG C 50 7.50 10.34 35.61
C ARG C 50 8.50 11.44 35.98
N ASN C 51 8.61 11.71 37.29
CA ASN C 51 9.52 12.72 37.80
C ASN C 51 9.14 14.13 37.36
N VAL C 52 7.84 14.36 37.17
CA VAL C 52 7.35 15.67 36.74
C VAL C 52 5.95 15.98 37.29
N PHE C 53 5.80 15.90 38.60
CA PHE C 53 4.50 16.18 39.23
C PHE C 53 4.45 17.66 39.62
N ILE C 54 3.44 18.37 39.15
CA ILE C 54 3.27 19.80 39.42
C ILE C 54 4.63 20.48 39.56
N THR C 55 5.13 20.97 38.43
CA THR C 55 6.41 21.65 38.24
C THR C 55 7.29 20.77 37.35
N PRO C 56 6.71 20.27 36.24
CA PRO C 56 7.45 19.40 35.32
C PRO C 56 8.55 20.15 34.57
N ARG C 57 9.71 19.52 34.45
CA ARG C 57 10.84 20.12 33.77
C ARG C 57 10.50 20.37 32.30
N LYS C 58 11.45 20.92 31.56
CA LYS C 58 11.25 21.20 30.14
C LYS C 58 12.57 21.17 29.38
N GLU C 59 13.67 21.05 30.11
CA GLU C 59 14.99 21.00 29.49
C GLU C 59 15.17 19.67 28.78
N ASP C 60 14.39 19.48 27.71
CA ASP C 60 14.45 18.24 26.95
C ASP C 60 14.15 18.42 25.48
N ASP C 61 14.08 17.29 24.77
CA ASP C 61 13.82 17.22 23.34
C ASP C 61 13.32 18.47 22.62
N LYS C 62 14.11 18.92 21.65
CA LYS C 62 13.77 20.08 20.83
C LYS C 62 13.36 19.51 19.47
N VAL C 63 12.25 19.99 18.92
CA VAL C 63 11.79 19.50 17.63
C VAL C 63 12.19 20.40 16.47
N GLU C 64 12.96 19.86 15.53
CA GLU C 64 13.40 20.61 14.37
C GLU C 64 12.66 20.19 13.09
N ILE C 65 11.83 21.08 12.58
CA ILE C 65 11.11 20.81 11.32
C ILE C 65 12.02 21.15 10.13
N THR C 66 12.40 20.13 9.39
CA THR C 66 13.34 20.31 8.28
C THR C 66 12.74 20.55 6.91
N SER C 67 11.42 20.40 6.78
CA SER C 67 10.77 20.58 5.48
C SER C 67 9.25 20.61 5.59
N GLY C 68 8.60 20.94 4.48
CA GLY C 68 7.15 20.96 4.45
C GLY C 68 6.48 22.18 5.06
N VAL C 69 7.29 23.12 5.54
CA VAL C 69 6.76 24.33 6.14
C VAL C 69 7.41 25.59 5.56
N PHE C 70 6.58 26.56 5.21
CA PHE C 70 7.06 27.82 4.67
C PHE C 70 6.23 28.95 5.25
N GLU C 71 6.91 29.89 5.90
CA GLU C 71 6.24 31.04 6.51
C GLU C 71 5.17 30.58 7.50
N ASP C 72 5.52 29.58 8.30
CA ASP C 72 4.62 29.04 9.32
C ASP C 72 3.36 28.37 8.80
N PHE C 73 3.40 27.92 7.55
CA PHE C 73 2.27 27.24 6.92
C PHE C 73 2.75 25.98 6.21
N SER C 74 1.92 24.95 6.18
CA SER C 74 2.27 23.70 5.50
C SER C 74 2.31 23.99 4.00
N THR C 75 3.31 23.43 3.32
CA THR C 75 3.44 23.64 1.88
C THR C 75 2.71 22.57 1.09
N GLY C 76 2.37 21.47 1.75
CA GLY C 76 1.69 20.38 1.07
C GLY C 76 2.67 19.24 0.79
N THR C 77 3.96 19.50 1.01
CA THR C 77 4.98 18.48 0.79
C THR C 77 5.30 17.80 2.13
N PRO C 78 6.11 16.73 2.11
CA PRO C 78 6.44 16.04 3.36
C PRO C 78 7.02 16.92 4.45
N ILE C 79 6.54 16.73 5.68
CA ILE C 79 7.05 17.48 6.82
C ILE C 79 8.03 16.60 7.56
N GLY C 80 9.31 16.80 7.29
CA GLY C 80 10.33 16.01 7.95
C GLY C 80 10.71 16.72 9.23
N PHE C 81 10.92 15.96 10.29
CA PHE C 81 11.29 16.57 11.55
C PHE C 81 12.28 15.69 12.30
N LEU C 82 13.14 16.35 13.07
CA LEU C 82 14.16 15.67 13.84
C LEU C 82 13.97 16.05 15.31
N ILE C 83 14.01 15.07 16.18
CA ILE C 83 13.84 15.32 17.61
C ILE C 83 15.16 15.07 18.33
N HIS C 84 15.72 16.14 18.86
CA HIS C 84 17.00 16.10 19.58
C HIS C 84 16.76 15.98 21.09
N ASN C 85 17.31 14.95 21.70
CA ASN C 85 17.13 14.74 23.13
C ASN C 85 18.39 14.19 23.81
N GLN C 86 18.21 13.66 25.01
CA GLN C 86 19.31 13.07 25.80
C GLN C 86 20.26 14.12 26.38
N ARG C 87 21.05 13.68 27.36
CA ARG C 87 22.03 14.57 28.01
C ARG C 87 22.76 13.80 29.12
N ALA C 88 23.64 14.51 29.82
CA ALA C 88 24.42 13.96 30.94
C ALA C 88 25.21 12.73 30.48
N ARG C 89 25.78 12.03 31.48
CA ARG C 89 26.58 10.83 31.21
C ARG C 89 25.98 9.63 31.94
N SER C 90 25.56 8.64 31.17
CA SER C 90 24.94 7.42 31.70
C SER C 90 25.82 6.83 32.82
N LYS C 91 25.16 6.43 33.90
CA LYS C 91 25.87 5.84 35.05
C LYS C 91 25.35 4.41 35.30
N ASP C 92 24.26 4.31 36.04
CA ASP C 92 23.68 3.00 36.36
C ASP C 92 22.26 2.90 35.78
N TYR C 93 21.29 2.67 36.64
CA TYR C 93 19.88 2.57 36.24
C TYR C 93 19.71 1.46 35.20
N ASP C 94 20.58 0.46 35.24
CA ASP C 94 20.51 -0.66 34.29
C ASP C 94 21.39 -1.81 34.77
N ASN C 95 21.51 -2.83 33.91
CA ASN C 95 22.33 -4.00 34.24
C ASN C 95 23.09 -4.48 33.00
N ILE C 96 23.37 -5.77 32.96
CA ILE C 96 24.12 -6.38 31.84
C ILE C 96 23.44 -6.03 30.52
N LYS C 97 24.24 -6.03 29.45
CA LYS C 97 23.73 -5.71 28.12
C LYS C 97 23.78 -6.93 27.19
N ASN C 98 23.82 -8.11 27.78
CA ASN C 98 23.86 -9.36 27.01
C ASN C 98 22.70 -10.26 27.42
N LEU C 99 21.59 -9.65 27.85
CA LEU C 99 20.43 -10.39 28.28
C LEU C 99 19.13 -9.70 27.89
N PHE C 100 18.11 -10.48 27.58
CA PHE C 100 16.80 -9.95 27.20
C PHE C 100 15.95 -9.84 28.45
N ARG C 101 15.93 -8.67 29.06
CA ARG C 101 15.16 -8.43 30.27
C ARG C 101 13.79 -9.13 30.27
N PRO C 102 13.30 -9.49 31.47
CA PRO C 102 12.02 -10.17 31.68
C PRO C 102 10.82 -9.54 30.95
N SER C 103 10.19 -10.33 30.09
CA SER C 103 9.03 -9.87 29.32
C SER C 103 9.41 -8.75 28.35
N HIS C 104 10.53 -8.91 27.66
CA HIS C 104 10.99 -7.91 26.70
C HIS C 104 11.09 -8.50 25.30
N ALA C 105 10.83 -7.67 24.30
CA ALA C 105 10.90 -8.09 22.90
C ALA C 105 12.33 -8.40 22.49
N ASP C 106 13.29 -8.07 23.36
CA ASP C 106 14.70 -8.31 23.07
C ASP C 106 14.88 -9.76 22.62
N PHE C 107 14.11 -10.65 23.24
CA PHE C 107 14.15 -12.08 22.93
C PHE C 107 13.64 -12.33 21.51
N THR C 108 12.48 -11.77 21.20
CA THR C 108 11.86 -11.94 19.90
C THR C 108 12.69 -11.34 18.77
N TYR C 109 13.33 -10.20 19.04
CA TYR C 109 14.16 -9.53 18.05
C TYR C 109 15.34 -10.41 17.61
N PHE C 110 15.95 -11.09 18.57
CA PHE C 110 17.08 -11.95 18.28
C PHE C 110 16.70 -13.10 17.34
N HIS C 111 15.57 -13.73 17.61
CA HIS C 111 15.12 -14.82 16.76
C HIS C 111 14.72 -14.34 15.38
N LYS C 112 14.14 -13.16 15.30
CA LYS C 112 13.72 -12.64 14.00
C LYS C 112 14.89 -12.19 13.14
N TYR C 113 15.81 -11.43 13.72
CA TYR C 113 16.97 -10.90 12.99
C TYR C 113 18.33 -11.50 13.33
N GLY C 114 18.45 -12.02 14.56
CA GLY C 114 19.70 -12.63 14.99
C GLY C 114 20.88 -11.70 15.19
N ILE C 115 20.66 -10.57 15.85
CA ILE C 115 21.75 -9.62 16.09
C ILE C 115 21.87 -9.17 17.54
N ARG C 116 23.09 -9.27 18.07
CA ARG C 116 23.41 -8.90 19.44
C ARG C 116 23.33 -7.38 19.65
N ASP C 117 22.17 -6.79 19.37
CA ASP C 117 21.99 -5.36 19.53
C ASP C 117 21.45 -4.98 20.91
N PHE C 118 20.67 -3.91 20.96
CA PHE C 118 20.07 -3.40 22.20
C PHE C 118 21.04 -2.69 23.13
N ARG C 119 20.51 -1.76 23.90
CA ARG C 119 21.30 -0.97 24.85
C ARG C 119 20.37 -0.40 25.92
N GLY C 120 20.55 0.88 26.23
CA GLY C 120 19.71 1.53 27.23
C GLY C 120 18.68 2.44 26.61
N GLY C 121 18.49 3.62 27.20
CA GLY C 121 17.51 4.56 26.68
C GLY C 121 16.09 4.04 26.67
N GLY C 122 15.64 3.50 27.80
CA GLY C 122 14.30 2.96 27.88
C GLY C 122 14.02 1.93 26.81
N ARG C 123 15.06 1.21 26.42
CA ARG C 123 15.01 0.16 25.40
C ARG C 123 14.60 0.66 24.02
N SER C 124 13.58 1.51 23.97
CA SER C 124 13.09 2.07 22.70
C SER C 124 11.80 2.86 22.93
N SER C 125 10.68 2.24 22.59
CA SER C 125 9.34 2.82 22.73
C SER C 125 9.28 4.31 23.00
N ALA C 126 9.70 4.72 24.20
CA ALA C 126 9.71 6.13 24.58
C ALA C 126 10.17 7.02 23.43
N ARG C 127 11.11 6.53 22.64
CA ARG C 127 11.62 7.29 21.50
C ARG C 127 10.57 7.42 20.41
N GLU C 128 9.98 6.30 20.02
CA GLU C 128 8.96 6.31 18.99
C GLU C 128 7.75 7.15 19.41
N SER C 129 7.46 7.14 20.70
CA SER C 129 6.35 7.92 21.23
C SER C 129 6.57 9.41 21.00
N ALA C 130 7.83 9.83 20.96
CA ALA C 130 8.15 11.24 20.70
C ALA C 130 7.75 11.54 19.27
N ILE C 131 8.06 10.61 18.37
CA ILE C 131 7.74 10.77 16.95
C ILE C 131 6.22 10.83 16.77
N ARG C 132 5.51 9.95 17.45
CA ARG C 132 4.06 9.88 17.37
C ARG C 132 3.36 11.13 17.89
N VAL C 133 3.83 11.65 19.01
CA VAL C 133 3.20 12.84 19.59
C VAL C 133 3.45 14.07 18.72
N ALA C 134 4.67 14.17 18.18
CA ALA C 134 5.03 15.28 17.30
C ALA C 134 4.13 15.24 16.07
N ALA C 135 4.05 14.06 15.45
CA ALA C 135 3.22 13.88 14.27
C ALA C 135 1.77 14.14 14.66
N GLY C 136 1.41 13.65 15.84
CA GLY C 136 0.05 13.83 16.33
C GLY C 136 -0.38 15.28 16.40
N ALA C 137 0.56 16.16 16.73
CA ALA C 137 0.25 17.58 16.82
C ALA C 137 -0.17 18.12 15.46
N PHE C 138 0.53 17.71 14.42
CA PHE C 138 0.21 18.15 13.07
C PHE C 138 -1.17 17.65 12.66
N ALA C 139 -1.47 16.41 13.03
CA ALA C 139 -2.77 15.82 12.72
C ALA C 139 -3.84 16.64 13.43
N LYS C 140 -3.58 17.01 14.68
CA LYS C 140 -4.54 17.82 15.44
C LYS C 140 -4.79 19.17 14.77
N MET C 141 -3.74 19.75 14.17
CA MET C 141 -3.87 21.03 13.49
C MET C 141 -4.84 20.92 12.32
N LEU C 142 -4.73 19.82 11.59
CA LEU C 142 -5.60 19.57 10.45
C LEU C 142 -7.05 19.38 10.94
N LEU C 143 -7.23 18.50 11.92
CA LEU C 143 -8.56 18.23 12.48
C LEU C 143 -9.25 19.50 12.95
N ARG C 144 -8.49 20.42 13.53
CA ARG C 144 -9.08 21.66 14.03
C ARG C 144 -9.71 22.48 12.90
N GLU C 145 -9.09 22.42 11.72
CA GLU C 145 -9.61 23.16 10.57
C GLU C 145 -11.06 22.79 10.29
N ILE C 146 -11.49 21.61 10.71
CA ILE C 146 -12.87 21.21 10.51
C ILE C 146 -13.60 20.93 11.82
N GLY C 147 -13.13 21.59 12.88
CA GLY C 147 -13.76 21.46 14.20
C GLY C 147 -13.67 20.18 14.98
N ILE C 148 -12.65 19.37 14.77
CA ILE C 148 -12.52 18.11 15.50
C ILE C 148 -11.41 18.18 16.53
N VAL C 149 -11.67 17.64 17.73
CA VAL C 149 -10.66 17.63 18.78
C VAL C 149 -10.56 16.25 19.44
N CYS C 150 -9.34 15.90 19.85
CA CYS C 150 -9.09 14.62 20.51
C CYS C 150 -8.60 14.89 21.93
N GLU C 151 -9.09 14.09 22.88
CA GLU C 151 -8.72 14.25 24.28
C GLU C 151 -8.52 12.88 24.94
N SER C 152 -7.86 12.88 26.09
CA SER C 152 -7.65 11.63 26.80
C SER C 152 -7.46 11.86 28.30
N GLY C 153 -7.41 10.76 29.03
CA GLY C 153 -7.23 10.82 30.47
C GLY C 153 -7.17 9.42 31.02
N ILE C 154 -6.81 9.31 32.29
CA ILE C 154 -6.72 8.02 32.96
C ILE C 154 -8.04 7.71 33.66
N ILE C 155 -8.67 6.59 33.31
CA ILE C 155 -9.92 6.23 33.96
C ILE C 155 -9.69 5.17 35.02
N GLU C 156 -8.55 4.49 34.94
CA GLU C 156 -8.27 3.45 35.91
C GLU C 156 -6.78 3.19 36.14
N ILE C 157 -6.42 3.04 37.42
CA ILE C 157 -5.04 2.76 37.83
C ILE C 157 -5.10 1.72 38.94
N GLY C 158 -4.45 0.59 38.73
CA GLY C 158 -4.46 -0.45 39.74
C GLY C 158 -5.85 -0.88 40.16
N GLY C 159 -6.75 -1.01 39.17
CA GLY C 159 -8.10 -1.43 39.47
C GLY C 159 -8.99 -0.37 40.10
N ILE C 160 -8.43 0.77 40.44
CA ILE C 160 -9.21 1.86 41.03
C ILE C 160 -9.80 2.65 39.86
N LYS C 161 -11.11 2.49 39.67
CA LYS C 161 -11.84 3.11 38.57
C LYS C 161 -12.42 4.51 38.82
N ALA C 162 -12.40 5.32 37.77
CA ALA C 162 -12.97 6.66 37.83
C ALA C 162 -14.47 6.48 37.66
N LYS C 163 -15.26 7.36 38.30
CA LYS C 163 -16.71 7.28 38.21
C LYS C 163 -17.23 8.37 37.27
N ASN C 164 -16.64 9.55 37.39
CA ASN C 164 -17.02 10.69 36.57
C ASN C 164 -15.77 11.12 35.81
N TYR C 165 -15.94 11.55 34.56
CA TYR C 165 -14.81 11.95 33.75
C TYR C 165 -14.77 13.46 33.48
N ASP C 166 -13.66 14.07 33.84
CA ASP C 166 -13.45 15.50 33.64
C ASP C 166 -12.13 15.62 32.88
N PHE C 167 -12.20 15.79 31.57
CA PHE C 167 -10.98 15.90 30.78
C PHE C 167 -10.22 17.18 31.11
N ASN C 168 -10.95 18.21 31.50
CA ASN C 168 -10.34 19.48 31.86
C ASN C 168 -9.45 19.25 33.06
N HIS C 169 -9.95 18.51 34.04
CA HIS C 169 -9.21 18.20 35.26
C HIS C 169 -7.99 17.31 34.99
N ALA C 170 -8.17 16.33 34.12
CA ALA C 170 -7.09 15.40 33.78
C ALA C 170 -5.87 16.16 33.27
N LEU C 171 -6.10 17.20 32.48
CA LEU C 171 -5.00 17.99 31.92
C LEU C 171 -4.01 18.47 32.98
N LYS C 172 -4.52 19.01 34.08
CA LYS C 172 -3.63 19.50 35.13
C LYS C 172 -3.37 18.51 36.25
N SER C 173 -3.74 17.25 36.04
CA SER C 173 -3.52 16.20 37.04
C SER C 173 -2.14 15.59 36.84
N GLU C 174 -1.43 15.34 37.94
CA GLU C 174 -0.12 14.74 37.87
C GLU C 174 -0.17 13.38 37.17
N ILE C 175 -1.32 12.72 37.26
CA ILE C 175 -1.48 11.41 36.63
C ILE C 175 -2.60 11.39 35.61
N PHE C 176 -3.00 12.58 35.14
CA PHE C 176 -4.05 12.71 34.14
C PHE C 176 -5.36 12.07 34.57
N ALA C 177 -5.62 12.06 35.88
CA ALA C 177 -6.84 11.47 36.42
C ALA C 177 -8.09 12.22 35.95
N LEU C 178 -9.08 11.48 35.47
CA LEU C 178 -10.33 12.08 35.01
C LEU C 178 -11.34 12.26 36.15
N ASP C 179 -11.12 11.58 37.28
CA ASP C 179 -12.02 11.67 38.43
C ASP C 179 -11.25 12.14 39.67
N GLU C 180 -11.48 13.37 40.08
CA GLU C 180 -10.80 13.93 41.24
C GLU C 180 -11.11 13.20 42.55
N GLU C 181 -12.27 12.54 42.61
CA GLU C 181 -12.66 11.82 43.81
C GLU C 181 -11.88 10.53 43.97
N GLN C 182 -11.38 9.99 42.86
CA GLN C 182 -10.62 8.74 42.90
C GLN C 182 -9.14 8.98 42.65
N GLU C 183 -8.77 10.23 42.39
CA GLU C 183 -7.39 10.59 42.12
C GLU C 183 -6.41 10.22 43.23
N GLU C 184 -6.72 10.61 44.46
CA GLU C 184 -5.83 10.32 45.58
C GLU C 184 -5.57 8.81 45.73
N ALA C 185 -6.63 8.02 45.64
CA ALA C 185 -6.50 6.57 45.75
C ALA C 185 -5.63 6.03 44.60
N GLN C 186 -5.79 6.63 43.43
CA GLN C 186 -5.00 6.21 42.27
C GLN C 186 -3.54 6.56 42.46
N LYS C 187 -3.27 7.77 42.94
CA LYS C 187 -1.90 8.20 43.17
C LYS C 187 -1.23 7.30 44.21
N THR C 188 -1.96 7.00 45.29
CA THR C 188 -1.43 6.15 46.35
C THR C 188 -1.02 4.79 45.78
N ALA C 189 -1.77 4.31 44.80
CA ALA C 189 -1.47 3.03 44.16
C ALA C 189 -0.11 3.11 43.49
N ILE C 190 0.15 4.24 42.84
CA ILE C 190 1.43 4.43 42.17
C ILE C 190 2.52 4.62 43.21
N GLN C 191 2.24 5.41 44.25
CA GLN C 191 3.20 5.65 45.32
C GLN C 191 3.72 4.33 45.87
N ASN C 192 2.80 3.44 46.24
CA ASN C 192 3.15 2.13 46.79
C ASN C 192 3.97 1.31 45.80
N ALA C 193 3.62 1.40 44.53
CA ALA C 193 4.32 0.67 43.49
C ALA C 193 5.75 1.18 43.43
N ILE C 194 5.91 2.49 43.50
CA ILE C 194 7.23 3.12 43.46
C ILE C 194 8.04 2.73 44.70
N LYS C 195 7.40 2.76 45.86
CA LYS C 195 8.06 2.41 47.11
C LYS C 195 8.46 0.93 47.15
N ASN C 196 7.71 0.10 46.42
CA ASN C 196 8.00 -1.32 46.38
C ASN C 196 8.79 -1.72 45.13
N HIS C 197 9.22 -0.74 44.36
CA HIS C 197 9.98 -1.00 43.14
C HIS C 197 9.16 -1.89 42.21
N ASP C 198 7.84 -1.72 42.24
CA ASP C 198 6.93 -2.52 41.43
C ASP C 198 6.30 -1.64 40.34
N SER C 199 5.20 -2.12 39.78
CA SER C 199 4.47 -1.40 38.74
C SER C 199 3.04 -1.93 38.67
N ILE C 200 2.13 -1.12 38.16
CA ILE C 200 0.73 -1.53 38.03
C ILE C 200 0.14 -1.15 36.69
N GLY C 201 -0.90 -1.88 36.29
CA GLY C 201 -1.56 -1.61 35.03
C GLY C 201 -2.46 -0.40 35.11
N GLY C 202 -3.01 -0.02 33.96
CA GLY C 202 -3.89 1.13 33.92
C GLY C 202 -4.73 1.13 32.66
N VAL C 203 -5.75 1.97 32.65
CA VAL C 203 -6.64 2.08 31.51
C VAL C 203 -6.81 3.53 31.12
N ALA C 204 -6.59 3.83 29.84
CA ALA C 204 -6.72 5.18 29.34
C ALA C 204 -8.02 5.31 28.55
N LEU C 205 -8.67 6.45 28.67
CA LEU C 205 -9.89 6.71 27.92
C LEU C 205 -9.54 7.79 26.91
N ILE C 206 -9.79 7.51 25.64
CA ILE C 206 -9.50 8.48 24.60
C ILE C 206 -10.80 8.78 23.86
N ARG C 207 -11.01 10.03 23.49
CA ARG C 207 -12.24 10.35 22.77
C ARG C 207 -12.05 11.51 21.81
N ALA C 208 -12.87 11.51 20.78
CA ALA C 208 -12.86 12.58 19.79
C ALA C 208 -14.25 13.18 19.78
N ARG C 209 -14.33 14.50 19.65
CA ARG C 209 -15.62 15.19 19.63
C ARG C 209 -15.54 16.42 18.74
N SER C 210 -16.71 16.91 18.33
CA SER C 210 -16.76 18.09 17.50
C SER C 210 -16.51 19.29 18.41
N ILE C 211 -15.57 20.13 18.02
CA ILE C 211 -15.20 21.31 18.81
C ILE C 211 -16.41 22.15 19.17
N LYS C 212 -17.26 22.45 18.18
CA LYS C 212 -18.45 23.25 18.43
C LYS C 212 -19.34 22.58 19.45
N THR C 213 -19.63 23.28 20.54
CA THR C 213 -20.49 22.75 21.60
C THR C 213 -21.84 22.36 20.99
N ASN C 214 -22.25 21.12 21.22
CA ASN C 214 -23.52 20.61 20.70
C ASN C 214 -23.45 20.40 19.19
N GLN C 215 -22.32 19.92 18.71
CA GLN C 215 -22.14 19.65 17.30
C GLN C 215 -21.75 18.19 17.14
N LYS C 216 -22.01 17.63 15.96
CA LYS C 216 -21.70 16.24 15.68
C LYS C 216 -20.43 16.13 14.85
N LEU C 217 -19.77 14.98 14.94
CA LEU C 217 -18.56 14.73 14.16
C LEU C 217 -19.03 14.39 12.75
N PRO C 218 -18.13 14.43 11.77
CA PRO C 218 -18.55 14.09 10.40
C PRO C 218 -19.05 12.66 10.41
N ILE C 219 -20.11 12.38 9.64
CA ILE C 219 -20.67 11.05 9.58
C ILE C 219 -20.18 10.31 8.33
N GLY C 220 -19.60 9.12 8.52
CA GLY C 220 -19.12 8.36 7.39
C GLY C 220 -17.62 8.14 7.34
N LEU C 221 -16.90 8.62 8.35
CA LEU C 221 -15.46 8.45 8.38
C LEU C 221 -15.19 6.94 8.56
N GLY C 222 -14.28 6.42 7.76
CA GLY C 222 -13.97 4.99 7.79
C GLY C 222 -13.99 4.57 6.33
N GLN C 223 -13.13 3.63 5.93
CA GLN C 223 -13.07 3.24 4.52
C GLN C 223 -13.28 1.78 4.17
N GLY C 224 -14.31 1.52 3.37
CA GLY C 224 -14.62 0.19 2.91
C GLY C 224 -14.70 -0.82 4.04
N LEU C 225 -14.57 -2.09 3.69
CA LEU C 225 -14.64 -3.16 4.67
C LEU C 225 -13.33 -3.42 5.42
N TYR C 226 -12.20 -3.19 4.79
CA TYR C 226 -10.94 -3.47 5.46
C TYR C 226 -10.13 -2.30 6.00
N ALA C 227 -10.75 -1.12 6.01
CA ALA C 227 -10.11 0.06 6.58
C ALA C 227 -11.19 0.79 7.38
N LYS C 228 -11.95 0.03 8.17
CA LYS C 228 -12.99 0.62 9.00
C LYS C 228 -12.32 1.46 10.08
N LEU C 229 -13.03 2.49 10.53
CA LEU C 229 -12.51 3.39 11.57
C LEU C 229 -12.14 2.67 12.87
N ASP C 230 -13.04 1.83 13.38
CA ASP C 230 -12.74 1.12 14.62
C ASP C 230 -11.57 0.15 14.41
N ALA C 231 -11.52 -0.49 13.25
CA ALA C 231 -10.43 -1.42 12.96
C ALA C 231 -9.08 -0.69 13.00
N LYS C 232 -9.02 0.49 12.38
CA LYS C 232 -7.78 1.26 12.34
C LYS C 232 -7.41 1.87 13.68
N ILE C 233 -8.40 2.22 14.48
CA ILE C 233 -8.12 2.76 15.80
C ILE C 233 -7.52 1.62 16.62
N ALA C 234 -8.13 0.44 16.51
CA ALA C 234 -7.66 -0.73 17.23
C ALA C 234 -6.24 -1.12 16.83
N GLU C 235 -5.94 -0.97 15.54
CA GLU C 235 -4.61 -1.31 15.03
C GLU C 235 -3.56 -0.41 15.65
N ALA C 236 -3.82 0.89 15.63
CA ALA C 236 -2.91 1.88 16.17
C ALA C 236 -2.64 1.69 17.67
N MET C 237 -3.72 1.58 18.44
CA MET C 237 -3.62 1.42 19.90
C MET C 237 -2.94 0.13 20.36
N MET C 238 -3.38 -1.00 19.80
CA MET C 238 -2.79 -2.28 20.18
C MET C 238 -1.32 -2.34 19.78
N GLY C 239 -0.94 -1.43 18.88
CA GLY C 239 0.43 -1.37 18.43
C GLY C 239 1.35 -0.64 19.40
N LEU C 240 0.78 -0.11 20.47
CA LEU C 240 1.58 0.58 21.48
C LEU C 240 2.06 -0.51 22.42
N ASN C 241 3.36 -0.53 22.71
CA ASN C 241 3.89 -1.56 23.59
C ASN C 241 3.23 -1.51 24.97
N GLY C 242 2.81 -2.67 25.47
CA GLY C 242 2.16 -2.73 26.76
C GLY C 242 0.65 -2.84 26.69
N VAL C 243 0.07 -2.49 25.54
CA VAL C 243 -1.38 -2.56 25.38
C VAL C 243 -1.79 -4.01 25.12
N LYS C 244 -2.77 -4.49 25.87
CA LYS C 244 -3.23 -5.88 25.74
C LYS C 244 -4.71 -5.98 25.34
N ALA C 245 -5.39 -4.85 25.31
CA ALA C 245 -6.81 -4.84 24.93
C ALA C 245 -7.25 -3.44 24.56
N VAL C 246 -8.18 -3.37 23.61
CA VAL C 246 -8.74 -2.11 23.14
C VAL C 246 -10.25 -2.25 23.08
N GLU C 247 -10.96 -1.24 23.60
CA GLU C 247 -12.41 -1.25 23.61
C GLU C 247 -12.99 -0.06 22.85
N ILE C 248 -14.09 -0.28 22.14
CA ILE C 248 -14.75 0.81 21.44
C ILE C 248 -16.13 0.93 22.07
N GLY C 249 -16.52 2.15 22.44
CA GLY C 249 -17.81 2.34 23.08
C GLY C 249 -18.00 1.43 24.28
N LYS C 250 -19.14 0.74 24.33
CA LYS C 250 -19.47 -0.15 25.43
C LYS C 250 -18.38 -1.23 25.63
N GLY C 251 -17.61 -1.49 24.59
CA GLY C 251 -16.51 -2.44 24.67
C GLY C 251 -16.82 -3.83 25.19
N VAL C 252 -15.99 -4.31 26.10
CA VAL C 252 -16.18 -5.65 26.67
C VAL C 252 -17.50 -5.80 27.41
N GLU C 253 -18.14 -4.67 27.72
CA GLU C 253 -19.43 -4.72 28.39
C GLU C 253 -20.55 -4.99 27.39
N SER C 254 -20.24 -4.90 26.11
CA SER C 254 -21.24 -5.12 25.05
C SER C 254 -21.68 -6.59 24.94
N SER C 255 -20.77 -7.50 25.22
CA SER C 255 -21.08 -8.93 25.14
C SER C 255 -22.02 -9.40 26.25
N LEU C 256 -22.29 -8.52 27.20
CA LEU C 256 -23.18 -8.85 28.32
C LEU C 256 -24.55 -8.21 28.20
N LEU C 257 -24.78 -7.50 27.10
CA LEU C 257 -26.06 -6.84 26.90
C LEU C 257 -26.98 -7.56 25.92
N LYS C 258 -28.26 -7.23 25.98
CA LYS C 258 -29.24 -7.81 25.09
C LYS C 258 -29.45 -6.77 24.01
N GLY C 259 -29.98 -7.19 22.86
CA GLY C 259 -30.21 -6.24 21.77
C GLY C 259 -31.05 -5.06 22.21
N SER C 260 -32.16 -5.35 22.88
CA SER C 260 -33.08 -4.33 23.37
C SER C 260 -32.38 -3.32 24.27
N GLU C 261 -31.31 -3.77 24.93
CA GLU C 261 -30.56 -2.92 25.83
C GLU C 261 -29.43 -2.15 25.14
N TYR C 262 -28.75 -2.82 24.23
CA TYR C 262 -27.62 -2.24 23.51
C TYR C 262 -27.99 -1.27 22.38
N ASN C 263 -28.84 -1.69 21.45
CA ASN C 263 -29.24 -0.85 20.33
C ASN C 263 -29.40 0.64 20.66
N ASP C 264 -28.70 1.48 19.90
CA ASP C 264 -28.77 2.93 20.10
C ASP C 264 -29.93 3.47 19.27
N LEU C 265 -30.97 3.96 19.93
CA LEU C 265 -32.14 4.49 19.24
C LEU C 265 -31.87 5.92 18.74
N MET C 266 -32.78 6.44 17.91
CA MET C 266 -32.64 7.78 17.37
C MET C 266 -33.89 8.63 17.61
N ASP C 267 -33.69 9.89 17.95
CA ASP C 267 -34.79 10.81 18.23
C ASP C 267 -35.09 11.71 17.03
N GLN C 268 -35.03 13.02 17.22
CA GLN C 268 -35.29 13.96 16.13
C GLN C 268 -34.01 14.28 15.37
N LYS C 269 -32.96 14.61 16.11
CA LYS C 269 -31.67 14.92 15.51
C LYS C 269 -30.51 14.33 16.32
N GLY C 270 -30.27 13.03 16.12
CA GLY C 270 -29.19 12.36 16.83
C GLY C 270 -29.63 11.11 17.54
N PHE C 271 -28.65 10.33 18.00
CA PHE C 271 -28.92 9.08 18.71
C PHE C 271 -29.22 9.38 20.18
N LEU C 272 -30.08 8.56 20.78
CA LEU C 272 -30.46 8.73 22.17
C LEU C 272 -29.39 8.18 23.11
N SER C 273 -28.51 7.33 22.56
CA SER C 273 -27.44 6.73 23.33
C SER C 273 -26.22 6.48 22.45
N ASN C 274 -25.08 6.20 23.08
CA ASN C 274 -23.84 5.96 22.34
C ASN C 274 -23.05 4.74 22.79
N ARG C 275 -23.72 3.60 22.88
CA ARG C 275 -23.03 2.38 23.27
C ARG C 275 -22.09 1.99 22.13
N SER C 276 -22.36 2.52 20.94
CA SER C 276 -21.54 2.24 19.77
C SER C 276 -20.16 2.89 19.89
N GLY C 277 -20.08 3.94 20.70
CA GLY C 277 -18.81 4.62 20.87
C GLY C 277 -18.47 5.48 19.66
N GLY C 278 -19.50 6.00 19.00
CA GLY C 278 -19.29 6.85 17.84
C GLY C 278 -18.97 6.12 16.54
N VAL C 279 -18.89 4.79 16.58
CA VAL C 279 -18.58 4.01 15.38
C VAL C 279 -19.67 2.97 15.12
N LEU C 280 -20.28 3.06 13.94
CA LEU C 280 -21.36 2.15 13.56
C LEU C 280 -21.12 1.59 12.16
N GLY C 281 -21.01 0.28 12.06
CA GLY C 281 -20.77 -0.35 10.76
C GLY C 281 -19.40 0.04 10.25
N GLY C 282 -18.48 0.30 11.18
CA GLY C 282 -17.12 0.67 10.82
C GLY C 282 -16.96 2.12 10.41
N MET C 283 -18.01 2.91 10.57
CA MET C 283 -17.97 4.32 10.20
C MET C 283 -18.44 5.24 11.33
N SER C 284 -17.88 6.44 11.38
CA SER C 284 -18.29 7.38 12.43
C SER C 284 -19.77 7.69 12.22
N ASN C 285 -20.54 7.70 13.31
CA ASN C 285 -21.97 7.97 13.19
C ASN C 285 -22.30 9.38 13.67
N GLY C 286 -21.27 10.16 13.95
CA GLY C 286 -21.49 11.53 14.39
C GLY C 286 -21.35 11.76 15.89
N GLU C 287 -21.60 10.72 16.67
CA GLU C 287 -21.51 10.84 18.12
C GLU C 287 -20.04 10.78 18.53
N GLU C 288 -19.75 11.04 19.81
CA GLU C 288 -18.38 11.02 20.29
C GLU C 288 -17.73 9.66 20.08
N ILE C 289 -16.47 9.66 19.70
CA ILE C 289 -15.74 8.41 19.50
C ILE C 289 -15.10 8.07 20.85
N ILE C 290 -15.43 6.88 21.35
CA ILE C 290 -14.95 6.45 22.66
C ILE C 290 -14.08 5.21 22.58
N VAL C 291 -12.84 5.34 23.06
CA VAL C 291 -11.89 4.24 23.04
C VAL C 291 -11.25 4.02 24.41
N ARG C 292 -11.17 2.75 24.82
CA ARG C 292 -10.53 2.40 26.08
C ARG C 292 -9.32 1.51 25.76
N VAL C 293 -8.17 1.88 26.30
CA VAL C 293 -6.93 1.14 26.08
C VAL C 293 -6.38 0.60 27.40
N HIS C 294 -6.16 -0.70 27.45
CA HIS C 294 -5.65 -1.39 28.64
C HIS C 294 -4.15 -1.66 28.56
N PHE C 295 -3.42 -1.15 29.55
CA PHE C 295 -1.98 -1.35 29.62
C PHE C 295 -1.65 -2.32 30.74
N LYS C 296 -0.76 -3.27 30.46
CA LYS C 296 -0.35 -4.23 31.48
C LYS C 296 0.67 -3.46 32.33
N PRO C 297 1.08 -4.03 33.48
CA PRO C 297 2.06 -3.31 34.30
C PRO C 297 3.43 -3.33 33.63
N THR C 298 4.19 -2.26 33.83
CA THR C 298 5.51 -2.11 33.26
C THR C 298 6.41 -3.32 33.57
N PRO C 299 7.13 -3.82 32.57
CA PRO C 299 8.02 -4.97 32.74
C PRO C 299 9.24 -4.70 33.62
N SER C 300 10.11 -3.80 33.17
CA SER C 300 11.32 -3.46 33.92
C SER C 300 11.03 -2.60 35.15
N ILE C 301 11.33 -3.17 36.32
CA ILE C 301 11.14 -2.49 37.59
C ILE C 301 12.38 -2.72 38.44
N PHE C 302 12.67 -1.79 39.35
CA PHE C 302 13.85 -1.90 40.20
C PHE C 302 13.95 -3.29 40.82
N GLN C 303 12.80 -3.85 41.20
CA GLN C 303 12.78 -5.18 41.80
C GLN C 303 13.50 -6.20 40.92
N PRO C 304 14.25 -7.13 41.53
CA PRO C 304 14.98 -8.15 40.80
C PRO C 304 14.03 -8.99 39.93
N GLN C 305 14.42 -9.22 38.69
CA GLN C 305 13.61 -10.01 37.76
C GLN C 305 14.40 -11.16 37.16
N ARG C 306 13.69 -12.04 36.44
CA ARG C 306 14.31 -13.19 35.80
C ARG C 306 13.67 -13.48 34.46
N THR C 307 14.39 -14.18 33.59
CA THR C 307 13.88 -14.53 32.26
C THR C 307 14.87 -15.35 31.43
N ILE C 308 15.77 -14.68 30.71
CA ILE C 308 16.74 -15.35 29.86
C ILE C 308 17.68 -14.33 29.24
N ASP C 309 18.81 -14.80 28.72
CA ASP C 309 19.79 -13.94 28.07
C ASP C 309 19.78 -14.19 26.56
N ILE C 310 20.87 -13.87 25.89
CA ILE C 310 20.95 -14.05 24.44
C ILE C 310 21.35 -15.47 24.04
N ASN C 311 21.92 -16.21 24.98
CA ASN C 311 22.35 -17.59 24.69
C ASN C 311 21.54 -18.63 25.47
N GLY C 312 20.43 -18.21 26.06
CA GLY C 312 19.60 -19.13 26.80
C GLY C 312 20.34 -19.69 28.00
N ASN C 313 21.21 -18.86 28.57
CA ASN C 313 22.02 -19.24 29.73
C ASN C 313 21.44 -18.70 31.03
N GLU C 314 22.27 -17.99 31.80
CA GLU C 314 21.85 -17.40 33.06
C GLU C 314 22.43 -16.00 33.21
N CYS C 315 21.72 -15.13 33.92
CA CYS C 315 22.17 -13.76 34.14
C CYS C 315 21.35 -13.05 35.22
N GLU C 316 21.74 -11.82 35.55
CA GLU C 316 21.06 -11.04 36.58
C GLU C 316 20.24 -9.90 35.98
N CYS C 317 19.13 -9.56 36.64
CA CYS C 317 18.26 -8.49 36.18
C CYS C 317 18.08 -7.41 37.24
N LEU C 318 19.05 -7.28 38.14
CA LEU C 318 18.99 -6.27 39.19
C LEU C 318 19.18 -4.92 38.51
N LEU C 319 18.11 -4.41 37.93
CA LEU C 319 18.15 -3.13 37.22
C LEU C 319 18.08 -1.96 38.19
N LYS C 320 19.24 -1.34 38.43
CA LYS C 320 19.31 -0.20 39.34
C LYS C 320 18.46 0.95 38.80
N GLY C 321 18.35 2.02 39.59
CA GLY C 321 17.56 3.16 39.16
C GLY C 321 16.08 2.85 39.08
N ARG C 322 15.26 3.85 39.37
CA ARG C 322 13.80 3.69 39.33
C ARG C 322 13.32 3.33 37.94
N HIS C 323 12.07 2.89 37.84
CA HIS C 323 11.47 2.51 36.57
C HIS C 323 10.00 2.92 36.54
N ASP C 324 9.48 3.16 35.36
CA ASP C 324 8.09 3.60 35.21
C ASP C 324 7.09 2.68 35.91
N PRO C 325 6.45 3.18 36.99
CA PRO C 325 5.46 2.43 37.76
C PRO C 325 4.12 2.23 37.06
N CYS C 326 3.86 3.02 36.03
CA CYS C 326 2.60 2.90 35.29
C CYS C 326 2.70 3.55 33.91
N ILE C 327 2.93 2.73 32.88
CA ILE C 327 3.06 3.22 31.52
C ILE C 327 1.75 3.76 30.94
N ALA C 328 0.63 3.45 31.59
CA ALA C 328 -0.68 3.90 31.12
C ALA C 328 -0.80 5.42 31.09
N ILE C 329 -0.13 6.06 32.05
CA ILE C 329 -0.19 7.53 32.16
C ILE C 329 0.39 8.21 30.92
N ARG C 330 1.64 7.95 30.60
CA ARG C 330 2.25 8.55 29.41
C ARG C 330 1.62 7.90 28.17
N GLY C 331 1.19 6.66 28.32
CA GLY C 331 0.56 5.97 27.21
C GLY C 331 -0.72 6.64 26.76
N SER C 332 -1.45 7.23 27.70
CA SER C 332 -2.71 7.88 27.36
C SER C 332 -2.50 9.01 26.36
N VAL C 333 -1.43 9.78 26.54
CA VAL C 333 -1.14 10.89 25.65
C VAL C 333 -0.78 10.40 24.24
N VAL C 334 -0.01 9.32 24.15
CA VAL C 334 0.36 8.78 22.85
C VAL C 334 -0.89 8.23 22.17
N CYS C 335 -1.77 7.60 22.93
CA CYS C 335 -3.00 7.06 22.36
C CYS C 335 -3.82 8.20 21.78
N GLU C 336 -3.78 9.35 22.43
CA GLU C 336 -4.52 10.52 21.98
C GLU C 336 -3.95 10.99 20.63
N SER C 337 -2.63 10.98 20.54
CA SER C 337 -1.94 11.40 19.32
C SER C 337 -2.30 10.45 18.18
N LEU C 338 -2.29 9.15 18.48
CA LEU C 338 -2.60 8.13 17.47
C LEU C 338 -4.03 8.25 16.97
N LEU C 339 -4.95 8.58 17.86
CA LEU C 339 -6.35 8.74 17.44
C LEU C 339 -6.44 9.93 16.49
N ALA C 340 -5.67 10.98 16.78
CA ALA C 340 -5.67 12.16 15.92
C ALA C 340 -5.16 11.80 14.53
N LEU C 341 -4.06 11.04 14.48
CA LEU C 341 -3.48 10.61 13.21
C LEU C 341 -4.44 9.75 12.40
N VAL C 342 -5.12 8.82 13.07
CA VAL C 342 -6.06 7.94 12.38
C VAL C 342 -7.26 8.73 11.86
N LEU C 343 -7.85 9.57 12.71
CA LEU C 343 -8.99 10.38 12.33
C LEU C 343 -8.64 11.33 11.18
N ALA C 344 -7.46 11.96 11.26
CA ALA C 344 -7.05 12.87 10.21
C ALA C 344 -6.87 12.11 8.89
N ASP C 345 -6.32 10.91 8.96
CA ASP C 345 -6.13 10.09 7.76
C ASP C 345 -7.52 9.84 7.19
N MET C 346 -8.45 9.41 8.05
CA MET C 346 -9.81 9.12 7.63
C MET C 346 -10.53 10.33 7.04
N VAL C 347 -10.29 11.51 7.60
CA VAL C 347 -10.92 12.74 7.10
C VAL C 347 -10.47 13.00 5.64
N LEU C 348 -9.22 12.72 5.35
CA LEU C 348 -8.69 12.92 4.00
C LEU C 348 -9.25 11.88 3.03
N LEU C 349 -9.28 10.63 3.48
CA LEU C 349 -9.78 9.53 2.66
C LEU C 349 -11.25 9.71 2.28
N ASN C 350 -12.04 10.29 3.19
CA ASN C 350 -13.48 10.49 2.96
C ASN C 350 -13.81 11.52 1.88
N LEU C 351 -12.83 12.34 1.49
CA LEU C 351 -13.06 13.35 0.46
C LEU C 351 -13.42 12.73 -0.89
N THR C 352 -13.13 11.44 -1.03
CA THR C 352 -13.39 10.68 -2.26
C THR C 352 -14.76 10.03 -2.34
N SER C 353 -15.51 10.04 -1.25
CA SER C 353 -16.80 9.36 -1.19
C SER C 353 -17.92 9.70 -2.16
N LYS C 354 -18.21 10.97 -2.36
CA LYS C 354 -19.30 11.38 -3.26
C LYS C 354 -18.82 12.17 -4.47
N ILE C 355 -19.42 11.90 -5.62
CA ILE C 355 -19.05 12.59 -6.85
C ILE C 355 -19.20 14.11 -6.71
N GLU C 356 -20.18 14.54 -5.91
CA GLU C 356 -20.40 15.98 -5.73
C GLU C 356 -19.17 16.62 -5.10
N TYR C 357 -18.40 15.83 -4.37
CA TYR C 357 -17.18 16.32 -3.74
C TYR C 357 -16.18 16.68 -4.85
N LEU C 358 -16.00 15.78 -5.80
CA LEU C 358 -15.07 16.03 -6.91
C LEU C 358 -15.52 17.20 -7.77
N LYS C 359 -16.81 17.25 -8.08
CA LYS C 359 -17.34 18.34 -8.90
C LYS C 359 -17.16 19.67 -8.21
N THR C 360 -17.41 19.72 -6.90
CA THR C 360 -17.25 20.97 -6.15
C THR C 360 -15.81 21.47 -6.21
N ILE C 361 -14.86 20.57 -6.00
CA ILE C 361 -13.44 20.92 -6.00
C ILE C 361 -12.87 21.21 -7.39
N TYR C 362 -13.33 20.49 -8.41
CA TYR C 362 -12.84 20.68 -9.78
C TYR C 362 -13.67 21.60 -10.67
N ASN C 363 -14.99 21.57 -10.51
CA ASN C 363 -15.88 22.37 -11.34
C ASN C 363 -16.39 23.66 -10.72
N GLU C 364 -16.50 23.70 -9.40
CA GLU C 364 -16.97 24.90 -8.73
C GLU C 364 -15.76 25.71 -8.29
N ASN C 365 -14.69 25.61 -9.08
CA ASN C 365 -13.46 26.32 -8.81
C ASN C 365 -12.52 26.22 -10.01
N MET D 1 1.55 -8.89 -7.56
CA MET D 1 0.62 -7.77 -7.26
C MET D 1 -0.52 -7.80 -8.27
N ASN D 2 -1.74 -8.06 -7.79
CA ASN D 2 -2.89 -8.14 -8.69
C ASN D 2 -3.81 -6.92 -8.60
N THR D 3 -3.31 -5.84 -8.01
CA THR D 3 -4.06 -4.60 -7.86
C THR D 3 -3.35 -3.42 -8.52
N LEU D 4 -4.10 -2.64 -9.30
CA LEU D 4 -3.55 -1.47 -9.97
C LEU D 4 -4.18 -0.23 -9.33
N GLY D 5 -3.37 0.74 -8.93
CA GLY D 5 -3.92 1.96 -8.36
C GLY D 5 -3.73 2.15 -6.87
N ARG D 6 -3.79 3.40 -6.44
CA ARG D 6 -3.61 3.76 -5.03
C ARG D 6 -4.97 3.90 -4.34
N PHE D 7 -5.86 4.70 -4.89
CA PHE D 7 -7.19 4.83 -4.31
C PHE D 7 -8.24 4.18 -5.20
N LEU D 8 -8.26 4.53 -6.48
CA LEU D 8 -9.19 3.88 -7.42
C LEU D 8 -8.38 2.63 -7.71
N ARG D 9 -8.71 1.54 -7.02
CA ARG D 9 -7.96 0.32 -7.15
C ARG D 9 -8.65 -0.81 -7.90
N LEU D 10 -7.99 -1.28 -8.96
CA LEU D 10 -8.50 -2.37 -9.78
C LEU D 10 -7.77 -3.64 -9.41
N THR D 11 -8.52 -4.64 -8.97
CA THR D 11 -7.93 -5.92 -8.60
C THR D 11 -8.52 -6.97 -9.54
N THR D 12 -7.66 -7.83 -10.07
CA THR D 12 -8.10 -8.86 -11.01
C THR D 12 -7.95 -10.28 -10.47
N PHE D 13 -8.77 -11.19 -10.99
CA PHE D 13 -8.72 -12.59 -10.58
C PHE D 13 -7.45 -13.23 -11.10
N GLY D 14 -6.72 -12.50 -11.95
CA GLY D 14 -5.48 -13.02 -12.49
C GLY D 14 -5.68 -13.97 -13.65
N GLU D 15 -4.58 -14.53 -14.14
CA GLU D 15 -4.64 -15.45 -15.26
C GLU D 15 -5.42 -16.72 -14.92
N SER D 16 -6.27 -17.13 -15.86
CA SER D 16 -7.08 -18.34 -15.70
C SER D 16 -7.39 -18.92 -17.07
N HIS D 17 -7.85 -20.16 -17.09
CA HIS D 17 -8.19 -20.84 -18.34
C HIS D 17 -9.65 -21.23 -18.37
N GLY D 18 -10.40 -20.73 -17.40
CA GLY D 18 -11.83 -21.03 -17.33
C GLY D 18 -12.63 -20.14 -18.26
N ASP D 19 -13.95 -20.28 -18.23
CA ASP D 19 -14.81 -19.48 -19.10
C ASP D 19 -15.24 -18.19 -18.41
N VAL D 20 -14.75 -17.97 -17.19
CA VAL D 20 -15.09 -16.77 -16.45
C VAL D 20 -13.88 -16.04 -15.91
N ILE D 21 -13.84 -14.74 -16.15
CA ILE D 21 -12.76 -13.88 -15.67
C ILE D 21 -13.45 -12.79 -14.85
N GLY D 22 -12.75 -12.23 -13.88
CA GLY D 22 -13.37 -11.21 -13.06
C GLY D 22 -12.41 -10.17 -12.54
N GLY D 23 -13.00 -9.11 -11.99
CA GLY D 23 -12.22 -8.03 -11.44
C GLY D 23 -13.12 -7.17 -10.60
N VAL D 24 -12.54 -6.29 -9.81
CA VAL D 24 -13.33 -5.41 -8.98
C VAL D 24 -12.65 -4.06 -8.91
N LEU D 25 -13.41 -3.01 -9.18
CA LEU D 25 -12.89 -1.66 -9.15
C LEU D 25 -13.42 -1.01 -7.89
N ASP D 26 -12.50 -0.72 -6.98
CA ASP D 26 -12.78 -0.11 -5.67
C ASP D 26 -12.39 1.38 -5.71
N GLY D 27 -13.12 2.23 -4.98
CA GLY D 27 -12.78 3.65 -4.96
C GLY D 27 -13.61 4.60 -5.81
N MET D 28 -14.58 4.09 -6.54
CA MET D 28 -15.43 4.93 -7.35
C MET D 28 -16.32 5.76 -6.44
N PRO D 29 -16.36 7.09 -6.63
CA PRO D 29 -17.22 7.91 -5.76
C PRO D 29 -18.66 7.49 -6.04
N SER D 30 -19.57 7.79 -5.11
CA SER D 30 -20.98 7.42 -5.30
C SER D 30 -21.68 8.48 -6.16
N GLY D 31 -22.79 8.09 -6.78
CA GLY D 31 -23.55 9.03 -7.57
C GLY D 31 -23.12 9.20 -9.02
N ILE D 32 -22.32 8.29 -9.54
CA ILE D 32 -21.90 8.37 -10.95
C ILE D 32 -22.84 7.50 -11.77
N LYS D 33 -23.47 8.08 -12.78
CA LYS D 33 -24.38 7.33 -13.62
C LYS D 33 -23.62 6.29 -14.43
N ILE D 34 -24.08 5.05 -14.37
CA ILE D 34 -23.42 3.99 -15.11
C ILE D 34 -23.83 4.07 -16.59
N ASP D 35 -22.84 4.34 -17.45
CA ASP D 35 -23.05 4.46 -18.88
C ASP D 35 -22.87 3.08 -19.52
N TYR D 36 -23.93 2.28 -19.53
CA TYR D 36 -23.85 0.93 -20.10
C TYR D 36 -23.47 0.94 -21.58
N ALA D 37 -23.91 1.96 -22.30
CA ALA D 37 -23.59 2.06 -23.72
C ALA D 37 -22.07 2.22 -23.87
N LEU D 38 -21.49 3.06 -23.01
CA LEU D 38 -20.05 3.28 -23.05
C LEU D 38 -19.34 1.95 -22.79
N LEU D 39 -19.71 1.30 -21.69
CA LEU D 39 -19.11 0.03 -21.30
C LEU D 39 -19.18 -0.98 -22.45
N GLU D 40 -20.35 -1.07 -23.07
CA GLU D 40 -20.55 -1.98 -24.18
C GLU D 40 -19.69 -1.63 -25.39
N ASN D 41 -19.61 -0.34 -25.74
CA ASN D 41 -18.81 0.06 -26.89
C ASN D 41 -17.32 -0.19 -26.63
N GLU D 42 -16.89 0.04 -25.38
CA GLU D 42 -15.50 -0.17 -25.02
C GLU D 42 -15.11 -1.63 -25.21
N MET D 43 -15.97 -2.54 -24.77
CA MET D 43 -15.70 -3.96 -24.92
C MET D 43 -15.65 -4.33 -26.39
N LYS D 44 -16.38 -3.58 -27.21
CA LYS D 44 -16.39 -3.82 -28.64
C LYS D 44 -15.03 -3.43 -29.24
N ARG D 45 -14.64 -2.19 -29.02
CA ARG D 45 -13.38 -1.67 -29.54
C ARG D 45 -12.14 -2.47 -29.22
N ARG D 46 -12.09 -3.08 -28.03
CA ARG D 46 -10.91 -3.84 -27.64
C ARG D 46 -10.61 -5.01 -28.56
N GLN D 47 -11.60 -5.42 -29.34
CA GLN D 47 -11.42 -6.55 -30.26
C GLN D 47 -10.96 -6.12 -31.65
N GLY D 48 -10.94 -4.82 -31.91
CA GLY D 48 -10.51 -4.33 -33.21
C GLY D 48 -11.50 -3.38 -33.86
N GLY D 49 -11.25 -3.02 -35.11
CA GLY D 49 -12.16 -2.11 -35.80
C GLY D 49 -12.59 -2.56 -37.18
N ARG D 50 -12.71 -3.86 -37.38
CA ARG D 50 -13.11 -4.43 -38.66
C ARG D 50 -14.38 -3.76 -39.19
N ASN D 51 -14.45 -3.60 -40.51
CA ASN D 51 -15.61 -2.98 -41.13
C ASN D 51 -16.83 -3.89 -41.10
N VAL D 52 -16.56 -5.20 -41.14
CA VAL D 52 -17.64 -6.19 -41.10
C VAL D 52 -17.64 -6.88 -39.74
N PHE D 53 -18.75 -6.76 -39.02
CA PHE D 53 -18.86 -7.36 -37.70
C PHE D 53 -20.27 -7.88 -37.43
N ILE D 54 -20.41 -8.63 -36.35
CA ILE D 54 -21.71 -9.19 -35.95
C ILE D 54 -22.21 -8.46 -34.71
N THR D 55 -23.51 -8.18 -34.69
CA THR D 55 -24.12 -7.48 -33.56
C THR D 55 -23.70 -8.09 -32.22
N PRO D 56 -23.52 -7.25 -31.19
CA PRO D 56 -23.12 -7.67 -29.85
C PRO D 56 -24.09 -8.68 -29.22
N ARG D 57 -24.09 -8.73 -27.89
CA ARG D 57 -24.96 -9.64 -27.16
C ARG D 57 -24.71 -11.08 -27.56
N LYS D 58 -23.58 -11.32 -28.23
CA LYS D 58 -23.23 -12.66 -28.67
C LYS D 58 -21.73 -12.79 -28.90
N GLU D 59 -21.29 -14.02 -29.23
CA GLU D 59 -19.89 -14.31 -29.49
C GLU D 59 -19.00 -14.14 -28.25
N ASP D 60 -18.84 -12.91 -27.79
CA ASP D 60 -18.00 -12.63 -26.63
C ASP D 60 -18.51 -11.43 -25.82
N ASP D 61 -17.59 -10.79 -25.10
CA ASP D 61 -17.90 -9.62 -24.29
C ASP D 61 -18.96 -9.86 -23.22
N LYS D 62 -19.79 -8.85 -22.99
CA LYS D 62 -20.87 -8.91 -22.00
C LYS D 62 -20.33 -8.87 -20.57
N VAL D 63 -20.38 -7.69 -19.96
CA VAL D 63 -19.90 -7.50 -18.60
C VAL D 63 -21.03 -7.59 -17.57
N GLU D 64 -20.90 -8.56 -16.67
CA GLU D 64 -21.90 -8.76 -15.62
C GLU D 64 -21.46 -8.03 -14.35
N ILE D 65 -22.12 -6.93 -14.05
CA ILE D 65 -21.82 -6.19 -12.82
C ILE D 65 -22.52 -6.85 -11.63
N THR D 66 -21.73 -7.27 -10.66
CA THR D 66 -22.27 -7.98 -9.51
C THR D 66 -22.47 -7.12 -8.27
N SER D 67 -21.84 -5.95 -8.23
CA SER D 67 -21.95 -5.08 -7.07
C SER D 67 -21.51 -3.66 -7.35
N GLY D 68 -21.72 -2.77 -6.39
CA GLY D 68 -21.31 -1.39 -6.53
C GLY D 68 -22.21 -0.49 -7.35
N VAL D 69 -23.35 -1.02 -7.80
CA VAL D 69 -24.29 -0.25 -8.59
C VAL D 69 -25.72 -0.44 -8.09
N PHE D 70 -26.48 0.64 -8.07
CA PHE D 70 -27.87 0.58 -7.63
C PHE D 70 -28.68 1.53 -8.50
N GLU D 71 -29.67 0.99 -9.19
CA GLU D 71 -30.52 1.78 -10.07
C GLU D 71 -29.67 2.61 -11.02
N ASP D 72 -28.67 1.95 -11.60
CA ASP D 72 -27.76 2.54 -12.58
C ASP D 72 -26.82 3.65 -12.07
N PHE D 73 -26.58 3.68 -10.77
CA PHE D 73 -25.67 4.68 -10.19
C PHE D 73 -24.65 3.96 -9.30
N SER D 74 -23.43 4.48 -9.26
CA SER D 74 -22.39 3.90 -8.42
C SER D 74 -22.84 4.11 -6.98
N THR D 75 -22.59 3.14 -6.11
CA THR D 75 -22.98 3.22 -4.72
C THR D 75 -21.85 3.74 -3.84
N GLY D 76 -20.63 3.67 -4.35
CA GLY D 76 -19.49 4.12 -3.57
C GLY D 76 -18.73 2.92 -3.03
N THR D 77 -19.33 1.73 -3.15
CA THR D 77 -18.70 0.50 -2.69
C THR D 77 -18.01 -0.15 -3.89
N PRO D 78 -17.24 -1.22 -3.67
CA PRO D 78 -16.55 -1.88 -4.77
C PRO D 78 -17.47 -2.33 -5.92
N ILE D 79 -17.04 -2.11 -7.16
CA ILE D 79 -17.83 -2.54 -8.30
C ILE D 79 -17.21 -3.82 -8.85
N GLY D 80 -17.80 -4.95 -8.49
CA GLY D 80 -17.28 -6.22 -8.95
C GLY D 80 -17.95 -6.57 -10.26
N PHE D 81 -17.20 -7.16 -11.18
CA PHE D 81 -17.77 -7.54 -12.46
C PHE D 81 -17.18 -8.85 -12.95
N LEU D 82 -17.96 -9.56 -13.76
CA LEU D 82 -17.54 -10.83 -14.31
C LEU D 82 -17.72 -10.82 -15.82
N ILE D 83 -16.82 -11.48 -16.53
CA ILE D 83 -16.89 -11.56 -17.98
C ILE D 83 -16.84 -13.03 -18.36
N HIS D 84 -17.81 -13.44 -19.17
CA HIS D 84 -17.92 -14.84 -19.60
C HIS D 84 -17.48 -15.00 -21.05
N ASN D 85 -17.20 -16.25 -21.44
CA ASN D 85 -16.77 -16.56 -22.80
C ASN D 85 -16.69 -18.07 -23.03
N GLN D 86 -16.29 -18.44 -24.25
CA GLN D 86 -16.16 -19.85 -24.63
C GLN D 86 -17.48 -20.60 -24.60
N ARG D 87 -17.63 -21.55 -25.52
CA ARG D 87 -18.87 -22.34 -25.62
C ARG D 87 -18.52 -23.80 -25.97
N ALA D 88 -19.02 -24.25 -27.12
CA ALA D 88 -18.79 -25.62 -27.57
C ALA D 88 -18.26 -25.65 -29.00
N ARG D 89 -17.31 -26.54 -29.25
CA ARG D 89 -16.72 -26.72 -30.59
C ARG D 89 -15.89 -25.50 -30.97
N SER D 90 -14.68 -25.77 -31.51
CA SER D 90 -13.77 -24.71 -31.94
C SER D 90 -12.97 -25.16 -33.15
N LYS D 91 -11.89 -24.42 -33.45
CA LYS D 91 -11.04 -24.74 -34.60
C LYS D 91 -10.03 -25.82 -34.21
N ASP D 92 -8.80 -25.41 -33.92
CA ASP D 92 -7.74 -26.36 -33.55
C ASP D 92 -6.55 -25.61 -32.93
N TYR D 93 -5.44 -25.61 -33.65
CA TYR D 93 -4.21 -24.93 -33.20
C TYR D 93 -3.76 -25.49 -31.86
N ASP D 94 -2.98 -26.57 -31.89
CA ASP D 94 -2.45 -27.20 -30.67
C ASP D 94 -1.57 -28.39 -31.04
N ASN D 95 -0.36 -28.39 -30.48
CA ASN D 95 0.59 -29.48 -30.74
C ASN D 95 1.78 -29.37 -29.78
N ILE D 96 1.94 -30.38 -28.94
CA ILE D 96 3.04 -30.40 -27.96
C ILE D 96 3.05 -29.09 -27.17
N LYS D 97 2.11 -28.97 -26.25
CA LYS D 97 1.98 -27.77 -25.42
C LYS D 97 2.74 -27.88 -24.10
N ASN D 98 4.02 -28.24 -24.18
CA ASN D 98 4.86 -28.38 -23.00
C ASN D 98 6.22 -27.72 -23.20
N LEU D 99 6.29 -26.75 -24.11
CA LEU D 99 7.54 -26.05 -24.38
C LEU D 99 7.40 -24.55 -24.15
N PHE D 100 8.52 -23.84 -24.21
CA PHE D 100 8.51 -22.40 -24.01
C PHE D 100 8.43 -21.70 -25.36
N ARG D 101 7.30 -21.04 -25.63
CA ARG D 101 7.15 -20.32 -26.89
C ARG D 101 8.02 -19.07 -26.80
N PRO D 102 8.89 -18.84 -27.80
CA PRO D 102 9.74 -17.65 -27.77
C PRO D 102 8.96 -16.34 -27.65
N SER D 103 9.50 -15.42 -26.85
CA SER D 103 8.87 -14.11 -26.65
C SER D 103 7.56 -14.14 -25.87
N HIS D 104 7.26 -15.29 -25.27
CA HIS D 104 6.07 -15.41 -24.43
C HIS D 104 6.54 -15.52 -22.99
N ALA D 105 5.62 -15.36 -22.06
CA ALA D 105 5.94 -15.43 -20.63
C ALA D 105 6.11 -16.85 -20.10
N ASP D 106 5.86 -17.86 -20.93
CA ASP D 106 6.00 -19.27 -20.51
C ASP D 106 7.22 -19.54 -19.64
N PHE D 107 8.39 -19.19 -20.16
CA PHE D 107 9.67 -19.42 -19.49
C PHE D 107 9.78 -18.82 -18.09
N THR D 108 9.41 -17.55 -17.95
CA THR D 108 9.52 -16.89 -16.65
C THR D 108 8.50 -17.39 -15.63
N TYR D 109 7.26 -17.62 -16.06
CA TYR D 109 6.24 -18.14 -15.15
C TYR D 109 6.69 -19.50 -14.63
N PHE D 110 7.26 -20.32 -15.50
CA PHE D 110 7.73 -21.64 -15.11
C PHE D 110 8.81 -21.54 -14.06
N HIS D 111 9.80 -20.68 -14.30
CA HIS D 111 10.88 -20.53 -13.34
C HIS D 111 10.46 -19.87 -12.04
N LYS D 112 9.55 -18.89 -12.11
CA LYS D 112 9.13 -18.20 -10.90
C LYS D 112 8.28 -19.08 -10.00
N TYR D 113 7.29 -19.74 -10.59
CA TYR D 113 6.36 -20.58 -9.83
C TYR D 113 6.52 -22.10 -9.99
N GLY D 114 7.31 -22.52 -10.97
CA GLY D 114 7.53 -23.95 -11.17
C GLY D 114 6.37 -24.79 -11.63
N ILE D 115 5.25 -24.16 -11.97
CA ILE D 115 4.09 -24.93 -12.41
C ILE D 115 3.77 -24.63 -13.87
N ARG D 116 3.62 -25.68 -14.66
CA ARG D 116 3.29 -25.55 -16.08
C ARG D 116 1.79 -25.35 -16.19
N ASP D 117 1.38 -24.31 -16.91
CA ASP D 117 -0.04 -24.04 -17.07
C ASP D 117 -0.35 -23.42 -18.42
N PHE D 118 0.65 -22.81 -19.05
CA PHE D 118 0.46 -22.18 -20.35
C PHE D 118 -0.32 -23.09 -21.29
N ARG D 119 -1.62 -22.86 -21.37
CA ARG D 119 -2.50 -23.66 -22.20
C ARG D 119 -2.86 -22.92 -23.49
N GLY D 120 -4.15 -22.89 -23.81
CA GLY D 120 -4.61 -22.21 -25.01
C GLY D 120 -5.31 -20.90 -24.72
N GLY D 121 -6.30 -20.57 -25.54
CA GLY D 121 -7.04 -19.33 -25.37
C GLY D 121 -6.14 -18.11 -25.47
N GLY D 122 -5.09 -18.23 -26.27
CA GLY D 122 -4.16 -17.13 -26.44
C GLY D 122 -3.35 -16.91 -25.18
N ARG D 123 -3.24 -17.97 -24.37
CA ARG D 123 -2.50 -17.95 -23.12
C ARG D 123 -3.23 -17.12 -22.06
N SER D 124 -3.68 -15.94 -22.47
CA SER D 124 -4.40 -15.01 -21.61
C SER D 124 -4.54 -13.69 -22.38
N SER D 125 -3.55 -12.82 -22.22
CA SER D 125 -3.53 -11.53 -22.90
C SER D 125 -4.91 -10.88 -22.95
N ALA D 126 -5.68 -11.20 -23.99
CA ALA D 126 -7.02 -10.68 -24.17
C ALA D 126 -7.84 -10.78 -22.89
N ARG D 127 -7.56 -11.80 -22.08
CA ARG D 127 -8.28 -11.99 -20.82
C ARG D 127 -8.12 -10.78 -19.92
N GLU D 128 -6.89 -10.50 -19.51
CA GLU D 128 -6.62 -9.35 -18.65
C GLU D 128 -7.06 -8.04 -19.27
N SER D 129 -6.82 -7.90 -20.57
CA SER D 129 -7.18 -6.69 -21.29
C SER D 129 -8.68 -6.42 -21.22
N ALA D 130 -9.48 -7.47 -21.12
CA ALA D 130 -10.93 -7.30 -21.05
C ALA D 130 -11.28 -6.71 -19.69
N ILE D 131 -10.54 -7.12 -18.67
CA ILE D 131 -10.74 -6.62 -17.32
C ILE D 131 -10.33 -5.15 -17.25
N ARG D 132 -9.21 -4.82 -17.88
CA ARG D 132 -8.72 -3.44 -17.89
C ARG D 132 -9.63 -2.51 -18.68
N VAL D 133 -10.08 -2.95 -19.85
CA VAL D 133 -10.97 -2.11 -20.66
C VAL D 133 -12.30 -1.90 -19.94
N ALA D 134 -12.82 -2.95 -19.31
CA ALA D 134 -14.08 -2.82 -18.58
C ALA D 134 -13.89 -1.78 -17.47
N ALA D 135 -12.87 -1.99 -16.64
CA ALA D 135 -12.58 -1.07 -15.54
C ALA D 135 -12.35 0.35 -16.09
N GLY D 136 -11.65 0.43 -17.21
CA GLY D 136 -11.40 1.73 -17.83
C GLY D 136 -12.68 2.47 -18.17
N ALA D 137 -13.73 1.73 -18.51
CA ALA D 137 -15.00 2.35 -18.85
C ALA D 137 -15.54 3.12 -17.65
N PHE D 138 -15.44 2.52 -16.46
CA PHE D 138 -15.92 3.18 -15.25
C PHE D 138 -15.04 4.38 -14.95
N ALA D 139 -13.74 4.25 -15.16
CA ALA D 139 -12.83 5.37 -14.93
C ALA D 139 -13.22 6.53 -15.85
N LYS D 140 -13.53 6.21 -17.10
CA LYS D 140 -13.93 7.24 -18.06
C LYS D 140 -15.21 7.95 -17.61
N MET D 141 -16.09 7.21 -16.95
CA MET D 141 -17.36 7.77 -16.45
C MET D 141 -17.04 8.81 -15.38
N LEU D 142 -16.11 8.46 -14.49
CA LEU D 142 -15.69 9.38 -13.43
C LEU D 142 -15.07 10.64 -14.07
N LEU D 143 -14.08 10.44 -14.93
CA LEU D 143 -13.40 11.55 -15.59
C LEU D 143 -14.33 12.50 -16.34
N ARG D 144 -15.33 11.95 -17.01
CA ARG D 144 -16.29 12.76 -17.76
C ARG D 144 -16.99 13.75 -16.82
N GLU D 145 -17.17 13.35 -15.57
CA GLU D 145 -17.85 14.20 -14.58
C GLU D 145 -17.13 15.54 -14.38
N ILE D 146 -15.82 15.56 -14.64
CA ILE D 146 -15.07 16.80 -14.49
C ILE D 146 -14.43 17.25 -15.81
N GLY D 147 -15.02 16.81 -16.92
CA GLY D 147 -14.56 17.23 -18.23
C GLY D 147 -13.27 16.65 -18.79
N ILE D 148 -12.92 15.43 -18.41
CA ILE D 148 -11.69 14.84 -18.94
C ILE D 148 -12.04 13.67 -19.86
N VAL D 149 -11.36 13.60 -20.99
CA VAL D 149 -11.57 12.51 -21.93
C VAL D 149 -10.22 11.91 -22.31
N CYS D 150 -10.22 10.61 -22.60
CA CYS D 150 -9.01 9.90 -23.00
C CYS D 150 -9.30 9.35 -24.39
N GLU D 151 -8.32 9.47 -25.28
CA GLU D 151 -8.44 9.00 -26.66
C GLU D 151 -7.16 8.34 -27.10
N SER D 152 -7.23 7.55 -28.17
CA SER D 152 -6.05 6.86 -28.66
C SER D 152 -6.16 6.50 -30.14
N GLY D 153 -5.03 6.08 -30.71
CA GLY D 153 -4.97 5.69 -32.09
C GLY D 153 -3.59 5.13 -32.44
N ILE D 154 -3.46 4.57 -33.62
CA ILE D 154 -2.21 3.99 -34.08
C ILE D 154 -1.49 5.03 -34.95
N ILE D 155 -0.21 5.28 -34.64
CA ILE D 155 0.56 6.25 -35.42
C ILE D 155 1.63 5.55 -36.25
N GLU D 156 1.90 4.28 -35.95
CA GLU D 156 2.88 3.51 -36.71
C GLU D 156 2.56 2.03 -36.70
N ILE D 157 2.74 1.40 -37.86
CA ILE D 157 2.54 -0.04 -38.03
C ILE D 157 3.66 -0.52 -38.94
N GLY D 158 4.48 -1.43 -38.44
CA GLY D 158 5.56 -1.96 -39.25
C GLY D 158 6.47 -0.88 -39.83
N GLY D 159 6.67 0.20 -39.09
CA GLY D 159 7.55 1.26 -39.56
C GLY D 159 6.88 2.33 -40.40
N ILE D 160 5.62 2.12 -40.76
CA ILE D 160 4.87 3.08 -41.57
C ILE D 160 4.27 4.12 -40.62
N LYS D 161 4.82 5.33 -40.65
CA LYS D 161 4.42 6.41 -39.75
C LYS D 161 3.31 7.33 -40.24
N ALA D 162 2.49 7.79 -39.30
CA ALA D 162 1.41 8.71 -39.59
C ALA D 162 2.02 10.11 -39.54
N LYS D 163 1.49 11.03 -40.34
CA LYS D 163 2.02 12.40 -40.37
C LYS D 163 1.06 13.35 -39.66
N ASN D 164 -0.24 13.12 -39.83
CA ASN D 164 -1.26 13.93 -39.19
C ASN D 164 -2.12 13.01 -38.33
N TYR D 165 -2.69 13.55 -37.26
CA TYR D 165 -3.51 12.74 -36.36
C TYR D 165 -4.97 13.18 -36.29
N ASP D 166 -5.86 12.27 -36.67
CA ASP D 166 -7.29 12.53 -36.64
C ASP D 166 -7.93 11.45 -35.76
N PHE D 167 -8.16 11.76 -34.48
CA PHE D 167 -8.72 10.77 -33.58
C PHE D 167 -10.14 10.35 -33.94
N ASN D 168 -10.91 11.23 -34.58
CA ASN D 168 -12.27 10.89 -34.95
C ASN D 168 -12.19 9.81 -36.02
N HIS D 169 -11.23 9.98 -36.92
CA HIS D 169 -11.02 9.02 -37.99
C HIS D 169 -10.51 7.69 -37.45
N ALA D 170 -9.67 7.75 -36.41
CA ALA D 170 -9.14 6.54 -35.81
C ALA D 170 -10.27 5.65 -35.31
N LEU D 171 -11.29 6.27 -34.74
CA LEU D 171 -12.44 5.52 -34.22
C LEU D 171 -13.13 4.63 -35.25
N LYS D 172 -13.20 5.08 -36.50
CA LYS D 172 -13.88 4.30 -37.53
C LYS D 172 -12.94 3.47 -38.40
N SER D 173 -11.63 3.59 -38.16
CA SER D 173 -10.64 2.84 -38.93
C SER D 173 -10.50 1.40 -38.44
N GLU D 174 -10.38 0.48 -39.39
CA GLU D 174 -10.23 -0.93 -39.10
C GLU D 174 -9.02 -1.19 -38.21
N ILE D 175 -7.96 -0.42 -38.42
CA ILE D 175 -6.75 -0.58 -37.63
C ILE D 175 -6.49 0.64 -36.75
N PHE D 176 -7.56 1.38 -36.43
CA PHE D 176 -7.47 2.56 -35.59
C PHE D 176 -6.39 3.55 -36.06
N ALA D 177 -6.26 3.69 -37.37
CA ALA D 177 -5.25 4.60 -37.93
C ALA D 177 -5.61 6.07 -37.75
N LEU D 178 -4.65 6.85 -37.26
CA LEU D 178 -4.86 8.27 -37.02
C LEU D 178 -4.63 9.14 -38.26
N ASP D 179 -3.94 8.58 -39.25
CA ASP D 179 -3.66 9.29 -40.50
C ASP D 179 -4.24 8.50 -41.66
N GLU D 180 -5.38 8.93 -42.19
CA GLU D 180 -6.00 8.22 -43.30
C GLU D 180 -5.15 8.13 -44.55
N GLU D 181 -4.23 9.07 -44.74
CA GLU D 181 -3.38 9.05 -45.91
C GLU D 181 -2.29 7.97 -45.87
N GLN D 182 -2.09 7.38 -44.69
CA GLN D 182 -1.08 6.32 -44.52
C GLN D 182 -1.72 4.99 -44.16
N GLU D 183 -3.01 5.02 -43.86
CA GLU D 183 -3.76 3.84 -43.47
C GLU D 183 -3.63 2.65 -44.43
N GLU D 184 -3.80 2.90 -45.73
CA GLU D 184 -3.69 1.83 -46.71
C GLU D 184 -2.33 1.16 -46.68
N ALA D 185 -1.27 1.96 -46.54
CA ALA D 185 0.07 1.43 -46.49
C ALA D 185 0.27 0.63 -45.20
N GLN D 186 -0.36 1.09 -44.13
CA GLN D 186 -0.25 0.42 -42.85
C GLN D 186 -0.99 -0.92 -42.91
N LYS D 187 -2.12 -0.94 -43.63
CA LYS D 187 -2.88 -2.18 -43.78
C LYS D 187 -2.08 -3.16 -44.61
N THR D 188 -1.34 -2.65 -45.60
CA THR D 188 -0.52 -3.49 -46.46
C THR D 188 0.55 -4.19 -45.63
N ALA D 189 1.13 -3.46 -44.69
CA ALA D 189 2.17 -4.02 -43.84
C ALA D 189 1.59 -5.23 -43.11
N ILE D 190 0.39 -5.06 -42.58
CA ILE D 190 -0.29 -6.15 -41.87
C ILE D 190 -0.56 -7.30 -42.84
N GLN D 191 -1.06 -6.97 -44.03
CA GLN D 191 -1.36 -7.98 -45.04
C GLN D 191 -0.12 -8.80 -45.35
N ASN D 192 1.01 -8.12 -45.55
CA ASN D 192 2.26 -8.80 -45.85
C ASN D 192 2.68 -9.71 -44.69
N ALA D 193 2.37 -9.27 -43.47
CA ALA D 193 2.70 -10.04 -42.28
C ALA D 193 1.91 -11.35 -42.31
N ILE D 194 0.60 -11.24 -42.45
CA ILE D 194 -0.27 -12.40 -42.49
C ILE D 194 0.21 -13.37 -43.57
N LYS D 195 0.44 -12.84 -44.77
CA LYS D 195 0.90 -13.64 -45.90
C LYS D 195 2.17 -14.43 -45.61
N ASN D 196 3.08 -13.79 -44.87
CA ASN D 196 4.35 -14.42 -44.53
C ASN D 196 4.34 -15.20 -43.22
N HIS D 197 3.16 -15.32 -42.62
CA HIS D 197 3.03 -16.04 -41.36
C HIS D 197 3.96 -15.40 -40.34
N ASP D 198 4.00 -14.08 -40.33
CA ASP D 198 4.85 -13.33 -39.42
C ASP D 198 4.00 -12.29 -38.71
N SER D 199 4.67 -11.44 -37.93
CA SER D 199 3.98 -10.38 -37.21
C SER D 199 4.81 -9.10 -37.29
N ILE D 200 4.20 -7.97 -36.99
CA ILE D 200 4.91 -6.70 -37.03
C ILE D 200 4.61 -5.86 -35.80
N GLY D 201 5.53 -4.95 -35.47
CA GLY D 201 5.34 -4.08 -34.33
C GLY D 201 4.54 -2.84 -34.69
N GLY D 202 4.36 -1.96 -33.71
CA GLY D 202 3.60 -0.75 -33.95
C GLY D 202 3.68 0.23 -32.79
N VAL D 203 3.18 1.44 -33.00
CA VAL D 203 3.20 2.45 -31.97
C VAL D 203 1.83 3.09 -31.81
N ALA D 204 1.37 3.12 -30.57
CA ALA D 204 0.08 3.70 -30.23
C ALA D 204 0.30 5.08 -29.62
N LEU D 205 -0.59 6.01 -29.95
CA LEU D 205 -0.54 7.35 -29.39
C LEU D 205 -1.78 7.46 -28.52
N ILE D 206 -1.59 7.84 -27.26
CA ILE D 206 -2.73 7.98 -26.35
C ILE D 206 -2.70 9.41 -25.83
N ARG D 207 -3.88 10.01 -25.72
CA ARG D 207 -3.97 11.38 -25.27
C ARG D 207 -5.14 11.63 -24.32
N ALA D 208 -4.93 12.56 -23.39
CA ALA D 208 -5.97 12.96 -22.47
C ALA D 208 -6.11 14.46 -22.70
N ARG D 209 -7.35 14.95 -22.73
CA ARG D 209 -7.59 16.36 -22.93
C ARG D 209 -8.87 16.78 -22.22
N SER D 210 -9.04 18.08 -22.04
CA SER D 210 -10.22 18.60 -21.36
C SER D 210 -11.30 19.02 -22.35
N ILE D 211 -12.54 18.80 -21.94
CA ILE D 211 -13.69 19.18 -22.75
C ILE D 211 -14.32 20.37 -22.05
N LYS D 212 -13.70 20.80 -20.95
CA LYS D 212 -14.16 21.95 -20.20
C LYS D 212 -14.00 23.15 -21.11
N THR D 213 -14.74 24.22 -20.83
CA THR D 213 -14.69 25.42 -21.65
C THR D 213 -13.35 26.15 -21.65
N ASN D 214 -12.51 25.88 -20.67
CA ASN D 214 -11.19 26.51 -20.62
C ASN D 214 -10.20 25.70 -21.45
N GLN D 215 -10.64 24.52 -21.90
CA GLN D 215 -9.82 23.63 -22.72
C GLN D 215 -8.57 23.16 -21.99
N LYS D 216 -8.55 23.29 -20.67
CA LYS D 216 -7.40 22.88 -19.89
C LYS D 216 -7.69 21.79 -18.87
N LEU D 217 -6.78 20.83 -18.76
CA LEU D 217 -6.94 19.76 -17.79
C LEU D 217 -6.61 20.32 -16.42
N PRO D 218 -7.01 19.63 -15.35
CA PRO D 218 -6.70 20.15 -14.02
C PRO D 218 -5.17 20.26 -13.93
N ILE D 219 -4.69 21.28 -13.23
CA ILE D 219 -3.25 21.45 -13.09
C ILE D 219 -2.81 20.95 -11.72
N GLY D 220 -1.85 20.02 -11.69
CA GLY D 220 -1.37 19.51 -10.43
C GLY D 220 -1.62 18.03 -10.17
N LEU D 221 -2.23 17.34 -11.12
CA LEU D 221 -2.46 15.90 -10.97
C LEU D 221 -1.09 15.21 -10.94
N GLY D 222 -0.92 14.26 -10.03
CA GLY D 222 0.37 13.58 -9.87
C GLY D 222 0.68 13.73 -8.39
N GLN D 223 1.25 12.72 -7.75
CA GLN D 223 1.51 12.79 -6.31
C GLN D 223 2.93 12.65 -5.77
N GLY D 224 3.36 13.68 -5.03
CA GLY D 224 4.68 13.67 -4.41
C GLY D 224 5.77 13.26 -5.37
N LEU D 225 6.92 12.90 -4.82
CA LEU D 225 8.07 12.49 -5.62
C LEU D 225 7.99 11.08 -6.18
N TYR D 226 7.36 10.16 -5.45
CA TYR D 226 7.30 8.78 -5.92
C TYR D 226 6.02 8.25 -6.53
N ALA D 227 5.05 9.14 -6.77
CA ALA D 227 3.81 8.76 -7.44
C ALA D 227 3.49 9.84 -8.48
N LYS D 228 4.52 10.30 -9.18
CA LYS D 228 4.35 11.31 -10.22
C LYS D 228 3.43 10.79 -11.31
N LEU D 229 2.76 11.70 -12.02
CA LEU D 229 1.84 11.33 -13.08
C LEU D 229 2.53 10.61 -14.24
N ASP D 230 3.68 11.12 -14.69
CA ASP D 230 4.35 10.45 -15.79
C ASP D 230 4.91 9.10 -15.34
N ALA D 231 5.33 9.02 -14.09
CA ALA D 231 5.86 7.77 -13.55
C ALA D 231 4.78 6.68 -13.55
N LYS D 232 3.57 7.05 -13.12
CA LYS D 232 2.47 6.08 -13.05
C LYS D 232 1.92 5.71 -14.43
N ILE D 233 2.00 6.64 -15.37
CA ILE D 233 1.56 6.34 -16.72
C ILE D 233 2.57 5.32 -17.28
N ALA D 234 3.85 5.59 -17.07
CA ALA D 234 4.90 4.68 -17.54
C ALA D 234 4.76 3.29 -16.92
N GLU D 235 4.43 3.25 -15.64
CA GLU D 235 4.27 1.99 -14.94
C GLU D 235 3.15 1.17 -15.57
N ALA D 236 2.01 1.81 -15.76
CA ALA D 236 0.84 1.15 -16.33
C ALA D 236 1.09 0.67 -17.75
N MET D 237 1.59 1.55 -18.61
CA MET D 237 1.86 1.20 -20.01
C MET D 237 2.93 0.13 -20.19
N MET D 238 4.08 0.30 -19.54
CA MET D 238 5.16 -0.68 -19.68
C MET D 238 4.75 -2.03 -19.13
N GLY D 239 3.80 -2.03 -18.19
CA GLY D 239 3.34 -3.28 -17.60
C GLY D 239 2.43 -4.05 -18.55
N LEU D 240 2.07 -3.44 -19.67
CA LEU D 240 1.21 -4.08 -20.64
C LEU D 240 2.01 -5.04 -21.51
N ASN D 241 1.53 -6.26 -21.63
CA ASN D 241 2.19 -7.28 -22.45
C ASN D 241 2.53 -6.74 -23.84
N GLY D 242 3.79 -6.89 -24.24
CA GLY D 242 4.20 -6.42 -25.56
C GLY D 242 4.85 -5.05 -25.62
N VAL D 243 4.72 -4.26 -24.56
CA VAL D 243 5.29 -2.93 -24.56
C VAL D 243 6.78 -2.94 -24.16
N LYS D 244 7.62 -2.30 -24.97
CA LYS D 244 9.06 -2.22 -24.71
C LYS D 244 9.55 -0.80 -24.49
N ALA D 245 8.70 0.20 -24.74
CA ALA D 245 9.07 1.59 -24.56
C ALA D 245 7.86 2.49 -24.37
N VAL D 246 8.02 3.53 -23.56
CA VAL D 246 6.96 4.49 -23.27
C VAL D 246 7.56 5.89 -23.35
N GLU D 247 6.85 6.79 -24.03
CA GLU D 247 7.29 8.17 -24.19
C GLU D 247 6.24 9.16 -23.71
N ILE D 248 6.70 10.24 -23.10
CA ILE D 248 5.80 11.30 -22.67
C ILE D 248 6.20 12.52 -23.51
N GLY D 249 5.21 13.15 -24.14
CA GLY D 249 5.49 14.31 -24.95
C GLY D 249 6.53 14.11 -26.05
N LYS D 250 7.53 14.99 -26.10
CA LYS D 250 8.58 14.92 -27.11
C LYS D 250 9.33 13.59 -27.04
N GLY D 251 9.21 12.91 -25.89
CA GLY D 251 9.83 11.61 -25.69
C GLY D 251 11.28 11.40 -26.05
N VAL D 252 11.56 10.38 -26.87
CA VAL D 252 12.93 10.08 -27.27
C VAL D 252 13.55 11.20 -28.09
N GLU D 253 12.72 12.02 -28.74
CA GLU D 253 13.28 13.11 -29.52
C GLU D 253 13.79 14.21 -28.60
N SER D 254 13.33 14.22 -27.34
CA SER D 254 13.75 15.22 -26.36
C SER D 254 15.27 15.23 -26.13
N SER D 255 15.88 14.05 -26.18
CA SER D 255 17.32 13.94 -25.94
C SER D 255 18.22 14.47 -27.05
N LEU D 256 17.65 14.76 -28.21
CA LEU D 256 18.42 15.28 -29.34
C LEU D 256 18.35 16.81 -29.37
N LEU D 257 17.49 17.39 -28.54
CA LEU D 257 17.31 18.84 -28.53
C LEU D 257 18.10 19.63 -27.51
N LYS D 258 18.25 20.92 -27.80
CA LYS D 258 18.96 21.85 -26.94
C LYS D 258 17.89 22.48 -26.05
N GLY D 259 18.30 23.04 -24.92
CA GLY D 259 17.35 23.65 -24.02
C GLY D 259 16.49 24.70 -24.70
N SER D 260 17.13 25.53 -25.52
CA SER D 260 16.43 26.60 -26.26
C SER D 260 15.37 26.04 -27.21
N GLU D 261 15.61 24.86 -27.75
CA GLU D 261 14.68 24.23 -28.68
C GLU D 261 13.55 23.50 -27.95
N TYR D 262 13.85 22.97 -26.77
CA TYR D 262 12.87 22.19 -26.02
C TYR D 262 11.93 22.93 -25.08
N ASN D 263 12.47 23.76 -24.20
CA ASN D 263 11.66 24.47 -23.22
C ASN D 263 10.35 25.05 -23.75
N ASP D 264 9.27 24.77 -23.03
CA ASP D 264 7.95 25.28 -23.39
C ASP D 264 7.77 26.65 -22.74
N LEU D 265 7.72 27.69 -23.58
CA LEU D 265 7.55 29.05 -23.11
C LEU D 265 6.09 29.33 -22.78
N MET D 266 5.83 30.47 -22.15
CA MET D 266 4.46 30.86 -21.81
C MET D 266 4.23 32.35 -22.09
N ASP D 267 2.97 32.70 -22.27
CA ASP D 267 2.57 34.09 -22.48
C ASP D 267 1.21 34.24 -21.80
N GLN D 268 0.59 35.41 -21.91
CA GLN D 268 -0.70 35.66 -21.28
C GLN D 268 -1.71 34.53 -21.44
N LYS D 269 -1.72 33.91 -22.62
CA LYS D 269 -2.68 32.83 -22.90
C LYS D 269 -2.25 31.44 -22.46
N GLY D 270 -1.10 31.33 -21.81
CA GLY D 270 -0.63 30.03 -21.36
C GLY D 270 0.58 29.51 -22.12
N PHE D 271 0.80 28.20 -22.08
CA PHE D 271 1.95 27.60 -22.76
C PHE D 271 1.91 27.81 -24.27
N LEU D 272 3.07 28.10 -24.83
CA LEU D 272 3.22 28.34 -26.26
C LEU D 272 3.50 27.04 -27.01
N SER D 273 3.88 25.99 -26.28
CA SER D 273 4.16 24.70 -26.88
C SER D 273 4.00 23.59 -25.84
N ASN D 274 4.02 22.35 -26.29
CA ASN D 274 3.82 21.23 -25.36
C ASN D 274 4.79 20.07 -25.53
N ARG D 275 6.08 20.34 -25.56
CA ARG D 275 7.06 19.26 -25.67
C ARG D 275 7.02 18.42 -24.40
N SER D 276 6.61 19.04 -23.29
CA SER D 276 6.50 18.33 -22.00
C SER D 276 5.46 17.22 -22.06
N GLY D 277 4.56 17.28 -23.03
CA GLY D 277 3.53 16.26 -23.16
C GLY D 277 2.49 16.35 -22.06
N GLY D 278 2.30 17.57 -21.54
CA GLY D 278 1.30 17.80 -20.51
C GLY D 278 1.68 17.42 -19.08
N VAL D 279 2.92 17.01 -18.87
CA VAL D 279 3.38 16.64 -17.54
C VAL D 279 4.66 17.40 -17.25
N LEU D 280 4.63 18.19 -16.17
CA LEU D 280 5.78 19.02 -15.81
C LEU D 280 6.12 18.87 -14.33
N GLY D 281 7.34 18.46 -14.05
CA GLY D 281 7.74 18.26 -12.67
C GLY D 281 7.01 17.08 -12.06
N GLY D 282 6.44 16.24 -12.92
CA GLY D 282 5.71 15.08 -12.46
C GLY D 282 4.23 15.31 -12.24
N MET D 283 3.76 16.50 -12.62
CA MET D 283 2.35 16.85 -12.45
C MET D 283 1.78 17.40 -13.75
N SER D 284 0.46 17.26 -13.93
CA SER D 284 -0.19 17.78 -15.14
C SER D 284 -0.04 19.29 -15.16
N ASN D 285 0.31 19.86 -16.31
CA ASN D 285 0.46 21.31 -16.40
C ASN D 285 -0.75 21.96 -17.06
N GLY D 286 -1.78 21.16 -17.37
CA GLY D 286 -2.97 21.70 -17.99
C GLY D 286 -3.11 21.39 -19.46
N GLU D 287 -1.98 21.23 -20.15
CA GLU D 287 -1.98 20.94 -21.57
C GLU D 287 -2.36 19.48 -21.79
N GLU D 288 -2.56 19.08 -23.04
CA GLU D 288 -2.93 17.70 -23.33
C GLU D 288 -1.82 16.77 -22.91
N ILE D 289 -2.20 15.64 -22.33
CA ILE D 289 -1.24 14.63 -21.92
C ILE D 289 -1.01 13.76 -23.15
N ILE D 290 0.26 13.65 -23.57
CA ILE D 290 0.65 12.89 -24.76
C ILE D 290 1.54 11.71 -24.41
N VAL D 291 1.11 10.51 -24.81
CA VAL D 291 1.86 9.29 -24.52
C VAL D 291 2.03 8.44 -25.77
N ARG D 292 3.24 7.94 -25.99
CA ARG D 292 3.48 7.05 -27.13
C ARG D 292 3.95 5.71 -26.55
N VAL D 293 3.32 4.64 -27.02
CA VAL D 293 3.62 3.29 -26.53
C VAL D 293 4.11 2.42 -27.66
N HIS D 294 5.30 1.85 -27.49
CA HIS D 294 5.90 0.99 -28.51
C HIS D 294 5.71 -0.48 -28.21
N PHE D 295 5.09 -1.19 -29.15
CA PHE D 295 4.83 -2.61 -29.03
C PHE D 295 5.76 -3.43 -29.89
N LYS D 296 6.23 -4.54 -29.34
CA LYS D 296 7.07 -5.45 -30.11
C LYS D 296 6.08 -6.19 -31.01
N PRO D 297 6.57 -6.86 -32.05
CA PRO D 297 5.66 -7.62 -32.94
C PRO D 297 5.04 -8.78 -32.16
N THR D 298 3.85 -9.21 -32.58
CA THR D 298 3.17 -10.32 -31.91
C THR D 298 4.10 -11.51 -31.74
N PRO D 299 4.18 -12.06 -30.51
CA PRO D 299 5.06 -13.22 -30.25
C PRO D 299 4.71 -14.47 -31.06
N SER D 300 3.44 -14.84 -31.10
CA SER D 300 3.04 -16.04 -31.83
C SER D 300 3.02 -15.86 -33.34
N ILE D 301 3.87 -16.64 -34.01
CA ILE D 301 3.94 -16.63 -35.47
C ILE D 301 3.97 -18.07 -35.97
N PHE D 302 3.33 -18.32 -37.11
CA PHE D 302 3.26 -19.65 -37.70
C PHE D 302 4.56 -19.97 -38.44
N GLN D 303 5.65 -20.05 -37.69
CA GLN D 303 6.96 -20.35 -38.24
C GLN D 303 7.77 -21.21 -37.28
N PRO D 304 8.71 -22.01 -37.80
CA PRO D 304 9.52 -22.87 -36.94
C PRO D 304 10.48 -22.06 -36.08
N GLN D 305 10.48 -22.30 -34.78
CA GLN D 305 11.37 -21.57 -33.87
C GLN D 305 12.07 -22.53 -32.93
N ARG D 306 13.39 -22.41 -32.82
CA ARG D 306 14.15 -23.27 -31.93
C ARG D 306 13.97 -22.78 -30.50
N THR D 307 13.71 -23.73 -29.60
CA THR D 307 13.52 -23.42 -28.19
C THR D 307 13.74 -24.71 -27.41
N ILE D 308 13.26 -24.77 -26.18
CA ILE D 308 13.41 -25.97 -25.36
C ILE D 308 12.09 -26.24 -24.65
N ASP D 309 11.94 -27.46 -24.11
CA ASP D 309 10.73 -27.77 -23.38
C ASP D 309 11.00 -27.52 -21.90
N ILE D 310 9.98 -27.69 -21.06
CA ILE D 310 10.13 -27.45 -19.63
C ILE D 310 11.25 -28.22 -18.94
N ASN D 311 11.75 -29.26 -19.59
CA ASN D 311 12.80 -30.08 -18.99
C ASN D 311 14.20 -29.73 -19.49
N GLY D 312 14.28 -28.91 -20.53
CA GLY D 312 15.59 -28.54 -21.06
C GLY D 312 15.94 -29.21 -22.38
N ASN D 313 15.05 -30.05 -22.89
CA ASN D 313 15.31 -30.70 -24.16
C ASN D 313 14.98 -29.73 -25.29
N GLU D 314 15.95 -29.51 -26.17
CA GLU D 314 15.76 -28.61 -27.29
C GLU D 314 14.74 -29.19 -28.26
N CYS D 315 13.87 -28.32 -28.78
CA CYS D 315 12.84 -28.76 -29.71
C CYS D 315 12.35 -27.62 -30.59
N GLU D 316 11.40 -27.92 -31.47
CA GLU D 316 10.87 -26.92 -32.38
C GLU D 316 9.49 -26.44 -31.98
N CYS D 317 9.31 -25.13 -31.92
CA CYS D 317 8.02 -24.54 -31.60
C CYS D 317 7.41 -24.12 -32.94
N LEU D 318 6.28 -24.70 -33.29
CA LEU D 318 5.60 -24.37 -34.54
C LEU D 318 4.14 -24.14 -34.17
N LEU D 319 3.77 -22.87 -34.03
CA LEU D 319 2.42 -22.49 -33.66
C LEU D 319 1.52 -22.36 -34.89
N LYS D 320 0.75 -23.42 -35.14
CA LYS D 320 -0.16 -23.47 -36.28
C LYS D 320 -1.36 -22.53 -36.19
N GLY D 321 -1.94 -22.22 -37.34
CA GLY D 321 -3.10 -21.36 -37.38
C GLY D 321 -2.76 -19.90 -37.59
N ARG D 322 -3.78 -19.05 -37.53
CA ARG D 322 -3.58 -17.62 -37.70
C ARG D 322 -3.34 -17.01 -36.32
N HIS D 323 -2.65 -15.87 -36.30
CA HIS D 323 -2.35 -15.17 -35.07
C HIS D 323 -2.54 -13.68 -35.31
N ASP D 324 -2.72 -12.91 -34.24
CA ASP D 324 -2.87 -11.46 -34.40
C ASP D 324 -1.57 -10.99 -35.05
N PRO D 325 -1.64 -10.40 -36.25
CA PRO D 325 -0.41 -9.95 -36.90
C PRO D 325 0.23 -8.70 -36.29
N CYS D 326 -0.52 -8.00 -35.45
CA CYS D 326 0.00 -6.78 -34.84
C CYS D 326 -0.76 -6.42 -33.56
N ILE D 327 -0.26 -6.91 -32.43
CA ILE D 327 -0.88 -6.67 -31.14
C ILE D 327 -0.97 -5.20 -30.75
N ALA D 328 -0.25 -4.34 -31.47
CA ALA D 328 -0.28 -2.90 -31.17
C ALA D 328 -1.68 -2.31 -31.39
N ILE D 329 -2.41 -2.86 -32.35
CA ILE D 329 -3.75 -2.36 -32.65
C ILE D 329 -4.72 -2.51 -31.50
N ARG D 330 -4.88 -3.73 -31.00
CA ARG D 330 -5.78 -3.94 -29.87
C ARG D 330 -5.13 -3.32 -28.64
N GLY D 331 -3.80 -3.32 -28.61
CA GLY D 331 -3.07 -2.74 -27.49
C GLY D 331 -3.39 -1.28 -27.24
N SER D 332 -3.58 -0.52 -28.33
CA SER D 332 -3.87 0.91 -28.21
C SER D 332 -5.09 1.20 -27.35
N VAL D 333 -6.13 0.39 -27.48
CA VAL D 333 -7.35 0.58 -26.71
C VAL D 333 -7.13 0.33 -25.22
N VAL D 334 -6.35 -0.69 -24.91
CA VAL D 334 -6.04 -1.03 -23.52
C VAL D 334 -5.22 0.12 -22.90
N CYS D 335 -4.32 0.69 -23.70
CA CYS D 335 -3.49 1.81 -23.24
C CYS D 335 -4.37 2.98 -22.87
N GLU D 336 -5.41 3.20 -23.68
CA GLU D 336 -6.37 4.27 -23.46
C GLU D 336 -7.10 4.01 -22.15
N SER D 337 -7.48 2.75 -21.92
CA SER D 337 -8.17 2.36 -20.70
C SER D 337 -7.28 2.56 -19.48
N LEU D 338 -6.00 2.22 -19.61
CA LEU D 338 -5.05 2.35 -18.52
C LEU D 338 -4.77 3.82 -18.19
N LEU D 339 -4.72 4.68 -19.20
CA LEU D 339 -4.50 6.10 -18.94
C LEU D 339 -5.68 6.66 -18.16
N ALA D 340 -6.88 6.19 -18.48
CA ALA D 340 -8.09 6.65 -17.80
C ALA D 340 -8.05 6.22 -16.33
N LEU D 341 -7.62 4.98 -16.09
CA LEU D 341 -7.54 4.47 -14.73
C LEU D 341 -6.52 5.26 -13.92
N VAL D 342 -5.36 5.53 -14.52
CA VAL D 342 -4.33 6.28 -13.83
C VAL D 342 -4.76 7.72 -13.55
N LEU D 343 -5.33 8.38 -14.56
CA LEU D 343 -5.77 9.76 -14.38
C LEU D 343 -6.88 9.88 -13.34
N ALA D 344 -7.84 8.95 -13.37
CA ALA D 344 -8.95 8.97 -12.43
C ALA D 344 -8.44 8.80 -10.99
N ASP D 345 -7.46 7.92 -10.83
CA ASP D 345 -6.86 7.66 -9.53
C ASP D 345 -6.23 8.99 -9.06
N MET D 346 -5.47 9.64 -9.94
CA MET D 346 -4.80 10.91 -9.62
C MET D 346 -5.77 12.03 -9.28
N VAL D 347 -6.92 12.02 -9.93
CA VAL D 347 -7.96 13.02 -9.71
C VAL D 347 -8.47 12.90 -8.27
N LEU D 348 -8.58 11.66 -7.80
CA LEU D 348 -9.05 11.40 -6.45
C LEU D 348 -7.99 11.75 -5.40
N LEU D 349 -6.74 11.35 -5.66
CA LEU D 349 -5.63 11.60 -4.75
C LEU D 349 -5.36 13.09 -4.55
N ASN D 350 -5.58 13.88 -5.60
CA ASN D 350 -5.34 15.31 -5.56
C ASN D 350 -6.35 16.08 -4.69
N LEU D 351 -7.42 15.42 -4.28
CA LEU D 351 -8.44 16.07 -3.43
C LEU D 351 -7.89 16.51 -2.06
N THR D 352 -6.77 15.93 -1.64
CA THR D 352 -6.16 16.24 -0.34
C THR D 352 -5.10 17.34 -0.40
N SER D 353 -4.87 17.89 -1.58
CA SER D 353 -3.80 18.88 -1.75
C SER D 353 -3.85 20.19 -0.97
N LYS D 354 -5.02 20.83 -0.93
CA LYS D 354 -5.17 22.11 -0.24
C LYS D 354 -6.19 22.05 0.89
N ILE D 355 -5.88 22.72 2.00
CA ILE D 355 -6.77 22.73 3.16
C ILE D 355 -8.12 23.33 2.78
N GLU D 356 -8.12 24.23 1.80
CA GLU D 356 -9.37 24.84 1.38
C GLU D 356 -10.34 23.80 0.83
N TYR D 357 -9.79 22.71 0.30
CA TYR D 357 -10.64 21.64 -0.24
C TYR D 357 -11.38 20.98 0.93
N LEU D 358 -10.66 20.67 2.00
CA LEU D 358 -11.28 20.05 3.17
C LEU D 358 -12.36 20.96 3.76
N LYS D 359 -12.03 22.24 3.92
CA LYS D 359 -12.97 23.21 4.47
C LYS D 359 -14.26 23.29 3.67
N THR D 360 -14.14 23.30 2.35
CA THR D 360 -15.32 23.38 1.49
C THR D 360 -16.24 22.17 1.62
N ILE D 361 -15.65 20.99 1.80
CA ILE D 361 -16.49 19.79 1.92
C ILE D 361 -17.03 19.54 3.32
N TYR D 362 -16.26 19.88 4.35
CA TYR D 362 -16.68 19.65 5.73
C TYR D 362 -17.32 20.82 6.48
N ASN D 363 -16.92 22.05 6.16
CA ASN D 363 -17.47 23.21 6.86
C ASN D 363 -18.61 23.87 6.09
N GLU D 364 -18.54 23.82 4.77
CA GLU D 364 -19.58 24.40 3.94
C GLU D 364 -20.60 23.30 3.65
N ASN D 365 -20.75 22.40 4.61
CA ASN D 365 -21.67 21.27 4.52
C ASN D 365 -22.63 21.27 5.70
#